data_5S9C
# 
_entry.id   5S9C 
# 
_audit_conform.dict_name       mmcif_pdbx.dic 
_audit_conform.dict_version    5.387 
_audit_conform.dict_location   http://mmcif.pdb.org/dictionaries/ascii/mmcif_pdbx.dic 
# 
loop_
_database_2.database_id 
_database_2.database_code 
_database_2.pdbx_database_accession 
_database_2.pdbx_DOI 
PDB   5S9C         pdb_00005s9c 10.2210/pdb5s9c/pdb 
WWPDB D_1001404221 ?            ?                   
# 
loop_
_pdbx_audit_revision_history.ordinal 
_pdbx_audit_revision_history.data_content_type 
_pdbx_audit_revision_history.major_revision 
_pdbx_audit_revision_history.minor_revision 
_pdbx_audit_revision_history.revision_date 
1 'Structure model' 1 0 2021-02-17 
2 'Structure model' 1 1 2024-03-06 
# 
_pdbx_audit_revision_details.ordinal             1 
_pdbx_audit_revision_details.revision_ordinal    1 
_pdbx_audit_revision_details.data_content_type   'Structure model' 
_pdbx_audit_revision_details.provider            repository 
_pdbx_audit_revision_details.type                'Initial release' 
_pdbx_audit_revision_details.description         ? 
_pdbx_audit_revision_details.details             ? 
# 
loop_
_pdbx_audit_revision_group.ordinal 
_pdbx_audit_revision_group.revision_ordinal 
_pdbx_audit_revision_group.data_content_type 
_pdbx_audit_revision_group.group 
1 2 'Structure model' 'Data collection'     
2 2 'Structure model' 'Database references' 
# 
loop_
_pdbx_audit_revision_category.ordinal 
_pdbx_audit_revision_category.revision_ordinal 
_pdbx_audit_revision_category.data_content_type 
_pdbx_audit_revision_category.category 
1 2 'Structure model' chem_comp_atom 
2 2 'Structure model' chem_comp_bond 
3 2 'Structure model' database_2     
# 
loop_
_pdbx_audit_revision_item.ordinal 
_pdbx_audit_revision_item.revision_ordinal 
_pdbx_audit_revision_item.data_content_type 
_pdbx_audit_revision_item.item 
1 2 'Structure model' '_database_2.pdbx_DOI'                
2 2 'Structure model' '_database_2.pdbx_database_accession' 
# 
_pdbx_database_status.entry_id                        5S9C 
_pdbx_database_status.status_code                     REL 
_pdbx_database_status.status_code_sf                  REL 
_pdbx_database_status.status_code_mr                  ? 
_pdbx_database_status.status_code_cs                  ? 
_pdbx_database_status.recvd_initial_deposition_date   2021-01-22 
_pdbx_database_status.status_code_nmr_data            ? 
_pdbx_database_status.deposit_site                    RCSB 
_pdbx_database_status.process_site                    RCSB 
_pdbx_database_status.SG_entry                        ? 
_pdbx_database_status.pdb_format_compatible           Y 
_pdbx_database_status.methods_development_category    ? 
# 
loop_
_audit_author.name 
_audit_author.pdbx_ordinal 
_audit_author.identifier_ORCID 
'Grosjean, H.'     1  ? 
'Aimon, A.'        2  ? 
'Hassel-Hart , S.' 3  ? 
'Krojer, T.'       4  ? 
'Talon, R.'        5  ? 
'Douangamath, A.'  6  ? 
'Koekemoer, L.'    7  ? 
'Biggin, P.C.'     8  ? 
'Spencer, J.'      9  ? 
'von Delft, F.'    10 ? 
# 
_citation.id                        primary 
_citation.title                     
;Crystal Structures of the second bromodomain of Pleckstrin homology domain interacting protein (PHIP) in space group C2 soaked with crude reaction mixtures
;
_citation.journal_abbrev            'To Be Published' 
_citation.journal_volume            ? 
_citation.page_first                ? 
_citation.page_last                 ? 
_citation.year                      ? 
_citation.journal_id_ASTM           ? 
_citation.country                   ? 
_citation.journal_id_ISSN           ? 
_citation.journal_id_CSD            0353 
_citation.book_publisher            ? 
_citation.pdbx_database_id_PubMed   ? 
_citation.pdbx_database_id_DOI      ? 
# 
loop_
_citation_author.citation_id 
_citation_author.name 
_citation_author.identifier_ORCID 
_citation_author.ordinal 
primary 'Grosjean, H.'    ? 1  
primary 'Aimon, A.'       ? 2  
primary 'Hart , S.'       ? 3  
primary 'Krojer, T.'      ? 4  
primary 'Talon, R.'       ? 5  
primary 'Douangamath, A.' ? 6  
primary 'Koekemoer, L.'   ? 7  
primary 'Biggin, P.C.'    ? 8  
primary 'Spencer, J.'     ? 9  
primary 'von Delft, F.'   ? 10 
# 
loop_
_entity.id 
_entity.type 
_entity.src_method 
_entity.pdbx_description 
_entity.formula_weight 
_entity.pdbx_number_of_molecules 
_entity.pdbx_ec 
_entity.pdbx_mutation 
_entity.pdbx_fragment 
_entity.details 
1 polymer     man 'PH-interacting protein'                                                 17627.859 1   ? ? ? ? 
2 non-polymer syn 'N-(cyclopropylmethyl)-4-(thiophene-2-carbonyl)piperazine-1-carboxamide' 293.385   1   ? ? ? ? 
3 water       nat water                                                                    18.015    194 ? ? ? ? 
# 
_entity_name_com.entity_id   1 
_entity_name_com.name        
'PHIP,DDB1- and CUL4-associated factor 14,IRS-1 PH domain-binding protein,WD repeat-containing protein 11' 
# 
_entity_poly.entity_id                      1 
_entity_poly.type                           'polypeptide(L)' 
_entity_poly.nstd_linkage                   no 
_entity_poly.nstd_monomer                   no 
_entity_poly.pdbx_seq_one_letter_code       
;MHHHHHHSSGVDLGTENLYFQSMSYDIQAWKKQCEELLNLIFQCEDSEPFRQPVDLLEYPDYRDIIDTPMDFATVRETLE
AGNYESPMELCKDVRLIFSNSKAYTPSKRSRIYSMSLRLSAFFEEHISSVLSDYKSALRFHKRNTITKR
;
_entity_poly.pdbx_seq_one_letter_code_can   
;MHHHHHHSSGVDLGTENLYFQSMSYDIQAWKKQCEELLNLIFQCEDSEPFRQPVDLLEYPDYRDIIDTPMDFATVRETLE
AGNYESPMELCKDVRLIFSNSKAYTPSKRSRIYSMSLRLSAFFEEHISSVLSDYKSALRFHKRNTITKR
;
_entity_poly.pdbx_strand_id                 A 
_entity_poly.pdbx_target_identifier         ? 
# 
loop_
_pdbx_entity_nonpoly.entity_id 
_pdbx_entity_nonpoly.name 
_pdbx_entity_nonpoly.comp_id 
2 'N-(cyclopropylmethyl)-4-(thiophene-2-carbonyl)piperazine-1-carboxamide' Y0D 
3 water                                                                    HOH 
# 
loop_
_entity_poly_seq.entity_id 
_entity_poly_seq.num 
_entity_poly_seq.mon_id 
_entity_poly_seq.hetero 
1 1   MET n 
1 2   HIS n 
1 3   HIS n 
1 4   HIS n 
1 5   HIS n 
1 6   HIS n 
1 7   HIS n 
1 8   SER n 
1 9   SER n 
1 10  GLY n 
1 11  VAL n 
1 12  ASP n 
1 13  LEU n 
1 14  GLY n 
1 15  THR n 
1 16  GLU n 
1 17  ASN n 
1 18  LEU n 
1 19  TYR n 
1 20  PHE n 
1 21  GLN n 
1 22  SER n 
1 23  MET n 
1 24  SER n 
1 25  TYR n 
1 26  ASP n 
1 27  ILE n 
1 28  GLN n 
1 29  ALA n 
1 30  TRP n 
1 31  LYS n 
1 32  LYS n 
1 33  GLN n 
1 34  CYS n 
1 35  GLU n 
1 36  GLU n 
1 37  LEU n 
1 38  LEU n 
1 39  ASN n 
1 40  LEU n 
1 41  ILE n 
1 42  PHE n 
1 43  GLN n 
1 44  CYS n 
1 45  GLU n 
1 46  ASP n 
1 47  SER n 
1 48  GLU n 
1 49  PRO n 
1 50  PHE n 
1 51  ARG n 
1 52  GLN n 
1 53  PRO n 
1 54  VAL n 
1 55  ASP n 
1 56  LEU n 
1 57  LEU n 
1 58  GLU n 
1 59  TYR n 
1 60  PRO n 
1 61  ASP n 
1 62  TYR n 
1 63  ARG n 
1 64  ASP n 
1 65  ILE n 
1 66  ILE n 
1 67  ASP n 
1 68  THR n 
1 69  PRO n 
1 70  MET n 
1 71  ASP n 
1 72  PHE n 
1 73  ALA n 
1 74  THR n 
1 75  VAL n 
1 76  ARG n 
1 77  GLU n 
1 78  THR n 
1 79  LEU n 
1 80  GLU n 
1 81  ALA n 
1 82  GLY n 
1 83  ASN n 
1 84  TYR n 
1 85  GLU n 
1 86  SER n 
1 87  PRO n 
1 88  MET n 
1 89  GLU n 
1 90  LEU n 
1 91  CYS n 
1 92  LYS n 
1 93  ASP n 
1 94  VAL n 
1 95  ARG n 
1 96  LEU n 
1 97  ILE n 
1 98  PHE n 
1 99  SER n 
1 100 ASN n 
1 101 SER n 
1 102 LYS n 
1 103 ALA n 
1 104 TYR n 
1 105 THR n 
1 106 PRO n 
1 107 SER n 
1 108 LYS n 
1 109 ARG n 
1 110 SER n 
1 111 ARG n 
1 112 ILE n 
1 113 TYR n 
1 114 SER n 
1 115 MET n 
1 116 SER n 
1 117 LEU n 
1 118 ARG n 
1 119 LEU n 
1 120 SER n 
1 121 ALA n 
1 122 PHE n 
1 123 PHE n 
1 124 GLU n 
1 125 GLU n 
1 126 HIS n 
1 127 ILE n 
1 128 SER n 
1 129 SER n 
1 130 VAL n 
1 131 LEU n 
1 132 SER n 
1 133 ASP n 
1 134 TYR n 
1 135 LYS n 
1 136 SER n 
1 137 ALA n 
1 138 LEU n 
1 139 ARG n 
1 140 PHE n 
1 141 HIS n 
1 142 LYS n 
1 143 ARG n 
1 144 ASN n 
1 145 THR n 
1 146 ILE n 
1 147 THR n 
1 148 LYS n 
1 149 ARG n 
# 
_entity_src_gen.entity_id                          1 
_entity_src_gen.pdbx_src_id                        1 
_entity_src_gen.pdbx_alt_source_flag               sample 
_entity_src_gen.pdbx_seq_type                      'Biological sequence' 
_entity_src_gen.pdbx_beg_seq_num                   1 
_entity_src_gen.pdbx_end_seq_num                   149 
_entity_src_gen.gene_src_common_name               Human 
_entity_src_gen.gene_src_genus                     ? 
_entity_src_gen.pdbx_gene_src_gene                 'PHIP, DCAF14, WDR11' 
_entity_src_gen.gene_src_species                   ? 
_entity_src_gen.gene_src_strain                    ? 
_entity_src_gen.gene_src_tissue                    ? 
_entity_src_gen.gene_src_tissue_fraction           ? 
_entity_src_gen.gene_src_details                   ? 
_entity_src_gen.pdbx_gene_src_fragment             ? 
_entity_src_gen.pdbx_gene_src_scientific_name      'Homo sapiens' 
_entity_src_gen.pdbx_gene_src_ncbi_taxonomy_id     9606 
_entity_src_gen.pdbx_gene_src_variant              ? 
_entity_src_gen.pdbx_gene_src_cell_line            ? 
_entity_src_gen.pdbx_gene_src_atcc                 ? 
_entity_src_gen.pdbx_gene_src_organ                ? 
_entity_src_gen.pdbx_gene_src_organelle            ? 
_entity_src_gen.pdbx_gene_src_cell                 ? 
_entity_src_gen.pdbx_gene_src_cellular_location    ? 
_entity_src_gen.host_org_common_name               ? 
_entity_src_gen.pdbx_host_org_scientific_name      'Escherichia coli' 
_entity_src_gen.pdbx_host_org_ncbi_taxonomy_id     562 
_entity_src_gen.host_org_genus                     ? 
_entity_src_gen.pdbx_host_org_gene                 ? 
_entity_src_gen.pdbx_host_org_organ                ? 
_entity_src_gen.host_org_species                   ? 
_entity_src_gen.pdbx_host_org_tissue               ? 
_entity_src_gen.pdbx_host_org_tissue_fraction      ? 
_entity_src_gen.pdbx_host_org_strain               ? 
_entity_src_gen.pdbx_host_org_variant              ? 
_entity_src_gen.pdbx_host_org_cell_line            ? 
_entity_src_gen.pdbx_host_org_atcc                 ? 
_entity_src_gen.pdbx_host_org_culture_collection   ? 
_entity_src_gen.pdbx_host_org_cell                 ? 
_entity_src_gen.pdbx_host_org_organelle            ? 
_entity_src_gen.pdbx_host_org_cellular_location    ? 
_entity_src_gen.pdbx_host_org_vector_type          ? 
_entity_src_gen.pdbx_host_org_vector               ? 
_entity_src_gen.host_org_details                   ? 
_entity_src_gen.expression_system_id               ? 
_entity_src_gen.plasmid_name                       ? 
_entity_src_gen.plasmid_details                    ? 
_entity_src_gen.pdbx_description                   ? 
# 
loop_
_chem_comp.id 
_chem_comp.type 
_chem_comp.mon_nstd_flag 
_chem_comp.name 
_chem_comp.pdbx_synonyms 
_chem_comp.formula 
_chem_comp.formula_weight 
ALA 'L-peptide linking' y ALANINE                                                                  ? 'C3 H7 N O2'      89.093  
ARG 'L-peptide linking' y ARGININE                                                                 ? 'C6 H15 N4 O2 1'  175.209 
ASN 'L-peptide linking' y ASPARAGINE                                                               ? 'C4 H8 N2 O3'     132.118 
ASP 'L-peptide linking' y 'ASPARTIC ACID'                                                          ? 'C4 H7 N O4'      133.103 
CYS 'L-peptide linking' y CYSTEINE                                                                 ? 'C3 H7 N O2 S'    121.158 
GLN 'L-peptide linking' y GLUTAMINE                                                                ? 'C5 H10 N2 O3'    146.144 
GLU 'L-peptide linking' y 'GLUTAMIC ACID'                                                          ? 'C5 H9 N O4'      147.129 
GLY 'peptide linking'   y GLYCINE                                                                  ? 'C2 H5 N O2'      75.067  
HIS 'L-peptide linking' y HISTIDINE                                                                ? 'C6 H10 N3 O2 1'  156.162 
HOH non-polymer         . WATER                                                                    ? 'H2 O'            18.015  
ILE 'L-peptide linking' y ISOLEUCINE                                                               ? 'C6 H13 N O2'     131.173 
LEU 'L-peptide linking' y LEUCINE                                                                  ? 'C6 H13 N O2'     131.173 
LYS 'L-peptide linking' y LYSINE                                                                   ? 'C6 H15 N2 O2 1'  147.195 
MET 'L-peptide linking' y METHIONINE                                                               ? 'C5 H11 N O2 S'   149.211 
PHE 'L-peptide linking' y PHENYLALANINE                                                            ? 'C9 H11 N O2'     165.189 
PRO 'L-peptide linking' y PROLINE                                                                  ? 'C5 H9 N O2'      115.130 
SER 'L-peptide linking' y SERINE                                                                   ? 'C3 H7 N O3'      105.093 
THR 'L-peptide linking' y THREONINE                                                                ? 'C4 H9 N O3'      119.119 
TRP 'L-peptide linking' y TRYPTOPHAN                                                               ? 'C11 H12 N2 O2'   204.225 
TYR 'L-peptide linking' y TYROSINE                                                                 ? 'C9 H11 N O3'     181.189 
VAL 'L-peptide linking' y VALINE                                                                   ? 'C5 H11 N O2'     117.146 
Y0D non-polymer         . 'N-(cyclopropylmethyl)-4-(thiophene-2-carbonyl)piperazine-1-carboxamide' ? 'C14 H19 N3 O2 S' 293.385 
# 
loop_
_pdbx_poly_seq_scheme.asym_id 
_pdbx_poly_seq_scheme.entity_id 
_pdbx_poly_seq_scheme.seq_id 
_pdbx_poly_seq_scheme.mon_id 
_pdbx_poly_seq_scheme.ndb_seq_num 
_pdbx_poly_seq_scheme.pdb_seq_num 
_pdbx_poly_seq_scheme.auth_seq_num 
_pdbx_poly_seq_scheme.pdb_mon_id 
_pdbx_poly_seq_scheme.auth_mon_id 
_pdbx_poly_seq_scheme.pdb_strand_id 
_pdbx_poly_seq_scheme.pdb_ins_code 
_pdbx_poly_seq_scheme.hetero 
A 1 1   MET 1   1292 ?    ?   ?   A . n 
A 1 2   HIS 2   1293 ?    ?   ?   A . n 
A 1 3   HIS 3   1294 ?    ?   ?   A . n 
A 1 4   HIS 4   1295 ?    ?   ?   A . n 
A 1 5   HIS 5   1296 ?    ?   ?   A . n 
A 1 6   HIS 6   1297 ?    ?   ?   A . n 
A 1 7   HIS 7   1298 ?    ?   ?   A . n 
A 1 8   SER 8   1299 ?    ?   ?   A . n 
A 1 9   SER 9   1300 ?    ?   ?   A . n 
A 1 10  GLY 10  1301 ?    ?   ?   A . n 
A 1 11  VAL 11  1302 ?    ?   ?   A . n 
A 1 12  ASP 12  1303 ?    ?   ?   A . n 
A 1 13  LEU 13  1304 ?    ?   ?   A . n 
A 1 14  GLY 14  1305 ?    ?   ?   A . n 
A 1 15  THR 15  1306 ?    ?   ?   A . n 
A 1 16  GLU 16  1307 ?    ?   ?   A . n 
A 1 17  ASN 17  1308 ?    ?   ?   A . n 
A 1 18  LEU 18  1309 ?    ?   ?   A . n 
A 1 19  TYR 19  1310 ?    ?   ?   A . n 
A 1 20  PHE 20  1311 ?    ?   ?   A . n 
A 1 21  GLN 21  1312 ?    ?   ?   A . n 
A 1 22  SER 22  1313 ?    ?   ?   A . n 
A 1 23  MET 23  1314 ?    ?   ?   A . n 
A 1 24  SER 24  1315 ?    ?   ?   A . n 
A 1 25  TYR 25  1316 1316 TYR TYR A . n 
A 1 26  ASP 26  1317 1317 ASP ASP A . n 
A 1 27  ILE 27  1318 1318 ILE ILE A . n 
A 1 28  GLN 28  1319 1319 GLN GLN A . n 
A 1 29  ALA 29  1320 1320 ALA ALA A . n 
A 1 30  TRP 30  1321 1321 TRP TRP A . n 
A 1 31  LYS 31  1322 1322 LYS LYS A . n 
A 1 32  LYS 32  1323 1323 LYS LYS A . n 
A 1 33  GLN 33  1324 1324 GLN GLN A . n 
A 1 34  CYS 34  1325 1325 CYS CYS A . n 
A 1 35  GLU 35  1326 1326 GLU GLU A . n 
A 1 36  GLU 36  1327 1327 GLU GLU A . n 
A 1 37  LEU 37  1328 1328 LEU LEU A . n 
A 1 38  LEU 38  1329 1329 LEU LEU A . n 
A 1 39  ASN 39  1330 1330 ASN ASN A . n 
A 1 40  LEU 40  1331 1331 LEU LEU A . n 
A 1 41  ILE 41  1332 1332 ILE ILE A . n 
A 1 42  PHE 42  1333 1333 PHE PHE A . n 
A 1 43  GLN 43  1334 1334 GLN GLN A . n 
A 1 44  CYS 44  1335 1335 CYS CYS A . n 
A 1 45  GLU 45  1336 1336 GLU GLU A . n 
A 1 46  ASP 46  1337 1337 ASP ASP A . n 
A 1 47  SER 47  1338 1338 SER SER A . n 
A 1 48  GLU 48  1339 1339 GLU GLU A . n 
A 1 49  PRO 49  1340 1340 PRO PRO A . n 
A 1 50  PHE 50  1341 1341 PHE PHE A . n 
A 1 51  ARG 51  1342 1342 ARG ARG A . n 
A 1 52  GLN 52  1343 1343 GLN GLN A . n 
A 1 53  PRO 53  1344 1344 PRO PRO A . n 
A 1 54  VAL 54  1345 1345 VAL VAL A . n 
A 1 55  ASP 55  1346 1346 ASP ASP A . n 
A 1 56  LEU 56  1347 1347 LEU LEU A . n 
A 1 57  LEU 57  1348 1348 LEU LEU A . n 
A 1 58  GLU 58  1349 1349 GLU GLU A . n 
A 1 59  TYR 59  1350 1350 TYR TYR A . n 
A 1 60  PRO 60  1351 1351 PRO PRO A . n 
A 1 61  ASP 61  1352 1352 ASP ASP A . n 
A 1 62  TYR 62  1353 1353 TYR TYR A . n 
A 1 63  ARG 63  1354 1354 ARG ARG A . n 
A 1 64  ASP 64  1355 1355 ASP ASP A . n 
A 1 65  ILE 65  1356 1356 ILE ILE A . n 
A 1 66  ILE 66  1357 1357 ILE ILE A . n 
A 1 67  ASP 67  1358 1358 ASP ASP A . n 
A 1 68  THR 68  1359 1359 THR THR A . n 
A 1 69  PRO 69  1360 1360 PRO PRO A . n 
A 1 70  MET 70  1361 1361 MET MET A . n 
A 1 71  ASP 71  1362 1362 ASP ASP A . n 
A 1 72  PHE 72  1363 1363 PHE PHE A . n 
A 1 73  ALA 73  1364 1364 ALA ALA A . n 
A 1 74  THR 74  1365 1365 THR THR A . n 
A 1 75  VAL 75  1366 1366 VAL VAL A . n 
A 1 76  ARG 76  1367 1367 ARG ARG A . n 
A 1 77  GLU 77  1368 1368 GLU GLU A . n 
A 1 78  THR 78  1369 1369 THR THR A . n 
A 1 79  LEU 79  1370 1370 LEU LEU A . n 
A 1 80  GLU 80  1371 1371 GLU GLU A . n 
A 1 81  ALA 81  1372 1372 ALA ALA A . n 
A 1 82  GLY 82  1373 1373 GLY GLY A . n 
A 1 83  ASN 83  1374 1374 ASN ASN A . n 
A 1 84  TYR 84  1375 1375 TYR TYR A . n 
A 1 85  GLU 85  1376 1376 GLU GLU A . n 
A 1 86  SER 86  1377 1377 SER SER A . n 
A 1 87  PRO 87  1378 1378 PRO PRO A . n 
A 1 88  MET 88  1379 1379 MET MET A . n 
A 1 89  GLU 89  1380 1380 GLU GLU A . n 
A 1 90  LEU 90  1381 1381 LEU LEU A . n 
A 1 91  CYS 91  1382 1382 CYS CYS A . n 
A 1 92  LYS 92  1383 1383 LYS LYS A . n 
A 1 93  ASP 93  1384 1384 ASP ASP A . n 
A 1 94  VAL 94  1385 1385 VAL VAL A . n 
A 1 95  ARG 95  1386 1386 ARG ARG A . n 
A 1 96  LEU 96  1387 1387 LEU LEU A . n 
A 1 97  ILE 97  1388 1388 ILE ILE A . n 
A 1 98  PHE 98  1389 1389 PHE PHE A . n 
A 1 99  SER 99  1390 1390 SER SER A . n 
A 1 100 ASN 100 1391 1391 ASN ASN A . n 
A 1 101 SER 101 1392 1392 SER SER A . n 
A 1 102 LYS 102 1393 1393 LYS LYS A . n 
A 1 103 ALA 103 1394 1394 ALA ALA A . n 
A 1 104 TYR 104 1395 1395 TYR TYR A . n 
A 1 105 THR 105 1396 1396 THR THR A . n 
A 1 106 PRO 106 1397 1397 PRO PRO A . n 
A 1 107 SER 107 1398 1398 SER SER A . n 
A 1 108 LYS 108 1399 1399 LYS LYS A . n 
A 1 109 ARG 109 1400 1400 ARG ARG A . n 
A 1 110 SER 110 1401 1401 SER SER A . n 
A 1 111 ARG 111 1402 1402 ARG ARG A . n 
A 1 112 ILE 112 1403 1403 ILE ILE A . n 
A 1 113 TYR 113 1404 1404 TYR TYR A . n 
A 1 114 SER 114 1405 1405 SER SER A . n 
A 1 115 MET 115 1406 1406 MET MET A . n 
A 1 116 SER 116 1407 1407 SER SER A . n 
A 1 117 LEU 117 1408 1408 LEU LEU A . n 
A 1 118 ARG 118 1409 1409 ARG ARG A . n 
A 1 119 LEU 119 1410 1410 LEU LEU A . n 
A 1 120 SER 120 1411 1411 SER SER A . n 
A 1 121 ALA 121 1412 1412 ALA ALA A . n 
A 1 122 PHE 122 1413 1413 PHE PHE A . n 
A 1 123 PHE 123 1414 1414 PHE PHE A . n 
A 1 124 GLU 124 1415 1415 GLU GLU A . n 
A 1 125 GLU 125 1416 1416 GLU GLU A . n 
A 1 126 HIS 126 1417 1417 HIS HIS A . n 
A 1 127 ILE 127 1418 1418 ILE ILE A . n 
A 1 128 SER 128 1419 1419 SER SER A . n 
A 1 129 SER 129 1420 1420 SER SER A . n 
A 1 130 VAL 130 1421 1421 VAL VAL A . n 
A 1 131 LEU 131 1422 1422 LEU LEU A . n 
A 1 132 SER 132 1423 1423 SER SER A . n 
A 1 133 ASP 133 1424 1424 ASP ASP A . n 
A 1 134 TYR 134 1425 1425 TYR TYR A . n 
A 1 135 LYS 135 1426 1426 LYS LYS A . n 
A 1 136 SER 136 1427 1427 SER SER A . n 
A 1 137 ALA 137 1428 1428 ALA ALA A . n 
A 1 138 LEU 138 1429 1429 LEU LEU A . n 
A 1 139 ARG 139 1430 1430 ARG ARG A . n 
A 1 140 PHE 140 1431 1431 PHE PHE A . n 
A 1 141 HIS 141 1432 1432 HIS HIS A . n 
A 1 142 LYS 142 1433 1433 LYS LYS A . n 
A 1 143 ARG 143 1434 1434 ARG ARG A . n 
A 1 144 ASN 144 1435 ?    ?   ?   A . n 
A 1 145 THR 145 1436 ?    ?   ?   A . n 
A 1 146 ILE 146 1437 ?    ?   ?   A . n 
A 1 147 THR 147 1438 ?    ?   ?   A . n 
A 1 148 LYS 148 1439 ?    ?   ?   A . n 
A 1 149 ARG 149 1440 ?    ?   ?   A . n 
# 
loop_
_pdbx_nonpoly_scheme.asym_id 
_pdbx_nonpoly_scheme.entity_id 
_pdbx_nonpoly_scheme.mon_id 
_pdbx_nonpoly_scheme.ndb_seq_num 
_pdbx_nonpoly_scheme.pdb_seq_num 
_pdbx_nonpoly_scheme.auth_seq_num 
_pdbx_nonpoly_scheme.pdb_mon_id 
_pdbx_nonpoly_scheme.auth_mon_id 
_pdbx_nonpoly_scheme.pdb_strand_id 
_pdbx_nonpoly_scheme.pdb_ins_code 
B 2 Y0D 1   1501 1501 Y0D LIG A . 
C 3 HOH 1   1601 128  HOH HOH A . 
C 3 HOH 2   1602 195  HOH HOH A . 
C 3 HOH 3   1603 151  HOH HOH A . 
C 3 HOH 4   1604 167  HOH HOH A . 
C 3 HOH 5   1605 93   HOH HOH A . 
C 3 HOH 6   1606 42   HOH HOH A . 
C 3 HOH 7   1607 140  HOH HOH A . 
C 3 HOH 8   1608 98   HOH HOH A . 
C 3 HOH 9   1609 197  HOH HOH A . 
C 3 HOH 10  1610 174  HOH HOH A . 
C 3 HOH 11  1611 85   HOH HOH A . 
C 3 HOH 12  1612 89   HOH HOH A . 
C 3 HOH 13  1613 55   HOH HOH A . 
C 3 HOH 14  1614 100  HOH HOH A . 
C 3 HOH 15  1615 20   HOH HOH A . 
C 3 HOH 16  1616 172  HOH HOH A . 
C 3 HOH 17  1617 179  HOH HOH A . 
C 3 HOH 18  1618 7    HOH HOH A . 
C 3 HOH 19  1619 124  HOH HOH A . 
C 3 HOH 20  1620 99   HOH HOH A . 
C 3 HOH 21  1621 121  HOH HOH A . 
C 3 HOH 22  1622 65   HOH HOH A . 
C 3 HOH 23  1623 187  HOH HOH A . 
C 3 HOH 24  1624 183  HOH HOH A . 
C 3 HOH 25  1625 70   HOH HOH A . 
C 3 HOH 26  1626 94   HOH HOH A . 
C 3 HOH 27  1627 160  HOH HOH A . 
C 3 HOH 28  1628 118  HOH HOH A . 
C 3 HOH 29  1629 152  HOH HOH A . 
C 3 HOH 30  1630 92   HOH HOH A . 
C 3 HOH 31  1631 25   HOH HOH A . 
C 3 HOH 32  1632 33   HOH HOH A . 
C 3 HOH 33  1633 123  HOH HOH A . 
C 3 HOH 34  1634 10   HOH HOH A . 
C 3 HOH 35  1635 76   HOH HOH A . 
C 3 HOH 36  1636 171  HOH HOH A . 
C 3 HOH 37  1637 21   HOH HOH A . 
C 3 HOH 38  1638 144  HOH HOH A . 
C 3 HOH 39  1639 163  HOH HOH A . 
C 3 HOH 40  1640 50   HOH HOH A . 
C 3 HOH 41  1641 31   HOH HOH A . 
C 3 HOH 42  1642 14   HOH HOH A . 
C 3 HOH 43  1643 141  HOH HOH A . 
C 3 HOH 44  1644 83   HOH HOH A . 
C 3 HOH 45  1645 41   HOH HOH A . 
C 3 HOH 46  1646 35   HOH HOH A . 
C 3 HOH 47  1647 162  HOH HOH A . 
C 3 HOH 48  1648 180  HOH HOH A . 
C 3 HOH 49  1649 139  HOH HOH A . 
C 3 HOH 50  1650 182  HOH HOH A . 
C 3 HOH 51  1651 16   HOH HOH A . 
C 3 HOH 52  1652 36   HOH HOH A . 
C 3 HOH 53  1653 130  HOH HOH A . 
C 3 HOH 54  1654 129  HOH HOH A . 
C 3 HOH 55  1655 75   HOH HOH A . 
C 3 HOH 56  1656 9    HOH HOH A . 
C 3 HOH 57  1657 17   HOH HOH A . 
C 3 HOH 58  1658 56   HOH HOH A . 
C 3 HOH 59  1659 159  HOH HOH A . 
C 3 HOH 60  1660 45   HOH HOH A . 
C 3 HOH 61  1661 3    HOH HOH A . 
C 3 HOH 62  1662 52   HOH HOH A . 
C 3 HOH 63  1663 143  HOH HOH A . 
C 3 HOH 64  1664 2    HOH HOH A . 
C 3 HOH 65  1665 135  HOH HOH A . 
C 3 HOH 66  1666 122  HOH HOH A . 
C 3 HOH 67  1667 77   HOH HOH A . 
C 3 HOH 68  1668 4    HOH HOH A . 
C 3 HOH 69  1669 1    HOH HOH A . 
C 3 HOH 70  1670 59   HOH HOH A . 
C 3 HOH 71  1671 86   HOH HOH A . 
C 3 HOH 72  1672 82   HOH HOH A . 
C 3 HOH 73  1673 39   HOH HOH A . 
C 3 HOH 74  1674 62   HOH HOH A . 
C 3 HOH 75  1675 145  HOH HOH A . 
C 3 HOH 76  1676 84   HOH HOH A . 
C 3 HOH 77  1677 64   HOH HOH A . 
C 3 HOH 78  1678 91   HOH HOH A . 
C 3 HOH 79  1679 108  HOH HOH A . 
C 3 HOH 80  1680 80   HOH HOH A . 
C 3 HOH 81  1681 54   HOH HOH A . 
C 3 HOH 82  1682 5    HOH HOH A . 
C 3 HOH 83  1683 28   HOH HOH A . 
C 3 HOH 84  1684 138  HOH HOH A . 
C 3 HOH 85  1685 15   HOH HOH A . 
C 3 HOH 86  1686 19   HOH HOH A . 
C 3 HOH 87  1687 40   HOH HOH A . 
C 3 HOH 88  1688 178  HOH HOH A . 
C 3 HOH 89  1689 6    HOH HOH A . 
C 3 HOH 90  1690 63   HOH HOH A . 
C 3 HOH 91  1691 29   HOH HOH A . 
C 3 HOH 92  1692 23   HOH HOH A . 
C 3 HOH 93  1693 60   HOH HOH A . 
C 3 HOH 94  1694 27   HOH HOH A . 
C 3 HOH 95  1695 71   HOH HOH A . 
C 3 HOH 96  1696 11   HOH HOH A . 
C 3 HOH 97  1697 161  HOH HOH A . 
C 3 HOH 98  1698 113  HOH HOH A . 
C 3 HOH 99  1699 69   HOH HOH A . 
C 3 HOH 100 1700 119  HOH HOH A . 
C 3 HOH 101 1701 150  HOH HOH A . 
C 3 HOH 102 1702 105  HOH HOH A . 
C 3 HOH 103 1703 37   HOH HOH A . 
C 3 HOH 104 1704 194  HOH HOH A . 
C 3 HOH 105 1705 125  HOH HOH A . 
C 3 HOH 106 1706 95   HOH HOH A . 
C 3 HOH 107 1707 177  HOH HOH A . 
C 3 HOH 108 1708 88   HOH HOH A . 
C 3 HOH 109 1709 106  HOH HOH A . 
C 3 HOH 110 1710 158  HOH HOH A . 
C 3 HOH 111 1711 48   HOH HOH A . 
C 3 HOH 112 1712 120  HOH HOH A . 
C 3 HOH 113 1713 96   HOH HOH A . 
C 3 HOH 114 1714 134  HOH HOH A . 
C 3 HOH 115 1715 72   HOH HOH A . 
C 3 HOH 116 1716 22   HOH HOH A . 
C 3 HOH 117 1717 116  HOH HOH A . 
C 3 HOH 118 1718 137  HOH HOH A . 
C 3 HOH 119 1719 131  HOH HOH A . 
C 3 HOH 120 1720 191  HOH HOH A . 
C 3 HOH 121 1721 38   HOH HOH A . 
C 3 HOH 122 1722 74   HOH HOH A . 
C 3 HOH 123 1723 13   HOH HOH A . 
C 3 HOH 124 1724 53   HOH HOH A . 
C 3 HOH 125 1725 67   HOH HOH A . 
C 3 HOH 126 1726 146  HOH HOH A . 
C 3 HOH 127 1727 136  HOH HOH A . 
C 3 HOH 128 1728 90   HOH HOH A . 
C 3 HOH 129 1729 173  HOH HOH A . 
C 3 HOH 130 1730 49   HOH HOH A . 
C 3 HOH 131 1731 165  HOH HOH A . 
C 3 HOH 132 1732 57   HOH HOH A . 
C 3 HOH 133 1733 117  HOH HOH A . 
C 3 HOH 134 1734 176  HOH HOH A . 
C 3 HOH 135 1735 12   HOH HOH A . 
C 3 HOH 136 1736 34   HOH HOH A . 
C 3 HOH 137 1737 181  HOH HOH A . 
C 3 HOH 138 1738 101  HOH HOH A . 
C 3 HOH 139 1739 184  HOH HOH A . 
C 3 HOH 140 1740 168  HOH HOH A . 
C 3 HOH 141 1741 44   HOH HOH A . 
C 3 HOH 142 1742 109  HOH HOH A . 
C 3 HOH 143 1743 202  HOH HOH A . 
C 3 HOH 144 1744 127  HOH HOH A . 
C 3 HOH 145 1745 26   HOH HOH A . 
C 3 HOH 146 1746 81   HOH HOH A . 
C 3 HOH 147 1747 133  HOH HOH A . 
C 3 HOH 148 1748 157  HOH HOH A . 
C 3 HOH 149 1749 153  HOH HOH A . 
C 3 HOH 150 1750 126  HOH HOH A . 
C 3 HOH 151 1751 166  HOH HOH A . 
C 3 HOH 152 1752 175  HOH HOH A . 
C 3 HOH 153 1753 154  HOH HOH A . 
C 3 HOH 154 1754 132  HOH HOH A . 
C 3 HOH 155 1755 155  HOH HOH A . 
C 3 HOH 156 1756 185  HOH HOH A . 
C 3 HOH 157 1757 66   HOH HOH A . 
C 3 HOH 158 1758 104  HOH HOH A . 
C 3 HOH 159 1759 8    HOH HOH A . 
C 3 HOH 160 1760 114  HOH HOH A . 
C 3 HOH 161 1761 186  HOH HOH A . 
C 3 HOH 162 1762 30   HOH HOH A . 
C 3 HOH 163 1763 198  HOH HOH A . 
C 3 HOH 164 1764 115  HOH HOH A . 
C 3 HOH 165 1765 149  HOH HOH A . 
C 3 HOH 166 1766 164  HOH HOH A . 
C 3 HOH 167 1767 199  HOH HOH A . 
C 3 HOH 168 1768 190  HOH HOH A . 
C 3 HOH 169 1769 156  HOH HOH A . 
C 3 HOH 170 1770 61   HOH HOH A . 
C 3 HOH 171 1771 107  HOH HOH A . 
C 3 HOH 172 1772 51   HOH HOH A . 
C 3 HOH 173 1773 193  HOH HOH A . 
C 3 HOH 174 1774 103  HOH HOH A . 
C 3 HOH 175 1775 110  HOH HOH A . 
C 3 HOH 176 1776 188  HOH HOH A . 
C 3 HOH 177 1777 112  HOH HOH A . 
C 3 HOH 178 1778 78   HOH HOH A . 
C 3 HOH 179 1779 68   HOH HOH A . 
C 3 HOH 180 1780 102  HOH HOH A . 
C 3 HOH 181 1781 46   HOH HOH A . 
C 3 HOH 182 1782 73   HOH HOH A . 
C 3 HOH 183 1783 170  HOH HOH A . 
C 3 HOH 184 1784 196  HOH HOH A . 
C 3 HOH 185 1785 148  HOH HOH A . 
C 3 HOH 186 1786 201  HOH HOH A . 
C 3 HOH 187 1787 192  HOH HOH A . 
C 3 HOH 188 1788 111  HOH HOH A . 
C 3 HOH 189 1789 200  HOH HOH A . 
C 3 HOH 190 1790 189  HOH HOH A . 
C 3 HOH 191 1791 97   HOH HOH A . 
C 3 HOH 192 1792 87   HOH HOH A . 
C 3 HOH 193 1793 203  HOH HOH A . 
C 3 HOH 194 1794 79   HOH HOH A . 
# 
loop_
_pdbx_unobs_or_zero_occ_atoms.id 
_pdbx_unobs_or_zero_occ_atoms.PDB_model_num 
_pdbx_unobs_or_zero_occ_atoms.polymer_flag 
_pdbx_unobs_or_zero_occ_atoms.occupancy_flag 
_pdbx_unobs_or_zero_occ_atoms.auth_asym_id 
_pdbx_unobs_or_zero_occ_atoms.auth_comp_id 
_pdbx_unobs_or_zero_occ_atoms.auth_seq_id 
_pdbx_unobs_or_zero_occ_atoms.PDB_ins_code 
_pdbx_unobs_or_zero_occ_atoms.auth_atom_id 
_pdbx_unobs_or_zero_occ_atoms.label_alt_id 
_pdbx_unobs_or_zero_occ_atoms.label_asym_id 
_pdbx_unobs_or_zero_occ_atoms.label_comp_id 
_pdbx_unobs_or_zero_occ_atoms.label_seq_id 
_pdbx_unobs_or_zero_occ_atoms.label_atom_id 
1 1 Y 1 A LYS 1323 ? CE ? A LYS 32 CE 
2 1 Y 1 A LYS 1323 ? NZ ? A LYS 32 NZ 
# 
loop_
_software.pdbx_ordinal 
_software.name 
_software.version 
_software.date 
_software.type 
_software.contact_author 
_software.contact_author_email 
_software.classification 
_software.location 
_software.language 
_software.citation_id 
1 REFMAC      5.8.0267 ?               program 'Garib N. Murshudov' garib@ysbl.york.ac.uk    refinement        
http://www.ccp4.ac.uk/dist/html/refmac5.html        Fortran_77 ? 
2 Aimless     0.7.4    13/12/18        program 'Phil Evans'         ?                        'data scaling'    
http://www.mrc-lmb.cam.ac.uk/harry/pre/aimless.html ?          ? 
3 PDB_EXTRACT 3.23     'SEP. 23, 2016' package PDB                  deposit@deposit.rcsb.org 'data extraction' 
http://sw-tools.pdb.org/apps/PDB_EXTRACT/           C++        ? 
4 XDS         .        ?               program ?                    ?                        'data reduction'  ? ?          ? 
5 REFMAC      .        ?               program ?                    ?                        phasing           ? ?          ? 
# 
_cell.entry_id           5S9C 
_cell.length_a           81.534 
_cell.length_b           27.235 
_cell.length_c           55.707 
_cell.angle_alpha        90.000 
_cell.angle_beta         100.180 
_cell.angle_gamma        90.000 
_cell.Z_PDB              4 
_cell.pdbx_unique_axis   ? 
# 
_symmetry.entry_id                         5S9C 
_symmetry.space_group_name_H-M             'C 1 2 1' 
_symmetry.pdbx_full_space_group_name_H-M   ? 
_symmetry.cell_setting                     ? 
_symmetry.Int_Tables_number                5 
# 
_exptl.crystals_number   1 
_exptl.entry_id          5S9C 
_exptl.method            'X-RAY DIFFRACTION' 
# 
_exptl_crystal.id                    1 
_exptl_crystal.pdbx_mosaicity        0.000 
_exptl_crystal.pdbx_mosaicity_esd    ? 
_exptl_crystal.density_Matthews      1.73 
_exptl_crystal.density_diffrn        ? 
_exptl_crystal.density_meas          ? 
_exptl_crystal.density_meas_temp     ? 
_exptl_crystal.density_percent_sol   28.77 
_exptl_crystal.size_max              ? 
_exptl_crystal.size_mid              ? 
_exptl_crystal.size_min              ? 
_exptl_crystal.size_rad              ? 
_exptl_crystal.description           ? 
_exptl_crystal.preparation           ? 
# 
_exptl_crystal_grow.crystal_id      1 
_exptl_crystal_grow.method          'VAPOR DIFFUSION, SITTING DROP' 
_exptl_crystal_grow.pH              5.6 
_exptl_crystal_grow.temp            277 
_exptl_crystal_grow.pdbx_details    '20% PEG 8000, 0.04M POTASSIUM PHOSPHATE' 
_exptl_crystal_grow.temp_details    ? 
_exptl_crystal_grow.pdbx_pH_range   ? 
# 
_diffrn.id                               1 
_diffrn.ambient_temp                     100 
_diffrn.crystal_id                       1 
_diffrn.ambient_temp_details             ? 
_diffrn.pdbx_serial_crystal_experiment   ? 
# 
_diffrn_detector.detector               PIXEL 
_diffrn_detector.type                   'DECTRIS PILATUS 6M' 
_diffrn_detector.pdbx_collection_date   2020-09-15 
_diffrn_detector.diffrn_id              1 
_diffrn_detector.details                ? 
# 
_diffrn_radiation.diffrn_id                        1 
_diffrn_radiation.wavelength_id                    1 
_diffrn_radiation.pdbx_diffrn_protocol             'SINGLE WAVELENGTH' 
_diffrn_radiation.pdbx_monochromatic_or_laue_m_l   ? 
_diffrn_radiation.monochromator                    ? 
_diffrn_radiation.pdbx_scattering_type             x-ray 
# 
_diffrn_radiation_wavelength.id           1 
_diffrn_radiation_wavelength.wavelength   0.9127 
_diffrn_radiation_wavelength.wt           1.0 
# 
_diffrn_source.diffrn_id                   1 
_diffrn_source.source                      SYNCHROTRON 
_diffrn_source.type                        'DIAMOND BEAMLINE I04-1' 
_diffrn_source.pdbx_wavelength_list        0.9127 
_diffrn_source.pdbx_synchrotron_site       Diamond 
_diffrn_source.pdbx_synchrotron_beamline   I04-1 
_diffrn_source.pdbx_wavelength             ? 
# 
_reflns.entry_id                     5S9C 
_reflns.pdbx_diffrn_id               1 
_reflns.pdbx_ordinal                 1 
_reflns.observed_criterion_sigma_I   ? 
_reflns.observed_criterion_sigma_F   ? 
_reflns.d_resolution_low             54.840 
_reflns.d_resolution_high            1.140 
_reflns.number_obs                   37488 
_reflns.number_all                   ? 
_reflns.percent_possible_obs         84.400 
_reflns.pdbx_Rmerge_I_obs            0.049 
_reflns.pdbx_Rsym_value              ? 
_reflns.pdbx_netI_over_sigmaI        8.100 
_reflns.B_iso_Wilson_estimate        ? 
_reflns.pdbx_redundancy              2.500 
_reflns.pdbx_Rrim_I_all              0.060 
_reflns.pdbx_Rpim_I_all              0.034 
_reflns.pdbx_CC_half                 0.997 
_reflns.pdbx_netI_over_av_sigmaI     ? 
_reflns.pdbx_number_measured_all     93106 
_reflns.pdbx_scaling_rejects         73 
_reflns.pdbx_chi_squared             ? 
_reflns.Rmerge_F_all                 ? 
_reflns.Rmerge_F_obs                 ? 
_reflns.observed_criterion_F_max     ? 
_reflns.observed_criterion_F_min     ? 
_reflns.observed_criterion_I_max     ? 
_reflns.observed_criterion_I_min     ? 
_reflns.pdbx_d_res_high_opt          ? 
_reflns.pdbx_d_res_low_opt           ? 
_reflns.details                      ? 
_reflns.pdbx_CC_star                 ? 
# 
loop_
_reflns_shell.pdbx_diffrn_id 
_reflns_shell.pdbx_ordinal 
_reflns_shell.d_res_high 
_reflns_shell.d_res_low 
_reflns_shell.number_measured_obs 
_reflns_shell.number_measured_all 
_reflns_shell.number_unique_obs 
_reflns_shell.pdbx_rejects 
_reflns_shell.Rmerge_I_obs 
_reflns_shell.meanI_over_sigI_obs 
_reflns_shell.pdbx_Rsym_value 
_reflns_shell.pdbx_chi_squared 
_reflns_shell.pdbx_redundancy 
_reflns_shell.percent_possible_obs 
_reflns_shell.pdbx_netI_over_sigmaI_obs 
_reflns_shell.number_possible 
_reflns_shell.number_unique_all 
_reflns_shell.Rmerge_F_all 
_reflns_shell.Rmerge_F_obs 
_reflns_shell.Rmerge_I_all 
_reflns_shell.meanI_over_sigI_all 
_reflns_shell.percent_possible_all 
_reflns_shell.pdbx_Rrim_I_all 
_reflns_shell.pdbx_Rpim_I_all 
_reflns_shell.pdbx_CC_half 
_reflns_shell.pdbx_CC_star 
1 1 1.140 1.160  ? 568 ? ? 1.112 ? ? ? 1.100 ? 0.500  ? 527 ? ? ? ? 24.200 1.573 1.112 0.513 ? 
1 2 6.240 54.840 ? 817 ? ? 0.037 ? ? ? 2.700 ? 22.500 ? 303 ? ? ? ? 99.800 0.048 0.029 0.995 ? 
# 
_refine.entry_id                                 5S9C 
_refine.pdbx_refine_id                           'X-RAY DIFFRACTION' 
_refine.ls_d_res_high                            1.1400 
_refine.ls_d_res_low                             54.8300 
_refine.pdbx_ls_sigma_F                          0.000 
_refine.pdbx_data_cutoff_high_absF               ? 
_refine.pdbx_data_cutoff_low_absF                ? 
_refine.ls_percent_reflns_obs                    84.1600 
_refine.ls_number_reflns_obs                     35550 
_refine.ls_number_reflns_all                     ? 
_refine.pdbx_ls_cross_valid_method               THROUGHOUT 
_refine.ls_matrix_type                           ? 
_refine.pdbx_R_Free_selection_details            RANDOM 
_refine.details                                  
'HYDROGENS HAVE BEEN ADDED IN THE RIDING POSITIONS U VALUES      : REFINED INDIVIDUALLY' 
_refine.ls_R_factor_all                          ? 
_refine.ls_R_factor_obs                          0.1842 
_refine.ls_R_factor_R_work                       0.1828 
_refine.ls_wR_factor_R_work                      ? 
_refine.ls_R_factor_R_free                       0.2121 
_refine.ls_wR_factor_R_free                      ? 
_refine.ls_percent_reflns_R_free                 5.0000 
_refine.ls_number_reflns_R_free                  1861 
_refine.ls_number_reflns_R_work                  ? 
_refine.ls_R_factor_R_free_error                 ? 
_refine.B_iso_mean                               17.4930 
_refine.solvent_model_param_bsol                 ? 
_refine.solvent_model_param_ksol                 ? 
_refine.pdbx_isotropic_thermal_model             ? 
_refine.aniso_B[1][1]                            -0.0700 
_refine.aniso_B[2][2]                            1.1500 
_refine.aniso_B[3][3]                            -1.0200 
_refine.aniso_B[1][2]                            0.0000 
_refine.aniso_B[1][3]                            0.0000 
_refine.aniso_B[2][3]                            -0.0000 
_refine.correlation_coeff_Fo_to_Fc               0.9730 
_refine.correlation_coeff_Fo_to_Fc_free          0.9630 
_refine.overall_SU_R_Cruickshank_DPI             ? 
_refine.pdbx_overall_SU_R_free_Cruickshank_DPI   ? 
_refine.pdbx_overall_SU_R_Blow_DPI               ? 
_refine.pdbx_overall_SU_R_free_Blow_DPI          ? 
_refine.overall_SU_R_free                        ? 
_refine.pdbx_overall_ESU_R                       0.0600 
_refine.pdbx_overall_ESU_R_Free                  0.0610 
_refine.overall_SU_ML                            0.0640 
_refine.overall_SU_B                             1.6010 
_refine.solvent_model_details                    MASK 
_refine.pdbx_solvent_vdw_probe_radii             1.2000 
_refine.pdbx_solvent_ion_probe_radii             0.8000 
_refine.pdbx_solvent_shrinkage_radii             0.8000 
_refine.ls_number_parameters                     ? 
_refine.ls_number_restraints                     ? 
_refine.pdbx_starting_model                      5RJI 
_refine.pdbx_method_to_determine_struct          'FOURIER SYNTHESIS' 
_refine.pdbx_stereochemistry_target_values       'MAXIMUM LIKELIHOOD' 
_refine.pdbx_stereochem_target_val_spec_case     ? 
_refine.overall_FOM_work_R_set                   ? 
_refine.B_iso_max                                64.210 
_refine.B_iso_min                                10.080 
_refine.pdbx_overall_phase_error                 ? 
_refine.occupancy_max                            ? 
_refine.occupancy_min                            ? 
_refine.pdbx_diffrn_id                           1 
_refine.pdbx_TLS_residual_ADP_flag               ? 
_refine.pdbx_ls_sigma_I                          ? 
_refine.pdbx_data_cutoff_high_rms_absF           ? 
_refine.ls_R_factor_R_free_error_details         ? 
# 
_refine_hist.cycle_id                         final 
_refine_hist.pdbx_refine_id                   'X-RAY DIFFRACTION' 
_refine_hist.d_res_high                       1.1400 
_refine_hist.d_res_low                        54.8300 
_refine_hist.pdbx_number_atoms_ligand         20 
_refine_hist.number_atoms_solvent             194 
_refine_hist.number_atoms_total               1204 
_refine_hist.pdbx_number_residues_total       119 
_refine_hist.pdbx_B_iso_mean_ligand           15.28 
_refine_hist.pdbx_B_iso_mean_solvent          30.12 
_refine_hist.pdbx_number_atoms_protein        990 
_refine_hist.pdbx_number_atoms_nucleic_acid   0 
# 
loop_
_refine_ls_restr.pdbx_refine_id 
_refine_ls_restr.type 
_refine_ls_restr.number 
_refine_ls_restr.dev_ideal 
_refine_ls_restr.dev_ideal_target 
_refine_ls_restr.weight 
_refine_ls_restr.pdbx_restraint_function 
'X-RAY DIFFRACTION' r_bond_refined_d       2304 0.009  0.014  ? ? 
'X-RAY DIFFRACTION' r_bond_other_d         1619 0.001  0.017  ? ? 
'X-RAY DIFFRACTION' r_angle_refined_deg    2514 1.596  1.659  ? ? 
'X-RAY DIFFRACTION' r_angle_other_deg      3802 1.472  1.579  ? ? 
'X-RAY DIFFRACTION' r_dihedral_angle_1_deg 235  5.378  5.000  ? ? 
'X-RAY DIFFRACTION' r_dihedral_angle_2_deg 104  28.761 21.731 ? ? 
'X-RAY DIFFRACTION' r_dihedral_angle_3_deg 306  11.623 15.000 ? ? 
'X-RAY DIFFRACTION' r_dihedral_angle_4_deg 12   10.562 15.000 ? ? 
'X-RAY DIFFRACTION' r_chiral_restr         230  0.085  0.200  ? ? 
'X-RAY DIFFRACTION' r_gen_planes_refined   2184 0.008  0.020  ? ? 
'X-RAY DIFFRACTION' r_gen_planes_other     408  0.002  0.020  ? ? 
'X-RAY DIFFRACTION' r_mcbond_it            1087 0.989  1.631  ? ? 
'X-RAY DIFFRACTION' r_mcbond_other         1076 0.969  1.621  ? ? 
'X-RAY DIFFRACTION' r_mcangle_it           1117 1.687  2.387  ? ? 
# 
_refine_ls_shell.d_res_high                       1.1400 
_refine_ls_shell.d_res_low                        1.1690 
_refine_ls_shell.pdbx_total_number_of_bins_used   20 
_refine_ls_shell.percent_reflns_obs               24.3400 
_refine_ls_shell.number_reflns_R_work             764 
_refine_ls_shell.R_factor_all                     ? 
_refine_ls_shell.R_factor_R_work                  0.4940 
_refine_ls_shell.R_factor_R_free                  0.5160 
_refine_ls_shell.percent_reflns_R_free            ? 
_refine_ls_shell.number_reflns_R_free             32 
_refine_ls_shell.R_factor_R_free_error            ? 
_refine_ls_shell.number_reflns_all                796 
_refine_ls_shell.number_reflns_obs                ? 
_refine_ls_shell.pdbx_refine_id                   'X-RAY DIFFRACTION' 
_refine_ls_shell.R_factor_obs                     ? 
# 
_struct.entry_id                  5S9C 
_struct.title                     
'PanDDA analysis group deposition -- Crystal Structure of PHIP in complex with Z198194396 synthetic derivative' 
_struct.pdbx_model_details        ? 
_struct.pdbx_CASP_flag            ? 
_struct.pdbx_model_type_details   ? 
# 
_struct_keywords.entry_id        5S9C 
_struct_keywords.text            
;SGC - Diamond I04-1 fragment screening, PanDDA, XChemExplorer, Robotic chemistry, Crystal soaking, Reaction crudes, SIGNALING PROTEIN
;
_struct_keywords.pdbx_keywords   'SIGNALING PROTEIN' 
# 
loop_
_struct_asym.id 
_struct_asym.pdbx_blank_PDB_chainid_flag 
_struct_asym.pdbx_modified 
_struct_asym.entity_id 
_struct_asym.details 
A N N 1 ? 
B N N 2 ? 
C N N 3 ? 
# 
_struct_ref.id                         1 
_struct_ref.db_name                    UNP 
_struct_ref.db_code                    PHIP_HUMAN 
_struct_ref.pdbx_db_accession          Q8WWQ0 
_struct_ref.pdbx_db_isoform            ? 
_struct_ref.entity_id                  1 
_struct_ref.pdbx_seq_one_letter_code   
;SYDIQAWKKQCEELLNLIFQCEDSEPFRQPVDLLEYPDYRDIIDTPMDFATVRETLEAGNYESPMELCKDVRLIFSNSKA
YTPSKRSRIYSMSLRLSAFFEEHISSVLSDYKSALRFHKRNTITKR
;
_struct_ref.pdbx_align_begin           1315 
# 
_struct_ref_seq.align_id                      1 
_struct_ref_seq.ref_id                        1 
_struct_ref_seq.pdbx_PDB_id_code              5S9C 
_struct_ref_seq.pdbx_strand_id                A 
_struct_ref_seq.seq_align_beg                 24 
_struct_ref_seq.pdbx_seq_align_beg_ins_code   ? 
_struct_ref_seq.seq_align_end                 149 
_struct_ref_seq.pdbx_seq_align_end_ins_code   ? 
_struct_ref_seq.pdbx_db_accession             Q8WWQ0 
_struct_ref_seq.db_align_beg                  1315 
_struct_ref_seq.pdbx_db_align_beg_ins_code    ? 
_struct_ref_seq.db_align_end                  1440 
_struct_ref_seq.pdbx_db_align_end_ins_code    ? 
_struct_ref_seq.pdbx_auth_seq_align_beg       1315 
_struct_ref_seq.pdbx_auth_seq_align_end       1440 
# 
loop_
_struct_ref_seq_dif.align_id 
_struct_ref_seq_dif.pdbx_pdb_id_code 
_struct_ref_seq_dif.mon_id 
_struct_ref_seq_dif.pdbx_pdb_strand_id 
_struct_ref_seq_dif.seq_num 
_struct_ref_seq_dif.pdbx_pdb_ins_code 
_struct_ref_seq_dif.pdbx_seq_db_name 
_struct_ref_seq_dif.pdbx_seq_db_accession_code 
_struct_ref_seq_dif.db_mon_id 
_struct_ref_seq_dif.pdbx_seq_db_seq_num 
_struct_ref_seq_dif.details 
_struct_ref_seq_dif.pdbx_auth_seq_num 
_struct_ref_seq_dif.pdbx_ordinal 
1 5S9C MET A 1  ? UNP Q8WWQ0 ? ? 'initiating methionine' 1292 1  
1 5S9C HIS A 2  ? UNP Q8WWQ0 ? ? 'expression tag'        1293 2  
1 5S9C HIS A 3  ? UNP Q8WWQ0 ? ? 'expression tag'        1294 3  
1 5S9C HIS A 4  ? UNP Q8WWQ0 ? ? 'expression tag'        1295 4  
1 5S9C HIS A 5  ? UNP Q8WWQ0 ? ? 'expression tag'        1296 5  
1 5S9C HIS A 6  ? UNP Q8WWQ0 ? ? 'expression tag'        1297 6  
1 5S9C HIS A 7  ? UNP Q8WWQ0 ? ? 'expression tag'        1298 7  
1 5S9C SER A 8  ? UNP Q8WWQ0 ? ? 'expression tag'        1299 8  
1 5S9C SER A 9  ? UNP Q8WWQ0 ? ? 'expression tag'        1300 9  
1 5S9C GLY A 10 ? UNP Q8WWQ0 ? ? 'expression tag'        1301 10 
1 5S9C VAL A 11 ? UNP Q8WWQ0 ? ? 'expression tag'        1302 11 
1 5S9C ASP A 12 ? UNP Q8WWQ0 ? ? 'expression tag'        1303 12 
1 5S9C LEU A 13 ? UNP Q8WWQ0 ? ? 'expression tag'        1304 13 
1 5S9C GLY A 14 ? UNP Q8WWQ0 ? ? 'expression tag'        1305 14 
1 5S9C THR A 15 ? UNP Q8WWQ0 ? ? 'expression tag'        1306 15 
1 5S9C GLU A 16 ? UNP Q8WWQ0 ? ? 'expression tag'        1307 16 
1 5S9C ASN A 17 ? UNP Q8WWQ0 ? ? 'expression tag'        1308 17 
1 5S9C LEU A 18 ? UNP Q8WWQ0 ? ? 'expression tag'        1309 18 
1 5S9C TYR A 19 ? UNP Q8WWQ0 ? ? 'expression tag'        1310 19 
1 5S9C PHE A 20 ? UNP Q8WWQ0 ? ? 'expression tag'        1311 20 
1 5S9C GLN A 21 ? UNP Q8WWQ0 ? ? 'expression tag'        1312 21 
1 5S9C SER A 22 ? UNP Q8WWQ0 ? ? 'expression tag'        1313 22 
1 5S9C MET A 23 ? UNP Q8WWQ0 ? ? 'expression tag'        1314 23 
# 
_pdbx_struct_assembly.id                   1 
_pdbx_struct_assembly.details              author_and_software_defined_assembly 
_pdbx_struct_assembly.method_details       PISA 
_pdbx_struct_assembly.oligomeric_details   monomeric 
_pdbx_struct_assembly.oligomeric_count     1 
# 
_pdbx_struct_assembly_gen.assembly_id       1 
_pdbx_struct_assembly_gen.oper_expression   1 
_pdbx_struct_assembly_gen.asym_id_list      A,B,C 
# 
_pdbx_struct_oper_list.id                   1 
_pdbx_struct_oper_list.type                 'identity operation' 
_pdbx_struct_oper_list.name                 1_555 
_pdbx_struct_oper_list.symmetry_operation   x,y,z 
_pdbx_struct_oper_list.matrix[1][1]         1.0000000000 
_pdbx_struct_oper_list.matrix[1][2]         0.0000000000 
_pdbx_struct_oper_list.matrix[1][3]         0.0000000000 
_pdbx_struct_oper_list.vector[1]            0.0000000000 
_pdbx_struct_oper_list.matrix[2][1]         0.0000000000 
_pdbx_struct_oper_list.matrix[2][2]         1.0000000000 
_pdbx_struct_oper_list.matrix[2][3]         0.0000000000 
_pdbx_struct_oper_list.vector[2]            0.0000000000 
_pdbx_struct_oper_list.matrix[3][1]         0.0000000000 
_pdbx_struct_oper_list.matrix[3][2]         0.0000000000 
_pdbx_struct_oper_list.matrix[3][3]         1.0000000000 
_pdbx_struct_oper_list.vector[3]            0.0000000000 
# 
loop_
_struct_conf.conf_type_id 
_struct_conf.id 
_struct_conf.pdbx_PDB_helix_id 
_struct_conf.beg_label_comp_id 
_struct_conf.beg_label_asym_id 
_struct_conf.beg_label_seq_id 
_struct_conf.pdbx_beg_PDB_ins_code 
_struct_conf.end_label_comp_id 
_struct_conf.end_label_asym_id 
_struct_conf.end_label_seq_id 
_struct_conf.pdbx_end_PDB_ins_code 
_struct_conf.beg_auth_comp_id 
_struct_conf.beg_auth_asym_id 
_struct_conf.beg_auth_seq_id 
_struct_conf.end_auth_comp_id 
_struct_conf.end_auth_asym_id 
_struct_conf.end_auth_seq_id 
_struct_conf.pdbx_PDB_helix_class 
_struct_conf.details 
_struct_conf.pdbx_PDB_helix_length 
HELX_P HELX_P1 AA1 ALA A 29  ? CYS A 44  ? ALA A 1320 CYS A 1335 1 ? 16 
HELX_P HELX_P2 AA2 GLU A 45  ? ARG A 51  ? GLU A 1336 ARG A 1342 5 ? 7  
HELX_P HELX_P3 AA3 ASP A 61  ? ILE A 66  ? ASP A 1352 ILE A 1357 1 ? 6  
HELX_P HELX_P4 AA4 ASP A 71  ? ALA A 81  ? ASP A 1362 ALA A 1372 1 ? 11 
HELX_P HELX_P5 AA5 SER A 86  ? THR A 105 ? SER A 1377 THR A 1396 1 ? 20 
HELX_P HELX_P6 AA6 SER A 110 ? LYS A 142 ? SER A 1401 LYS A 1433 1 ? 33 
# 
_struct_conf_type.id          HELX_P 
_struct_conf_type.criteria    ? 
_struct_conf_type.reference   ? 
# 
_struct_site.id                   AC1 
_struct_site.pdbx_evidence_code   Software 
_struct_site.pdbx_auth_asym_id    A 
_struct_site.pdbx_auth_comp_id    Y0D 
_struct_site.pdbx_auth_seq_id     1501 
_struct_site.pdbx_auth_ins_code   ? 
_struct_site.pdbx_num_residues    11 
_struct_site.details              'binding site for residue Y0D A 1501' 
# 
loop_
_struct_site_gen.id 
_struct_site_gen.site_id 
_struct_site_gen.pdbx_num_res 
_struct_site_gen.label_comp_id 
_struct_site_gen.label_asym_id 
_struct_site_gen.label_seq_id 
_struct_site_gen.pdbx_auth_ins_code 
_struct_site_gen.auth_comp_id 
_struct_site_gen.auth_asym_id 
_struct_site_gen.auth_seq_id 
_struct_site_gen.label_atom_id 
_struct_site_gen.label_alt_id 
_struct_site_gen.symmetry 
_struct_site_gen.details 
1  AC1 11 GLU A 48  ? GLU A 1339 . ? 1_555 ? 
2  AC1 11 PRO A 49  ? PRO A 1340 . ? 1_555 ? 
3  AC1 11 GLN A 52  ? GLN A 1343 . ? 1_555 ? 
4  AC1 11 VAL A 54  ? VAL A 1345 . ? 1_555 ? 
5  AC1 11 ASP A 55  ? ASP A 1346 . ? 1_555 ? 
6  AC1 11 TYR A 59  ? TYR A 1350 . ? 1_555 ? 
7  AC1 11 SER A 101 ? SER A 1392 . ? 1_555 ? 
8  AC1 11 THR A 105 ? THR A 1396 . ? 1_555 ? 
9  AC1 11 SER A 110 ? SER A 1401 . ? 1_555 ? 
10 AC1 11 ILE A 112 ? ILE A 1403 . ? 1_555 ? 
11 AC1 11 HOH C .   ? HOH A 1657 . ? 1_555 ? 
# 
loop_
_pdbx_validate_close_contact.id 
_pdbx_validate_close_contact.PDB_model_num 
_pdbx_validate_close_contact.auth_atom_id_1 
_pdbx_validate_close_contact.auth_asym_id_1 
_pdbx_validate_close_contact.auth_comp_id_1 
_pdbx_validate_close_contact.auth_seq_id_1 
_pdbx_validate_close_contact.PDB_ins_code_1 
_pdbx_validate_close_contact.label_alt_id_1 
_pdbx_validate_close_contact.auth_atom_id_2 
_pdbx_validate_close_contact.auth_asym_id_2 
_pdbx_validate_close_contact.auth_comp_id_2 
_pdbx_validate_close_contact.auth_seq_id_2 
_pdbx_validate_close_contact.PDB_ins_code_2 
_pdbx_validate_close_contact.label_alt_id_2 
_pdbx_validate_close_contact.dist 
1 1 O   A HOH 1684 ? ? O A HOH 1720 ? ? 1.77 
2 1 O   A HOH 1636 ? ? O A HOH 1663 ? ? 1.85 
3 1 O   A HOH 1639 ? ? O A HOH 1744 ? ? 2.02 
4 1 O   A HOH 1697 ? ? O A HOH 1751 ? ? 2.12 
5 1 OE1 A GLU 1327 ? ? O A HOH 1601 ? ? 2.12 
6 1 O   A HOH 1684 ? ? O A HOH 1787 ? ? 2.17 
7 1 O   A HOH 1730 ? ? O A HOH 1755 ? ? 2.19 
# 
loop_
_pdbx_struct_special_symmetry.id 
_pdbx_struct_special_symmetry.PDB_model_num 
_pdbx_struct_special_symmetry.auth_asym_id 
_pdbx_struct_special_symmetry.auth_comp_id 
_pdbx_struct_special_symmetry.auth_seq_id 
_pdbx_struct_special_symmetry.PDB_ins_code 
_pdbx_struct_special_symmetry.label_asym_id 
_pdbx_struct_special_symmetry.label_comp_id 
_pdbx_struct_special_symmetry.label_seq_id 
1 1 A HOH 1709 ? C HOH . 
2 1 A HOH 1788 ? C HOH . 
# 
_phasing.method   MR 
# 
loop_
_pdbx_unobs_or_zero_occ_residues.id 
_pdbx_unobs_or_zero_occ_residues.PDB_model_num 
_pdbx_unobs_or_zero_occ_residues.polymer_flag 
_pdbx_unobs_or_zero_occ_residues.occupancy_flag 
_pdbx_unobs_or_zero_occ_residues.auth_asym_id 
_pdbx_unobs_or_zero_occ_residues.auth_comp_id 
_pdbx_unobs_or_zero_occ_residues.auth_seq_id 
_pdbx_unobs_or_zero_occ_residues.PDB_ins_code 
_pdbx_unobs_or_zero_occ_residues.label_asym_id 
_pdbx_unobs_or_zero_occ_residues.label_comp_id 
_pdbx_unobs_or_zero_occ_residues.label_seq_id 
1  1 Y 1 A MET 1292 ? A MET 1   
2  1 Y 1 A HIS 1293 ? A HIS 2   
3  1 Y 1 A HIS 1294 ? A HIS 3   
4  1 Y 1 A HIS 1295 ? A HIS 4   
5  1 Y 1 A HIS 1296 ? A HIS 5   
6  1 Y 1 A HIS 1297 ? A HIS 6   
7  1 Y 1 A HIS 1298 ? A HIS 7   
8  1 Y 1 A SER 1299 ? A SER 8   
9  1 Y 1 A SER 1300 ? A SER 9   
10 1 Y 1 A GLY 1301 ? A GLY 10  
11 1 Y 1 A VAL 1302 ? A VAL 11  
12 1 Y 1 A ASP 1303 ? A ASP 12  
13 1 Y 1 A LEU 1304 ? A LEU 13  
14 1 Y 1 A GLY 1305 ? A GLY 14  
15 1 Y 1 A THR 1306 ? A THR 15  
16 1 Y 1 A GLU 1307 ? A GLU 16  
17 1 Y 1 A ASN 1308 ? A ASN 17  
18 1 Y 1 A LEU 1309 ? A LEU 18  
19 1 Y 1 A TYR 1310 ? A TYR 19  
20 1 Y 1 A PHE 1311 ? A PHE 20  
21 1 Y 1 A GLN 1312 ? A GLN 21  
22 1 Y 1 A SER 1313 ? A SER 22  
23 1 Y 1 A MET 1314 ? A MET 23  
24 1 Y 1 A SER 1315 ? A SER 24  
25 1 Y 1 A ASN 1435 ? A ASN 144 
26 1 Y 1 A THR 1436 ? A THR 145 
27 1 Y 1 A ILE 1437 ? A ILE 146 
28 1 Y 1 A THR 1438 ? A THR 147 
29 1 Y 1 A LYS 1439 ? A LYS 148 
30 1 Y 1 A ARG 1440 ? A ARG 149 
# 
loop_
_chem_comp_atom.comp_id 
_chem_comp_atom.atom_id 
_chem_comp_atom.type_symbol 
_chem_comp_atom.pdbx_aromatic_flag 
_chem_comp_atom.pdbx_stereo_config 
_chem_comp_atom.pdbx_ordinal 
ALA N    N N N 1   
ALA CA   C N S 2   
ALA C    C N N 3   
ALA O    O N N 4   
ALA CB   C N N 5   
ALA OXT  O N N 6   
ALA H    H N N 7   
ALA H2   H N N 8   
ALA HA   H N N 9   
ALA HB1  H N N 10  
ALA HB2  H N N 11  
ALA HB3  H N N 12  
ALA HXT  H N N 13  
ARG N    N N N 14  
ARG CA   C N S 15  
ARG C    C N N 16  
ARG O    O N N 17  
ARG CB   C N N 18  
ARG CG   C N N 19  
ARG CD   C N N 20  
ARG NE   N N N 21  
ARG CZ   C N N 22  
ARG NH1  N N N 23  
ARG NH2  N N N 24  
ARG OXT  O N N 25  
ARG H    H N N 26  
ARG H2   H N N 27  
ARG HA   H N N 28  
ARG HB2  H N N 29  
ARG HB3  H N N 30  
ARG HG2  H N N 31  
ARG HG3  H N N 32  
ARG HD2  H N N 33  
ARG HD3  H N N 34  
ARG HE   H N N 35  
ARG HH11 H N N 36  
ARG HH12 H N N 37  
ARG HH21 H N N 38  
ARG HH22 H N N 39  
ARG HXT  H N N 40  
ASN N    N N N 41  
ASN CA   C N S 42  
ASN C    C N N 43  
ASN O    O N N 44  
ASN CB   C N N 45  
ASN CG   C N N 46  
ASN OD1  O N N 47  
ASN ND2  N N N 48  
ASN OXT  O N N 49  
ASN H    H N N 50  
ASN H2   H N N 51  
ASN HA   H N N 52  
ASN HB2  H N N 53  
ASN HB3  H N N 54  
ASN HD21 H N N 55  
ASN HD22 H N N 56  
ASN HXT  H N N 57  
ASP N    N N N 58  
ASP CA   C N S 59  
ASP C    C N N 60  
ASP O    O N N 61  
ASP CB   C N N 62  
ASP CG   C N N 63  
ASP OD1  O N N 64  
ASP OD2  O N N 65  
ASP OXT  O N N 66  
ASP H    H N N 67  
ASP H2   H N N 68  
ASP HA   H N N 69  
ASP HB2  H N N 70  
ASP HB3  H N N 71  
ASP HD2  H N N 72  
ASP HXT  H N N 73  
CYS N    N N N 74  
CYS CA   C N R 75  
CYS C    C N N 76  
CYS O    O N N 77  
CYS CB   C N N 78  
CYS SG   S N N 79  
CYS OXT  O N N 80  
CYS H    H N N 81  
CYS H2   H N N 82  
CYS HA   H N N 83  
CYS HB2  H N N 84  
CYS HB3  H N N 85  
CYS HG   H N N 86  
CYS HXT  H N N 87  
GLN N    N N N 88  
GLN CA   C N S 89  
GLN C    C N N 90  
GLN O    O N N 91  
GLN CB   C N N 92  
GLN CG   C N N 93  
GLN CD   C N N 94  
GLN OE1  O N N 95  
GLN NE2  N N N 96  
GLN OXT  O N N 97  
GLN H    H N N 98  
GLN H2   H N N 99  
GLN HA   H N N 100 
GLN HB2  H N N 101 
GLN HB3  H N N 102 
GLN HG2  H N N 103 
GLN HG3  H N N 104 
GLN HE21 H N N 105 
GLN HE22 H N N 106 
GLN HXT  H N N 107 
GLU N    N N N 108 
GLU CA   C N S 109 
GLU C    C N N 110 
GLU O    O N N 111 
GLU CB   C N N 112 
GLU CG   C N N 113 
GLU CD   C N N 114 
GLU OE1  O N N 115 
GLU OE2  O N N 116 
GLU OXT  O N N 117 
GLU H    H N N 118 
GLU H2   H N N 119 
GLU HA   H N N 120 
GLU HB2  H N N 121 
GLU HB3  H N N 122 
GLU HG2  H N N 123 
GLU HG3  H N N 124 
GLU HE2  H N N 125 
GLU HXT  H N N 126 
GLY N    N N N 127 
GLY CA   C N N 128 
GLY C    C N N 129 
GLY O    O N N 130 
GLY OXT  O N N 131 
GLY H    H N N 132 
GLY H2   H N N 133 
GLY HA2  H N N 134 
GLY HA3  H N N 135 
GLY HXT  H N N 136 
HIS N    N N N 137 
HIS CA   C N S 138 
HIS C    C N N 139 
HIS O    O N N 140 
HIS CB   C N N 141 
HIS CG   C Y N 142 
HIS ND1  N Y N 143 
HIS CD2  C Y N 144 
HIS CE1  C Y N 145 
HIS NE2  N Y N 146 
HIS OXT  O N N 147 
HIS H    H N N 148 
HIS H2   H N N 149 
HIS HA   H N N 150 
HIS HB2  H N N 151 
HIS HB3  H N N 152 
HIS HD1  H N N 153 
HIS HD2  H N N 154 
HIS HE1  H N N 155 
HIS HE2  H N N 156 
HIS HXT  H N N 157 
HOH O    O N N 158 
HOH H1   H N N 159 
HOH H2   H N N 160 
ILE N    N N N 161 
ILE CA   C N S 162 
ILE C    C N N 163 
ILE O    O N N 164 
ILE CB   C N S 165 
ILE CG1  C N N 166 
ILE CG2  C N N 167 
ILE CD1  C N N 168 
ILE OXT  O N N 169 
ILE H    H N N 170 
ILE H2   H N N 171 
ILE HA   H N N 172 
ILE HB   H N N 173 
ILE HG12 H N N 174 
ILE HG13 H N N 175 
ILE HG21 H N N 176 
ILE HG22 H N N 177 
ILE HG23 H N N 178 
ILE HD11 H N N 179 
ILE HD12 H N N 180 
ILE HD13 H N N 181 
ILE HXT  H N N 182 
LEU N    N N N 183 
LEU CA   C N S 184 
LEU C    C N N 185 
LEU O    O N N 186 
LEU CB   C N N 187 
LEU CG   C N N 188 
LEU CD1  C N N 189 
LEU CD2  C N N 190 
LEU OXT  O N N 191 
LEU H    H N N 192 
LEU H2   H N N 193 
LEU HA   H N N 194 
LEU HB2  H N N 195 
LEU HB3  H N N 196 
LEU HG   H N N 197 
LEU HD11 H N N 198 
LEU HD12 H N N 199 
LEU HD13 H N N 200 
LEU HD21 H N N 201 
LEU HD22 H N N 202 
LEU HD23 H N N 203 
LEU HXT  H N N 204 
LYS N    N N N 205 
LYS CA   C N S 206 
LYS C    C N N 207 
LYS O    O N N 208 
LYS CB   C N N 209 
LYS CG   C N N 210 
LYS CD   C N N 211 
LYS CE   C N N 212 
LYS NZ   N N N 213 
LYS OXT  O N N 214 
LYS H    H N N 215 
LYS H2   H N N 216 
LYS HA   H N N 217 
LYS HB2  H N N 218 
LYS HB3  H N N 219 
LYS HG2  H N N 220 
LYS HG3  H N N 221 
LYS HD2  H N N 222 
LYS HD3  H N N 223 
LYS HE2  H N N 224 
LYS HE3  H N N 225 
LYS HZ1  H N N 226 
LYS HZ2  H N N 227 
LYS HZ3  H N N 228 
LYS HXT  H N N 229 
MET N    N N N 230 
MET CA   C N S 231 
MET C    C N N 232 
MET O    O N N 233 
MET CB   C N N 234 
MET CG   C N N 235 
MET SD   S N N 236 
MET CE   C N N 237 
MET OXT  O N N 238 
MET H    H N N 239 
MET H2   H N N 240 
MET HA   H N N 241 
MET HB2  H N N 242 
MET HB3  H N N 243 
MET HG2  H N N 244 
MET HG3  H N N 245 
MET HE1  H N N 246 
MET HE2  H N N 247 
MET HE3  H N N 248 
MET HXT  H N N 249 
PHE N    N N N 250 
PHE CA   C N S 251 
PHE C    C N N 252 
PHE O    O N N 253 
PHE CB   C N N 254 
PHE CG   C Y N 255 
PHE CD1  C Y N 256 
PHE CD2  C Y N 257 
PHE CE1  C Y N 258 
PHE CE2  C Y N 259 
PHE CZ   C Y N 260 
PHE OXT  O N N 261 
PHE H    H N N 262 
PHE H2   H N N 263 
PHE HA   H N N 264 
PHE HB2  H N N 265 
PHE HB3  H N N 266 
PHE HD1  H N N 267 
PHE HD2  H N N 268 
PHE HE1  H N N 269 
PHE HE2  H N N 270 
PHE HZ   H N N 271 
PHE HXT  H N N 272 
PRO N    N N N 273 
PRO CA   C N S 274 
PRO C    C N N 275 
PRO O    O N N 276 
PRO CB   C N N 277 
PRO CG   C N N 278 
PRO CD   C N N 279 
PRO OXT  O N N 280 
PRO H    H N N 281 
PRO HA   H N N 282 
PRO HB2  H N N 283 
PRO HB3  H N N 284 
PRO HG2  H N N 285 
PRO HG3  H N N 286 
PRO HD2  H N N 287 
PRO HD3  H N N 288 
PRO HXT  H N N 289 
SER N    N N N 290 
SER CA   C N S 291 
SER C    C N N 292 
SER O    O N N 293 
SER CB   C N N 294 
SER OG   O N N 295 
SER OXT  O N N 296 
SER H    H N N 297 
SER H2   H N N 298 
SER HA   H N N 299 
SER HB2  H N N 300 
SER HB3  H N N 301 
SER HG   H N N 302 
SER HXT  H N N 303 
THR N    N N N 304 
THR CA   C N S 305 
THR C    C N N 306 
THR O    O N N 307 
THR CB   C N R 308 
THR OG1  O N N 309 
THR CG2  C N N 310 
THR OXT  O N N 311 
THR H    H N N 312 
THR H2   H N N 313 
THR HA   H N N 314 
THR HB   H N N 315 
THR HG1  H N N 316 
THR HG21 H N N 317 
THR HG22 H N N 318 
THR HG23 H N N 319 
THR HXT  H N N 320 
TRP N    N N N 321 
TRP CA   C N S 322 
TRP C    C N N 323 
TRP O    O N N 324 
TRP CB   C N N 325 
TRP CG   C Y N 326 
TRP CD1  C Y N 327 
TRP CD2  C Y N 328 
TRP NE1  N Y N 329 
TRP CE2  C Y N 330 
TRP CE3  C Y N 331 
TRP CZ2  C Y N 332 
TRP CZ3  C Y N 333 
TRP CH2  C Y N 334 
TRP OXT  O N N 335 
TRP H    H N N 336 
TRP H2   H N N 337 
TRP HA   H N N 338 
TRP HB2  H N N 339 
TRP HB3  H N N 340 
TRP HD1  H N N 341 
TRP HE1  H N N 342 
TRP HE3  H N N 343 
TRP HZ2  H N N 344 
TRP HZ3  H N N 345 
TRP HH2  H N N 346 
TRP HXT  H N N 347 
TYR N    N N N 348 
TYR CA   C N S 349 
TYR C    C N N 350 
TYR O    O N N 351 
TYR CB   C N N 352 
TYR CG   C Y N 353 
TYR CD1  C Y N 354 
TYR CD2  C Y N 355 
TYR CE1  C Y N 356 
TYR CE2  C Y N 357 
TYR CZ   C Y N 358 
TYR OH   O N N 359 
TYR OXT  O N N 360 
TYR H    H N N 361 
TYR H2   H N N 362 
TYR HA   H N N 363 
TYR HB2  H N N 364 
TYR HB3  H N N 365 
TYR HD1  H N N 366 
TYR HD2  H N N 367 
TYR HE1  H N N 368 
TYR HE2  H N N 369 
TYR HH   H N N 370 
TYR HXT  H N N 371 
VAL N    N N N 372 
VAL CA   C N S 373 
VAL C    C N N 374 
VAL O    O N N 375 
VAL CB   C N N 376 
VAL CG1  C N N 377 
VAL CG2  C N N 378 
VAL OXT  O N N 379 
VAL H    H N N 380 
VAL H2   H N N 381 
VAL HA   H N N 382 
VAL HB   H N N 383 
VAL HG11 H N N 384 
VAL HG12 H N N 385 
VAL HG13 H N N 386 
VAL HG21 H N N 387 
VAL HG22 H N N 388 
VAL HG23 H N N 389 
VAL HXT  H N N 390 
Y0D N1   N N N 391 
Y0D N3   N N N 392 
Y0D C4   C N N 393 
Y0D C5   C N N 394 
Y0D C6   C N N 395 
Y0D C7   C N N 396 
Y0D C8   C N N 397 
Y0D C10  C Y N 398 
Y0D C13  C N N 399 
Y0D C1   C N N 400 
Y0D C11  C Y N 401 
Y0D C12  C Y N 402 
Y0D C14  C N N 403 
Y0D C2   C N N 404 
Y0D C3   C N N 405 
Y0D C9   C Y N 406 
Y0D N2   N N N 407 
Y0D O1   O N N 408 
Y0D O2   O N N 409 
Y0D S1   S Y N 410 
Y0D H1   H N N 411 
Y0D H5   H N N 412 
Y0D H6   H N N 413 
Y0D H7   H N N 414 
Y0D H8   H N N 415 
Y0D H10  H N N 416 
Y0D H9   H N N 417 
Y0D H12  H N N 418 
Y0D H11  H N N 419 
Y0D H13  H N N 420 
Y0D H17  H N N 421 
Y0D H16  H N N 422 
Y0D H14  H N N 423 
Y0D H15  H N N 424 
Y0D H19  H N N 425 
Y0D H18  H N N 426 
Y0D H3   H N N 427 
Y0D H2   H N N 428 
Y0D H4   H N N 429 
# 
loop_
_chem_comp_bond.comp_id 
_chem_comp_bond.atom_id_1 
_chem_comp_bond.atom_id_2 
_chem_comp_bond.value_order 
_chem_comp_bond.pdbx_aromatic_flag 
_chem_comp_bond.pdbx_stereo_config 
_chem_comp_bond.pdbx_ordinal 
ALA N   CA   sing N N 1   
ALA N   H    sing N N 2   
ALA N   H2   sing N N 3   
ALA CA  C    sing N N 4   
ALA CA  CB   sing N N 5   
ALA CA  HA   sing N N 6   
ALA C   O    doub N N 7   
ALA C   OXT  sing N N 8   
ALA CB  HB1  sing N N 9   
ALA CB  HB2  sing N N 10  
ALA CB  HB3  sing N N 11  
ALA OXT HXT  sing N N 12  
ARG N   CA   sing N N 13  
ARG N   H    sing N N 14  
ARG N   H2   sing N N 15  
ARG CA  C    sing N N 16  
ARG CA  CB   sing N N 17  
ARG CA  HA   sing N N 18  
ARG C   O    doub N N 19  
ARG C   OXT  sing N N 20  
ARG CB  CG   sing N N 21  
ARG CB  HB2  sing N N 22  
ARG CB  HB3  sing N N 23  
ARG CG  CD   sing N N 24  
ARG CG  HG2  sing N N 25  
ARG CG  HG3  sing N N 26  
ARG CD  NE   sing N N 27  
ARG CD  HD2  sing N N 28  
ARG CD  HD3  sing N N 29  
ARG NE  CZ   sing N N 30  
ARG NE  HE   sing N N 31  
ARG CZ  NH1  sing N N 32  
ARG CZ  NH2  doub N N 33  
ARG NH1 HH11 sing N N 34  
ARG NH1 HH12 sing N N 35  
ARG NH2 HH21 sing N N 36  
ARG NH2 HH22 sing N N 37  
ARG OXT HXT  sing N N 38  
ASN N   CA   sing N N 39  
ASN N   H    sing N N 40  
ASN N   H2   sing N N 41  
ASN CA  C    sing N N 42  
ASN CA  CB   sing N N 43  
ASN CA  HA   sing N N 44  
ASN C   O    doub N N 45  
ASN C   OXT  sing N N 46  
ASN CB  CG   sing N N 47  
ASN CB  HB2  sing N N 48  
ASN CB  HB3  sing N N 49  
ASN CG  OD1  doub N N 50  
ASN CG  ND2  sing N N 51  
ASN ND2 HD21 sing N N 52  
ASN ND2 HD22 sing N N 53  
ASN OXT HXT  sing N N 54  
ASP N   CA   sing N N 55  
ASP N   H    sing N N 56  
ASP N   H2   sing N N 57  
ASP CA  C    sing N N 58  
ASP CA  CB   sing N N 59  
ASP CA  HA   sing N N 60  
ASP C   O    doub N N 61  
ASP C   OXT  sing N N 62  
ASP CB  CG   sing N N 63  
ASP CB  HB2  sing N N 64  
ASP CB  HB3  sing N N 65  
ASP CG  OD1  doub N N 66  
ASP CG  OD2  sing N N 67  
ASP OD2 HD2  sing N N 68  
ASP OXT HXT  sing N N 69  
CYS N   CA   sing N N 70  
CYS N   H    sing N N 71  
CYS N   H2   sing N N 72  
CYS CA  C    sing N N 73  
CYS CA  CB   sing N N 74  
CYS CA  HA   sing N N 75  
CYS C   O    doub N N 76  
CYS C   OXT  sing N N 77  
CYS CB  SG   sing N N 78  
CYS CB  HB2  sing N N 79  
CYS CB  HB3  sing N N 80  
CYS SG  HG   sing N N 81  
CYS OXT HXT  sing N N 82  
GLN N   CA   sing N N 83  
GLN N   H    sing N N 84  
GLN N   H2   sing N N 85  
GLN CA  C    sing N N 86  
GLN CA  CB   sing N N 87  
GLN CA  HA   sing N N 88  
GLN C   O    doub N N 89  
GLN C   OXT  sing N N 90  
GLN CB  CG   sing N N 91  
GLN CB  HB2  sing N N 92  
GLN CB  HB3  sing N N 93  
GLN CG  CD   sing N N 94  
GLN CG  HG2  sing N N 95  
GLN CG  HG3  sing N N 96  
GLN CD  OE1  doub N N 97  
GLN CD  NE2  sing N N 98  
GLN NE2 HE21 sing N N 99  
GLN NE2 HE22 sing N N 100 
GLN OXT HXT  sing N N 101 
GLU N   CA   sing N N 102 
GLU N   H    sing N N 103 
GLU N   H2   sing N N 104 
GLU CA  C    sing N N 105 
GLU CA  CB   sing N N 106 
GLU CA  HA   sing N N 107 
GLU C   O    doub N N 108 
GLU C   OXT  sing N N 109 
GLU CB  CG   sing N N 110 
GLU CB  HB2  sing N N 111 
GLU CB  HB3  sing N N 112 
GLU CG  CD   sing N N 113 
GLU CG  HG2  sing N N 114 
GLU CG  HG3  sing N N 115 
GLU CD  OE1  doub N N 116 
GLU CD  OE2  sing N N 117 
GLU OE2 HE2  sing N N 118 
GLU OXT HXT  sing N N 119 
GLY N   CA   sing N N 120 
GLY N   H    sing N N 121 
GLY N   H2   sing N N 122 
GLY CA  C    sing N N 123 
GLY CA  HA2  sing N N 124 
GLY CA  HA3  sing N N 125 
GLY C   O    doub N N 126 
GLY C   OXT  sing N N 127 
GLY OXT HXT  sing N N 128 
HIS N   CA   sing N N 129 
HIS N   H    sing N N 130 
HIS N   H2   sing N N 131 
HIS CA  C    sing N N 132 
HIS CA  CB   sing N N 133 
HIS CA  HA   sing N N 134 
HIS C   O    doub N N 135 
HIS C   OXT  sing N N 136 
HIS CB  CG   sing N N 137 
HIS CB  HB2  sing N N 138 
HIS CB  HB3  sing N N 139 
HIS CG  ND1  sing Y N 140 
HIS CG  CD2  doub Y N 141 
HIS ND1 CE1  doub Y N 142 
HIS ND1 HD1  sing N N 143 
HIS CD2 NE2  sing Y N 144 
HIS CD2 HD2  sing N N 145 
HIS CE1 NE2  sing Y N 146 
HIS CE1 HE1  sing N N 147 
HIS NE2 HE2  sing N N 148 
HIS OXT HXT  sing N N 149 
HOH O   H1   sing N N 150 
HOH O   H2   sing N N 151 
ILE N   CA   sing N N 152 
ILE N   H    sing N N 153 
ILE N   H2   sing N N 154 
ILE CA  C    sing N N 155 
ILE CA  CB   sing N N 156 
ILE CA  HA   sing N N 157 
ILE C   O    doub N N 158 
ILE C   OXT  sing N N 159 
ILE CB  CG1  sing N N 160 
ILE CB  CG2  sing N N 161 
ILE CB  HB   sing N N 162 
ILE CG1 CD1  sing N N 163 
ILE CG1 HG12 sing N N 164 
ILE CG1 HG13 sing N N 165 
ILE CG2 HG21 sing N N 166 
ILE CG2 HG22 sing N N 167 
ILE CG2 HG23 sing N N 168 
ILE CD1 HD11 sing N N 169 
ILE CD1 HD12 sing N N 170 
ILE CD1 HD13 sing N N 171 
ILE OXT HXT  sing N N 172 
LEU N   CA   sing N N 173 
LEU N   H    sing N N 174 
LEU N   H2   sing N N 175 
LEU CA  C    sing N N 176 
LEU CA  CB   sing N N 177 
LEU CA  HA   sing N N 178 
LEU C   O    doub N N 179 
LEU C   OXT  sing N N 180 
LEU CB  CG   sing N N 181 
LEU CB  HB2  sing N N 182 
LEU CB  HB3  sing N N 183 
LEU CG  CD1  sing N N 184 
LEU CG  CD2  sing N N 185 
LEU CG  HG   sing N N 186 
LEU CD1 HD11 sing N N 187 
LEU CD1 HD12 sing N N 188 
LEU CD1 HD13 sing N N 189 
LEU CD2 HD21 sing N N 190 
LEU CD2 HD22 sing N N 191 
LEU CD2 HD23 sing N N 192 
LEU OXT HXT  sing N N 193 
LYS N   CA   sing N N 194 
LYS N   H    sing N N 195 
LYS N   H2   sing N N 196 
LYS CA  C    sing N N 197 
LYS CA  CB   sing N N 198 
LYS CA  HA   sing N N 199 
LYS C   O    doub N N 200 
LYS C   OXT  sing N N 201 
LYS CB  CG   sing N N 202 
LYS CB  HB2  sing N N 203 
LYS CB  HB3  sing N N 204 
LYS CG  CD   sing N N 205 
LYS CG  HG2  sing N N 206 
LYS CG  HG3  sing N N 207 
LYS CD  CE   sing N N 208 
LYS CD  HD2  sing N N 209 
LYS CD  HD3  sing N N 210 
LYS CE  NZ   sing N N 211 
LYS CE  HE2  sing N N 212 
LYS CE  HE3  sing N N 213 
LYS NZ  HZ1  sing N N 214 
LYS NZ  HZ2  sing N N 215 
LYS NZ  HZ3  sing N N 216 
LYS OXT HXT  sing N N 217 
MET N   CA   sing N N 218 
MET N   H    sing N N 219 
MET N   H2   sing N N 220 
MET CA  C    sing N N 221 
MET CA  CB   sing N N 222 
MET CA  HA   sing N N 223 
MET C   O    doub N N 224 
MET C   OXT  sing N N 225 
MET CB  CG   sing N N 226 
MET CB  HB2  sing N N 227 
MET CB  HB3  sing N N 228 
MET CG  SD   sing N N 229 
MET CG  HG2  sing N N 230 
MET CG  HG3  sing N N 231 
MET SD  CE   sing N N 232 
MET CE  HE1  sing N N 233 
MET CE  HE2  sing N N 234 
MET CE  HE3  sing N N 235 
MET OXT HXT  sing N N 236 
PHE N   CA   sing N N 237 
PHE N   H    sing N N 238 
PHE N   H2   sing N N 239 
PHE CA  C    sing N N 240 
PHE CA  CB   sing N N 241 
PHE CA  HA   sing N N 242 
PHE C   O    doub N N 243 
PHE C   OXT  sing N N 244 
PHE CB  CG   sing N N 245 
PHE CB  HB2  sing N N 246 
PHE CB  HB3  sing N N 247 
PHE CG  CD1  doub Y N 248 
PHE CG  CD2  sing Y N 249 
PHE CD1 CE1  sing Y N 250 
PHE CD1 HD1  sing N N 251 
PHE CD2 CE2  doub Y N 252 
PHE CD2 HD2  sing N N 253 
PHE CE1 CZ   doub Y N 254 
PHE CE1 HE1  sing N N 255 
PHE CE2 CZ   sing Y N 256 
PHE CE2 HE2  sing N N 257 
PHE CZ  HZ   sing N N 258 
PHE OXT HXT  sing N N 259 
PRO N   CA   sing N N 260 
PRO N   CD   sing N N 261 
PRO N   H    sing N N 262 
PRO CA  C    sing N N 263 
PRO CA  CB   sing N N 264 
PRO CA  HA   sing N N 265 
PRO C   O    doub N N 266 
PRO C   OXT  sing N N 267 
PRO CB  CG   sing N N 268 
PRO CB  HB2  sing N N 269 
PRO CB  HB3  sing N N 270 
PRO CG  CD   sing N N 271 
PRO CG  HG2  sing N N 272 
PRO CG  HG3  sing N N 273 
PRO CD  HD2  sing N N 274 
PRO CD  HD3  sing N N 275 
PRO OXT HXT  sing N N 276 
SER N   CA   sing N N 277 
SER N   H    sing N N 278 
SER N   H2   sing N N 279 
SER CA  C    sing N N 280 
SER CA  CB   sing N N 281 
SER CA  HA   sing N N 282 
SER C   O    doub N N 283 
SER C   OXT  sing N N 284 
SER CB  OG   sing N N 285 
SER CB  HB2  sing N N 286 
SER CB  HB3  sing N N 287 
SER OG  HG   sing N N 288 
SER OXT HXT  sing N N 289 
THR N   CA   sing N N 290 
THR N   H    sing N N 291 
THR N   H2   sing N N 292 
THR CA  C    sing N N 293 
THR CA  CB   sing N N 294 
THR CA  HA   sing N N 295 
THR C   O    doub N N 296 
THR C   OXT  sing N N 297 
THR CB  OG1  sing N N 298 
THR CB  CG2  sing N N 299 
THR CB  HB   sing N N 300 
THR OG1 HG1  sing N N 301 
THR CG2 HG21 sing N N 302 
THR CG2 HG22 sing N N 303 
THR CG2 HG23 sing N N 304 
THR OXT HXT  sing N N 305 
TRP N   CA   sing N N 306 
TRP N   H    sing N N 307 
TRP N   H2   sing N N 308 
TRP CA  C    sing N N 309 
TRP CA  CB   sing N N 310 
TRP CA  HA   sing N N 311 
TRP C   O    doub N N 312 
TRP C   OXT  sing N N 313 
TRP CB  CG   sing N N 314 
TRP CB  HB2  sing N N 315 
TRP CB  HB3  sing N N 316 
TRP CG  CD1  doub Y N 317 
TRP CG  CD2  sing Y N 318 
TRP CD1 NE1  sing Y N 319 
TRP CD1 HD1  sing N N 320 
TRP CD2 CE2  doub Y N 321 
TRP CD2 CE3  sing Y N 322 
TRP NE1 CE2  sing Y N 323 
TRP NE1 HE1  sing N N 324 
TRP CE2 CZ2  sing Y N 325 
TRP CE3 CZ3  doub Y N 326 
TRP CE3 HE3  sing N N 327 
TRP CZ2 CH2  doub Y N 328 
TRP CZ2 HZ2  sing N N 329 
TRP CZ3 CH2  sing Y N 330 
TRP CZ3 HZ3  sing N N 331 
TRP CH2 HH2  sing N N 332 
TRP OXT HXT  sing N N 333 
TYR N   CA   sing N N 334 
TYR N   H    sing N N 335 
TYR N   H2   sing N N 336 
TYR CA  C    sing N N 337 
TYR CA  CB   sing N N 338 
TYR CA  HA   sing N N 339 
TYR C   O    doub N N 340 
TYR C   OXT  sing N N 341 
TYR CB  CG   sing N N 342 
TYR CB  HB2  sing N N 343 
TYR CB  HB3  sing N N 344 
TYR CG  CD1  doub Y N 345 
TYR CG  CD2  sing Y N 346 
TYR CD1 CE1  sing Y N 347 
TYR CD1 HD1  sing N N 348 
TYR CD2 CE2  doub Y N 349 
TYR CD2 HD2  sing N N 350 
TYR CE1 CZ   doub Y N 351 
TYR CE1 HE1  sing N N 352 
TYR CE2 CZ   sing Y N 353 
TYR CE2 HE2  sing N N 354 
TYR CZ  OH   sing N N 355 
TYR OH  HH   sing N N 356 
TYR OXT HXT  sing N N 357 
VAL N   CA   sing N N 358 
VAL N   H    sing N N 359 
VAL N   H2   sing N N 360 
VAL CA  C    sing N N 361 
VAL CA  CB   sing N N 362 
VAL CA  HA   sing N N 363 
VAL C   O    doub N N 364 
VAL C   OXT  sing N N 365 
VAL CB  CG1  sing N N 366 
VAL CB  CG2  sing N N 367 
VAL CB  HB   sing N N 368 
VAL CG1 HG11 sing N N 369 
VAL CG1 HG12 sing N N 370 
VAL CG1 HG13 sing N N 371 
VAL CG2 HG21 sing N N 372 
VAL CG2 HG22 sing N N 373 
VAL CG2 HG23 sing N N 374 
VAL OXT HXT  sing N N 375 
Y0D O1  C1   doub N N 376 
Y0D C1  N1   sing N N 377 
Y0D N1  C2   sing N N 378 
Y0D C2  C3   sing N N 379 
Y0D C3  C4   sing N N 380 
Y0D C4  C5   sing N N 381 
Y0D C1  N2   sing N N 382 
Y0D N2  C6   sing N N 383 
Y0D C6  C7   sing N N 384 
Y0D C7  N3   sing N N 385 
Y0D N3  C8   sing N N 386 
Y0D C8  O2   doub N N 387 
Y0D C8  C9   sing N N 388 
Y0D C9  C10  doub Y N 389 
Y0D C10 C11  sing Y N 390 
Y0D C11 C12  doub Y N 391 
Y0D C12 S1   sing Y N 392 
Y0D N3  C13  sing N N 393 
Y0D C13 C14  sing N N 394 
Y0D C3  C5   sing N N 395 
Y0D N2  C14  sing N N 396 
Y0D C9  S1   sing Y N 397 
Y0D N1  H1   sing N N 398 
Y0D C4  H5   sing N N 399 
Y0D C4  H6   sing N N 400 
Y0D C5  H7   sing N N 401 
Y0D C5  H8   sing N N 402 
Y0D C6  H10  sing N N 403 
Y0D C6  H9   sing N N 404 
Y0D C7  H12  sing N N 405 
Y0D C7  H11  sing N N 406 
Y0D C10 H13  sing N N 407 
Y0D C13 H17  sing N N 408 
Y0D C13 H16  sing N N 409 
Y0D C11 H14  sing N N 410 
Y0D C12 H15  sing N N 411 
Y0D C14 H19  sing N N 412 
Y0D C14 H18  sing N N 413 
Y0D C2  H3   sing N N 414 
Y0D C2  H2   sing N N 415 
Y0D C3  H4   sing N N 416 
# 
_pdbx_deposit_group.group_id            G_1002190 
_pdbx_deposit_group.group_description   
;XDomainX of XOrganismX PHIP screened against crude reaction mixtures by X-ray Crystallography at the XChem facility of Diamond Light Source beamline I04-1
;
_pdbx_deposit_group.group_title         'PanDDA analysis group deposition' 
_pdbx_deposit_group.group_type          'changed state' 
# 
_atom_sites.entry_id                    5S9C 
_atom_sites.fract_transf_matrix[1][1]   -0.00372288 
_atom_sites.fract_transf_matrix[1][2]   -0.00727730 
_atom_sites.fract_transf_matrix[1][3]   -0.00940556 
_atom_sites.fract_transf_matrix[2][1]   0.01883365 
_atom_sites.fract_transf_matrix[2][2]   -0.02809623 
_atom_sites.fract_transf_matrix[2][3]   0.01428403 
_atom_sites.fract_transf_matrix[3][1]   -0.01540927 
_atom_sites.fract_transf_matrix[3][2]   -0.00674640 
_atom_sites.fract_transf_matrix[3][3]   0.00704734 
_atom_sites.fract_transf_vector[1]      -0.146343 
_atom_sites.fract_transf_vector[2]      0.452836 
_atom_sites.fract_transf_vector[3]      0.229508 
# 
loop_
_atom_type.symbol 
C 
N 
O 
S 
# 
loop_
_atom_site.group_PDB 
_atom_site.id 
_atom_site.type_symbol 
_atom_site.label_atom_id 
_atom_site.label_alt_id 
_atom_site.label_comp_id 
_atom_site.label_asym_id 
_atom_site.label_entity_id 
_atom_site.label_seq_id 
_atom_site.pdbx_PDB_ins_code 
_atom_site.Cartn_x 
_atom_site.Cartn_y 
_atom_site.Cartn_z 
_atom_site.occupancy 
_atom_site.B_iso_or_equiv 
_atom_site.pdbx_formal_charge 
_atom_site.auth_seq_id 
_atom_site.auth_comp_id 
_atom_site.auth_asym_id 
_atom_site.auth_atom_id 
_atom_site.pdbx_PDB_model_num 
ATOM   1    N N   . TYR A 1 25  ? 18.523  5.509   -14.064 1.00 21.62 ? 1316 TYR A N   1 
ATOM   2    C CA  . TYR A 1 25  ? 17.555  5.825   -15.123 1.00 19.97 ? 1316 TYR A CA  1 
ATOM   3    C C   . TYR A 1 25  ? 16.924  4.517   -15.625 1.00 16.14 ? 1316 TYR A C   1 
ATOM   4    O O   . TYR A 1 25  ? 16.421  4.485   -16.745 1.00 16.22 ? 1316 TYR A O   1 
ATOM   5    C CB  . TYR A 1 25  ? 18.139  6.645   -16.259 1.00 23.99 ? 1316 TYR A CB  1 
ATOM   6    C CG  . TYR A 1 25  ? 18.759  7.958   -15.865 1.00 23.45 ? 1316 TYR A CG  1 
ATOM   7    C CD1 . TYR A 1 25  ? 18.087  8.913   -15.111 1.00 24.40 ? 1316 TYR A CD1 1 
ATOM   8    C CD2 . TYR A 1 25  ? 20.018  8.257   -16.354 1.00 24.55 ? 1316 TYR A CD2 1 
ATOM   9    C CE1 . TYR A 1 25  ? 18.692  10.125  -14.802 1.00 23.30 ? 1316 TYR A CE1 1 
ATOM   10   C CE2 . TYR A 1 25  ? 20.639  9.456   -16.046 1.00 23.36 ? 1316 TYR A CE2 1 
ATOM   11   C CZ  . TYR A 1 25  ? 19.963  10.395  -15.290 1.00 24.42 ? 1316 TYR A CZ  1 
ATOM   12   O OH  . TYR A 1 25  ? 20.583  11.595  -15.020 1.00 24.91 ? 1316 TYR A OH  1 
ATOM   13   N N   . ASP A 1 26  ? 16.899  3.510   -14.769 1.00 14.39 ? 1317 ASP A N   1 
ATOM   14   C CA  . ASP A 1 26  ? 16.243  2.208   -15.081 1.00 13.07 ? 1317 ASP A CA  1 
ATOM   15   C C   . ASP A 1 26  ? 14.750  2.381   -14.847 1.00 13.13 ? 1317 ASP A C   1 
ATOM   16   O O   . ASP A 1 26  ? 14.298  2.482   -13.698 1.00 14.23 ? 1317 ASP A O   1 
ATOM   17   C CB  . ASP A 1 26  ? 16.846  1.076   -14.275 1.00 13.61 ? 1317 ASP A CB  1 
ATOM   18   C CG  . ASP A 1 26  ? 16.263  -0.294  -14.515 1.00 13.72 ? 1317 ASP A CG  1 
ATOM   19   O OD1 . ASP A 1 26  ? 15.170  -0.390  -15.106 1.00 14.87 ? 1317 ASP A OD1 1 
ATOM   20   O OD2 . ASP A 1 26  ? 16.969  -1.260  -14.147 1.00 18.54 ? 1317 ASP A OD2 1 
ATOM   21   N N   . ILE A 1 27  ? 13.956  2.409   -15.906 0.50 12.83 ? 1318 ILE A N   1 
ATOM   22   C CA  . ILE A 1 27  ? 12.503  2.675   -15.737 0.50 13.40 ? 1318 ILE A CA  1 
ATOM   23   C C   . ILE A 1 27  ? 11.792  1.418   -15.232 0.50 13.19 ? 1318 ILE A C   1 
ATOM   24   O O   . ILE A 1 27  ? 10.698  1.578   -14.700 0.50 12.89 ? 1318 ILE A O   1 
ATOM   25   C CB  . ILE A 1 27  ? 11.888  3.260   -17.015 0.50 14.46 ? 1318 ILE A CB  1 
ATOM   26   C CG1 . ILE A 1 27  ? 11.972  2.314   -18.208 0.50 15.77 ? 1318 ILE A CG1 1 
ATOM   27   C CG2 . ILE A 1 27  ? 12.531  4.600   -17.332 0.50 15.00 ? 1318 ILE A CG2 1 
ATOM   28   C CD1 . ILE A 1 27  ? 11.541  2.971   -19.476 0.50 15.59 ? 1318 ILE A CD1 1 
ATOM   29   N N   . GLN A 1 28  ? 12.437  0.252   -15.234 1.00 12.35 ? 1319 GLN A N   1 
ATOM   30   C CA  . GLN A 1 28  ? 11.801  -0.992  -14.701 1.00 13.25 ? 1319 GLN A CA  1 
ATOM   31   C C   . GLN A 1 28  ? 12.142  -1.228  -13.236 1.00 14.18 ? 1319 GLN A C   1 
ATOM   32   O O   . GLN A 1 28  ? 11.547  -2.126  -12.605 1.00 13.79 ? 1319 GLN A O   1 
ATOM   33   C CB  . GLN A 1 28  ? 12.143  -2.237  -15.523 1.00 13.88 ? 1319 GLN A CB  1 
ATOM   34   C CG  . GLN A 1 28  ? 11.345  -2.261  -16.818 1.00 14.10 ? 1319 GLN A CG  1 
ATOM   35   C CD  . GLN A 1 28  ? 12.080  -1.656  -17.997 1.00 13.74 ? 1319 GLN A CD  1 
ATOM   36   O OE1 . GLN A 1 28  ? 13.257  -1.939  -18.239 1.00 14.58 ? 1319 GLN A OE1 1 
ATOM   37   N NE2 . GLN A 1 28  ? 11.379  -0.879  -18.759 1.00 14.53 ? 1319 GLN A NE2 1 
ATOM   38   N N   . ALA A 1 29  ? 13.094  -0.473  -12.643 1.00 14.33 ? 1320 ALA A N   1 
ATOM   39   C CA  . ALA A 1 29  ? 13.676  -0.847  -11.342 1.00 13.45 ? 1320 ALA A CA  1 
ATOM   40   C C   . ALA A 1 29  ? 12.607  -0.776  -10.225 1.00 12.07 ? 1320 ALA A C   1 
ATOM   41   O O   . ALA A 1 29  ? 12.793  -1.480  -9.242  1.00 13.70 ? 1320 ALA A O   1 
ATOM   42   C CB  . ALA A 1 29  ? 14.877  0.036   -11.037 1.00 14.00 ? 1320 ALA A CB  1 
ATOM   43   N N   . TRP A 1 30  ? 11.594  0.059   -10.387 1.00 11.88 ? 1321 TRP A N   1 
ATOM   44   C CA  . TRP A 1 30  ? 10.573  0.234   -9.339  1.00 11.84 ? 1321 TRP A CA  1 
ATOM   45   C C   . TRP A 1 30  ? 9.954   -1.106  -8.962  1.00 13.18 ? 1321 TRP A C   1 
ATOM   46   O O   . TRP A 1 30  ? 9.548   -1.250  -7.795  1.00 12.63 ? 1321 TRP A O   1 
ATOM   47   C CB  . TRP A 1 30  ? 9.519   1.217   -9.783  1.00 12.92 ? 1321 TRP A CB  1 
ATOM   48   C CG  . TRP A 1 30  ? 8.742   0.723   -10.958 1.00 13.17 ? 1321 TRP A CG  1 
ATOM   49   C CD1 . TRP A 1 30  ? 9.099   0.811   -12.262 1.00 13.39 ? 1321 TRP A CD1 1 
ATOM   50   C CD2 . TRP A 1 30  ? 7.529   -0.057  -10.924 1.00 13.12 ? 1321 TRP A CD2 1 
ATOM   51   N NE1 . TRP A 1 30  ? 8.198   0.145   -13.051 1.00 14.14 ? 1321 TRP A NE1 1 
ATOM   52   C CE2 . TRP A 1 30  ? 7.197   -0.322  -12.270 1.00 13.42 ? 1321 TRP A CE2 1 
ATOM   53   C CE3 . TRP A 1 30  ? 6.649   -0.472  -9.924  1.00 13.33 ? 1321 TRP A CE3 1 
ATOM   54   C CZ2 . TRP A 1 30  ? 6.063   -1.042  -12.634 1.00 14.85 ? 1321 TRP A CZ2 1 
ATOM   55   C CZ3 . TRP A 1 30  ? 5.519   -1.176  -10.274 1.00 14.33 ? 1321 TRP A CZ3 1 
ATOM   56   C CH2 . TRP A 1 30  ? 5.246   -1.462  -11.616 1.00 15.32 ? 1321 TRP A CH2 1 
ATOM   57   N N   . LYS A 1 31  ? 9.863   -2.081  -9.882  1.00 12.43 ? 1322 LYS A N   1 
ATOM   58   C CA  . LYS A 1 31  ? 9.040   -3.254  -9.588  1.00 12.89 ? 1322 LYS A CA  1 
ATOM   59   C C   . LYS A 1 31  ? 9.716   -4.105  -8.510  1.00 13.13 ? 1322 LYS A C   1 
ATOM   60   O O   . LYS A 1 31  ? 9.089   -4.417  -7.474  1.00 14.20 ? 1322 LYS A O   1 
ATOM   61   C CB  . LYS A 1 31  ? 8.757   -3.993  -10.888 1.00 12.81 ? 1322 LYS A CB  1 
ATOM   62   C CG  . LYS A 1 31  ? 7.971   -5.279  -10.651 1.00 13.42 ? 1322 LYS A CG  1 
ATOM   63   C CD  . LYS A 1 31  ? 7.533   -5.885  -11.933 1.00 14.12 ? 1322 LYS A CD  1 
ATOM   64   C CE  . LYS A 1 31  ? 6.622   -7.086  -11.753 1.00 14.38 ? 1322 LYS A CE  1 
ATOM   65   N NZ  . LYS A 1 31  ? 6.280   -7.633  -13.084 1.00 15.57 ? 1322 LYS A NZ  1 
ATOM   66   N N   . LYS A 1 32  ? 10.991  -4.397  -8.666  1.00 15.25 ? 1323 LYS A N   1 
ATOM   67   C CA  . LYS A 1 32  ? 11.700  -5.148  -7.625  1.00 14.63 ? 1323 LYS A CA  1 
ATOM   68   C C   . LYS A 1 32  ? 11.806  -4.305  -6.339  1.00 13.87 ? 1323 LYS A C   1 
ATOM   69   O O   . LYS A 1 32  ? 11.700  -4.855  -5.255  1.00 15.28 ? 1323 LYS A O   1 
ATOM   70   C CB  . LYS A 1 32  ? 13.083  -5.543  -8.128  1.00 17.62 ? 1323 LYS A CB  1 
ATOM   71   C CG  . LYS A 1 32  ? 13.857  -6.419  -7.185  1.00 23.72 ? 1323 LYS A CG  1 
ATOM   72   C CD  . LYS A 1 32  ? 15.181  -6.867  -7.809  1.00 26.54 ? 1323 LYS A CD  1 
ATOM   73   N N   . GLN A 1 33  ? 11.971  -2.995  -6.461  1.00 14.28 ? 1324 GLN A N   1 
ATOM   74   C CA  . GLN A 1 33  ? 12.031  -2.138  -5.261  1.00 14.20 ? 1324 GLN A CA  1 
ATOM   75   C C   . GLN A 1 33  ? 10.693  -2.246  -4.501  1.00 14.63 ? 1324 GLN A C   1 
ATOM   76   O O   . GLN A 1 33  ? 10.684  -2.365  -3.262  1.00 14.53 ? 1324 GLN A O   1 
ATOM   77   C CB  . GLN A 1 33  ? 12.297  -0.691  -5.635  1.00 15.03 ? 1324 GLN A CB  1 
ATOM   78   C CG  . GLN A 1 33  ? 13.732  -0.506  -6.100  1.00 15.62 ? 1324 GLN A CG  1 
ATOM   79   C CD  . GLN A 1 33  ? 13.906  0.748   -6.883  1.00 15.85 ? 1324 GLN A CD  1 
ATOM   80   O OE1 . GLN A 1 33  ? 13.009  1.539   -7.103  1.00 16.71 ? 1324 GLN A OE1 1 
ATOM   81   N NE2 . GLN A 1 33  ? 15.119  0.945   -7.382  1.00 17.36 ? 1324 GLN A NE2 1 
ATOM   82   N N   . CYS A 1 34  ? 9.572   -2.269  -5.221  1.00 13.74 ? 1325 CYS A N   1 
ATOM   83   C CA  . CYS A 1 34  ? 8.263   -2.477  -4.580  1.00 12.51 ? 1325 CYS A CA  1 
ATOM   84   C C   . CYS A 1 34  ? 8.113   -3.880  -4.016  1.00 14.06 ? 1325 CYS A C   1 
ATOM   85   O O   . CYS A 1 34  ? 7.531   -4.028  -2.940  1.00 13.16 ? 1325 CYS A O   1 
ATOM   86   C CB  . CYS A 1 34  ? 7.160   -2.132  -5.550  1.00 13.21 ? 1325 CYS A CB  1 
ATOM   87   S SG  . CYS A 1 34  ? 6.972   -0.370  -5.868  1.00 13.78 ? 1325 CYS A SG  1 
ATOM   88   N N   . GLU A 1 35  ? 8.593   -4.911  -4.685  1.00 13.79 ? 1326 GLU A N   1 
ATOM   89   C CA  . GLU A 1 35  ? 8.562   -6.273  -4.152  1.00 14.29 ? 1326 GLU A CA  1 
ATOM   90   C C   . GLU A 1 35  ? 9.311   -6.304  -2.823  1.00 14.13 ? 1326 GLU A C   1 
ATOM   91   O O   . GLU A 1 35  ? 8.803   -6.898  -1.864  1.00 16.58 ? 1326 GLU A O   1 
ATOM   92   C CB  . GLU A 1 35  ? 9.208   -7.250  -5.136  1.00 16.90 ? 1326 GLU A CB  1 
ATOM   93   C CG  . GLU A 1 35  ? 8.454   -7.448  -6.414  1.00 20.52 ? 1326 GLU A CG  1 
ATOM   94   C CD  . GLU A 1 35  ? 9.176   -8.263  -7.474  1.00 24.36 ? 1326 GLU A CD  1 
ATOM   95   O OE1 . GLU A 1 35  ? 10.362  -8.584  -7.289  1.00 25.74 ? 1326 GLU A OE1 1 
ATOM   96   O OE2 . GLU A 1 35  ? 8.536   -8.555  -8.498  1.00 27.18 ? 1326 GLU A OE2 1 
ATOM   97   N N   . GLU A 1 36  ? 10.471  -5.683  -2.757  1.00 15.96 ? 1327 GLU A N   1 
ATOM   98   C CA  . GLU A 1 36  ? 11.299  -5.703  -1.543  1.00 17.22 ? 1327 GLU A CA  1 
ATOM   99   C C   . GLU A 1 36  ? 10.564  -4.949  -0.444  1.00 15.48 ? 1327 GLU A C   1 
ATOM   100  O O   . GLU A 1 36  ? 10.571  -5.429  0.690   1.00 16.89 ? 1327 GLU A O   1 
ATOM   101  C CB  . GLU A 1 36  ? 12.691  -5.153  -1.862  1.00 21.89 ? 1327 GLU A CB  1 
ATOM   102  C CG  . GLU A 1 36  ? 13.463  -6.024  -2.851  1.00 29.46 ? 1327 GLU A CG  1 
ATOM   103  C CD  . GLU A 1 36  ? 13.609  -7.499  -2.500  1.00 39.13 ? 1327 GLU A CD  1 
ATOM   104  O OE1 . GLU A 1 36  ? 14.021  -7.810  -1.355  1.00 48.98 ? 1327 GLU A OE1 1 
ATOM   105  O OE2 . GLU A 1 36  ? 13.312  -8.349  -3.365  1.00 46.12 ? 1327 GLU A OE2 1 
ATOM   106  N N   . LEU A 1 37  ? 9.980   -3.795  -0.754  1.00 15.65 ? 1328 LEU A N   1 
ATOM   107  C CA  . LEU A 1 37  ? 9.262   -3.023  0.283   1.00 14.02 ? 1328 LEU A CA  1 
ATOM   108  C C   . LEU A 1 37  ? 8.044   -3.810  0.766   1.00 13.74 ? 1328 LEU A C   1 
ATOM   109  O O   . LEU A 1 37  ? 7.762   -3.841  1.986   1.00 14.04 ? 1328 LEU A O   1 
ATOM   110  C CB  . LEU A 1 37  ? 8.888   -1.675  -0.291  1.00 14.18 ? 1328 LEU A CB  1 
ATOM   111  C CG  . LEU A 1 37  ? 8.053   -0.770  0.603   1.00 14.65 ? 1328 LEU A CG  1 
ATOM   112  C CD1 . LEU A 1 37  ? 8.696   -0.558  1.966   1.00 16.06 ? 1328 LEU A CD1 1 
ATOM   113  C CD2 . LEU A 1 37  ? 7.867   0.548   -0.051  1.00 15.66 ? 1328 LEU A CD2 1 
ATOM   114  N N   . LEU A 1 38  ? 7.347   -4.494  -0.126  1.00 14.37 ? 1329 LEU A N   1 
ATOM   115  C CA  . LEU A 1 38  ? 6.200   -5.318  0.311   1.00 14.15 ? 1329 LEU A CA  1 
ATOM   116  C C   . LEU A 1 38  ? 6.696   -6.412  1.227   1.00 15.81 ? 1329 LEU A C   1 
ATOM   117  O O   . LEU A 1 38  ? 6.050   -6.690  2.220   1.00 17.12 ? 1329 LEU A O   1 
ATOM   118  C CB  . LEU A 1 38  ? 5.442   -5.880  -0.888  1.00 14.99 ? 1329 LEU A CB  1 
ATOM   119  C CG  . LEU A 1 38  ? 4.610   -4.858  -1.636  1.00 14.72 ? 1329 LEU A CG  1 
ATOM   120  C CD1 . LEU A 1 38  ? 4.144   -5.452  -2.958  1.00 15.98 ? 1329 LEU A CD1 1 
ATOM   121  C CD2 . LEU A 1 38  ? 3.419   -4.378  -0.820  1.00 17.02 ? 1329 LEU A CD2 1 
ATOM   122  N N   . ASN A 1 39  ? 7.829   -7.016  0.931   1.00 16.73 ? 1330 ASN A N   1 
ATOM   123  C CA  . ASN A 1 39  ? 8.421   -8.055  1.807   1.00 20.16 ? 1330 ASN A CA  1 
ATOM   124  C C   . ASN A 1 39  ? 8.654   -7.462  3.205   1.00 18.41 ? 1330 ASN A C   1 
ATOM   125  O O   . ASN A 1 39  ? 8.288   -8.129  4.220   1.00 20.16 ? 1330 ASN A O   1 
ATOM   126  C CB  . ASN A 1 39  ? 9.714   -8.601  1.212   1.00 22.02 ? 1330 ASN A CB  1 
ATOM   127  C CG  . ASN A 1 39  ? 9.505   -9.547  0.049   1.00 24.96 ? 1330 ASN A CG  1 
ATOM   128  O OD1 . ASN A 1 39  ? 8.406   -10.035 -0.191  1.00 30.40 ? 1330 ASN A OD1 1 
ATOM   129  N ND2 . ASN A 1 39  ? 10.576  -9.815  -0.686  1.00 26.94 ? 1330 ASN A ND2 1 
ATOM   130  N N   . LEU A 1 40  ? 9.241   -6.281  3.289   1.00 16.61 ? 1331 LEU A N   1 
ATOM   131  C CA  . LEU A 1 40  ? 9.484   -5.618  4.592   1.00 18.27 ? 1331 LEU A CA  1 
ATOM   132  C C   . LEU A 1 40  ? 8.147   -5.384  5.276   1.00 18.19 ? 1331 LEU A C   1 
ATOM   133  O O   . LEU A 1 40  ? 8.017   -5.671  6.491   1.00 17.80 ? 1331 LEU A O   1 
ATOM   134  C CB  . LEU A 1 40  ? 10.207  -4.297  4.412   1.00 18.40 ? 1331 LEU A CB  1 
ATOM   135  C CG  . LEU A 1 40  ? 11.655  -4.405  3.936   1.00 18.44 ? 1331 LEU A CG  1 
ATOM   136  C CD1 . LEU A 1 40  ? 12.232  -3.038  3.664   1.00 20.90 ? 1331 LEU A CD1 1 
ATOM   137  C CD2 . LEU A 1 40  ? 12.515  -5.217  4.917   1.00 22.07 ? 1331 LEU A CD2 1 
ATOM   138  N N   . ILE A 1 41  ? 7.149   -4.919  4.536   1.00 15.47 ? 1332 ILE A N   1 
ATOM   139  C CA  . ILE A 1 41  ? 5.832   -4.644  5.150   1.00 14.71 ? 1332 ILE A CA  1 
ATOM   140  C C   . ILE A 1 41  ? 5.248   -5.953  5.699   1.00 15.37 ? 1332 ILE A C   1 
ATOM   141  O O   . ILE A 1 41  ? 4.748   -5.948  6.828   1.00 14.57 ? 1332 ILE A O   1 
ATOM   142  C CB  . ILE A 1 41  ? 4.916   -3.971  4.123   1.00 14.47 ? 1332 ILE A CB  1 
ATOM   143  C CG1 . ILE A 1 41  ? 5.394   -2.524  3.936   1.00 15.20 ? 1332 ILE A CG1 1 
ATOM   144  C CG2 . ILE A 1 41  ? 3.459   -4.072  4.531   1.00 13.90 ? 1332 ILE A CG2 1 
ATOM   145  C CD1 . ILE A 1 41  ? 4.781   -1.855  2.792   1.00 16.37 ? 1332 ILE A CD1 1 
ATOM   146  N N   . PHE A 1 42  ? 5.305   -7.044  4.952   1.00 17.50 ? 1333 PHE A N   1 
ATOM   147  C CA  . PHE A 1 42  ? 4.801   -8.365  5.435   1.00 19.63 ? 1333 PHE A CA  1 
ATOM   148  C C   . PHE A 1 42  ? 5.566   -8.827  6.682   1.00 21.11 ? 1333 PHE A C   1 
ATOM   149  O O   . PHE A 1 42  ? 4.894   -9.415  7.565   1.00 28.26 ? 1333 PHE A O   1 
ATOM   150  C CB  . PHE A 1 42  ? 4.806   -9.392  4.298   1.00 19.86 ? 1333 PHE A CB  1 
ATOM   151  C CG  . PHE A 1 42  ? 3.546   -9.396  3.472   1.00 19.33 ? 1333 PHE A CG  1 
ATOM   152  C CD1 . PHE A 1 42  ? 3.413   -8.594  2.341   1.00 20.44 ? 1333 PHE A CD1 1 
ATOM   153  C CD2 . PHE A 1 42  ? 2.485   -10.222 3.815   1.00 20.98 ? 1333 PHE A CD2 1 
ATOM   154  C CE1 . PHE A 1 42  ? 2.268   -8.652  1.561   1.00 20.64 ? 1333 PHE A CE1 1 
ATOM   155  C CE2 . PHE A 1 42  ? 1.316   -10.238 3.052   1.00 23.18 ? 1333 PHE A CE2 1 
ATOM   156  C CZ  . PHE A 1 42  ? 1.208   -9.438  1.941   1.00 22.65 ? 1333 PHE A CZ  1 
ATOM   157  N N   . GLN A 1 43  ? 6.839   -8.480  6.845   1.00 21.57 ? 1334 GLN A N   1 
ATOM   158  C CA  . GLN A 1 43  ? 7.641   -8.857  8.058   1.00 24.51 ? 1334 GLN A CA  1 
ATOM   159  C C   . GLN A 1 43  ? 7.249   -8.017  9.279   1.00 23.96 ? 1334 GLN A C   1 
ATOM   160  O O   . GLN A 1 43  ? 7.486   -8.437  10.426  1.00 26.17 ? 1334 GLN A O   1 
ATOM   161  C CB  . GLN A 1 43  ? 9.146   -8.726  7.796   1.00 27.34 ? 1334 GLN A CB  1 
ATOM   162  C CG  . GLN A 1 43  ? 9.735   -9.937  7.072   1.00 31.48 ? 1334 GLN A CG  1 
ATOM   163  C CD  . GLN A 1 43  ? 9.752   -11.232 7.873   1.00 36.52 ? 1334 GLN A CD  1 
ATOM   164  O OE1 . GLN A 1 43  ? 10.008  -11.252 9.097   1.00 34.75 ? 1334 GLN A OE1 1 
ATOM   165  N NE2 . GLN A 1 43  ? 9.514   -12.353 7.183   1.00 32.87 ? 1334 GLN A NE2 1 
ATOM   166  N N   A CYS A 1 44  ? 6.714   -6.806  9.052   0.15 21.19 ? 1335 CYS A N   1 
ATOM   167  N N   B CYS A 1 44  ? 6.619   -6.877  9.033   0.16 20.85 ? 1335 CYS A N   1 
ATOM   168  C CA  A CYS A 1 44  ? 6.255   -5.863  10.113  0.15 19.50 ? 1335 CYS A CA  1 
ATOM   169  C CA  B CYS A 1 44  ? 6.250   -5.902  10.075  0.16 18.98 ? 1335 CYS A CA  1 
ATOM   170  C C   A CYS A 1 44  ? 5.019   -6.440  10.808  0.15 17.98 ? 1335 CYS A C   1 
ATOM   171  C C   B CYS A 1 44  ? 4.986   -6.370  10.809  0.16 17.54 ? 1335 CYS A C   1 
ATOM   172  O O   A CYS A 1 44  ? 4.052   -6.783  10.109  0.15 16.55 ? 1335 CYS A O   1 
ATOM   173  O O   B CYS A 1 44  ? 3.962   -6.565  10.144  0.16 15.39 ? 1335 CYS A O   1 
ATOM   174  C CB  A CYS A 1 44  ? 5.878   -4.488  9.567   0.15 19.54 ? 1335 CYS A CB  1 
ATOM   175  C CB  B CYS A 1 44  ? 6.034   -4.547  9.429   0.16 18.83 ? 1335 CYS A CB  1 
ATOM   176  S SG  A CYS A 1 44  ? 7.289   -3.497  9.018   0.15 20.91 ? 1335 CYS A SG  1 
ATOM   177  S SG  B CYS A 1 44  ? 5.894   -3.264  10.682  0.16 20.04 ? 1335 CYS A SG  1 
ATOM   178  N N   . GLU A 1 45  ? 5.031   -6.500  12.141  1.00 17.29 ? 1336 GLU A N   1 
ATOM   179  C CA  . GLU A 1 45  ? 3.826   -6.911  12.903  1.00 16.25 ? 1336 GLU A CA  1 
ATOM   180  C C   . GLU A 1 45  ? 2.651   -5.964  12.650  1.00 15.64 ? 1336 GLU A C   1 
ATOM   181  O O   . GLU A 1 45  ? 1.495   -6.428  12.599  1.00 16.03 ? 1336 GLU A O   1 
ATOM   182  C CB  . GLU A 1 45  ? 4.131   -6.937  14.387  1.00 16.85 ? 1336 GLU A CB  1 
ATOM   183  C CG  . GLU A 1 45  ? 5.021   -8.106  14.724  1.00 19.06 ? 1336 GLU A CG  1 
ATOM   184  C CD  . GLU A 1 45  ? 5.468   -8.157  16.165  1.00 22.13 ? 1336 GLU A CD  1 
ATOM   185  O OE1 . GLU A 1 45  ? 4.991   -7.326  17.017  1.00 23.67 ? 1336 GLU A OE1 1 
ATOM   186  O OE2 . GLU A 1 45  ? 6.280   -9.079  16.457  1.00 23.92 ? 1336 GLU A OE2 1 
ATOM   187  N N   . ASP A 1 46  ? 2.955   -4.712  12.389  1.00 14.93 ? 1337 ASP A N   1 
ATOM   188  C CA  . ASP A 1 46  ? 1.899   -3.712  12.146  1.00 14.26 ? 1337 ASP A CA  1 
ATOM   189  C C   . ASP A 1 46  ? 1.108   -4.023  10.871  1.00 13.99 ? 1337 ASP A C   1 
ATOM   190  O O   . ASP A 1 46  ? 0.005   -3.461  10.716  1.00 14.04 ? 1337 ASP A O   1 
ATOM   191  C CB  . ASP A 1 46  ? 2.423   -2.293  12.091  1.00 14.84 ? 1337 ASP A CB  1 
ATOM   192  C CG  . ASP A 1 46  ? 2.767   -1.699  13.452  1.00 15.48 ? 1337 ASP A CG  1 
ATOM   193  O OD1 . ASP A 1 46  ? 2.215   -2.221  14.486  1.00 17.21 ? 1337 ASP A OD1 1 
ATOM   194  O OD2 . ASP A 1 46  ? 3.512   -0.725  13.469  1.00 16.27 ? 1337 ASP A OD2 1 
ATOM   195  N N   . SER A 1 47  ? 1.606   -4.844  9.959   1.00 14.17 ? 1338 SER A N   1 
ATOM   196  C CA  . SER A 1 47  ? 0.826   -5.146  8.735   1.00 13.81 ? 1338 SER A CA  1 
ATOM   197  C C   . SER A 1 47  ? -0.227  -6.240  8.926   1.00 13.85 ? 1338 SER A C   1 
ATOM   198  O O   . SER A 1 47  ? -1.039  -6.426  8.029   1.00 13.56 ? 1338 SER A O   1 
ATOM   199  C CB  . SER A 1 47  ? 1.697   -5.500  7.566   1.00 13.75 ? 1338 SER A CB  1 
ATOM   200  O OG  . SER A 1 47  ? 2.321   -6.771  7.752   1.00 15.09 ? 1338 SER A OG  1 
ATOM   201  N N   . GLU A 1 48  ? -0.203  -6.929  10.078  0.31 14.13 ? 1339 GLU A N   1 
ATOM   202  C CA  . GLU A 1 48  ? -1.050  -8.125  10.360  0.31 14.65 ? 1339 GLU A CA  1 
ATOM   203  C C   . GLU A 1 48  ? -2.474  -7.889  9.858   0.31 14.19 ? 1339 GLU A C   1 
ATOM   204  O O   . GLU A 1 48  ? -2.975  -8.665  9.046   0.31 14.54 ? 1339 GLU A O   1 
ATOM   205  C CB  . GLU A 1 48  ? -1.052  -8.505  11.845  0.31 15.32 ? 1339 GLU A CB  1 
ATOM   206  C CG  . GLU A 1 48  ? -1.982  -9.672  12.139  0.31 15.99 ? 1339 GLU A CG  1 
ATOM   207  C CD  . GLU A 1 48  ? -2.038  -10.151 13.577  0.31 17.20 ? 1339 GLU A CD  1 
ATOM   208  O OE1 . GLU A 1 48  ? -1.422  -9.516  14.442  0.31 17.54 ? 1339 GLU A OE1 1 
ATOM   209  O OE2 . GLU A 1 48  ? -2.717  -11.165 13.818  0.31 19.06 ? 1339 GLU A OE2 1 
ATOM   210  N N   . PRO A 1 49  ? -3.157  -6.810  10.307  1.00 14.27 ? 1340 PRO A N   1 
ATOM   211  C CA  . PRO A 1 49  ? -4.564  -6.584  9.958   1.00 13.53 ? 1340 PRO A CA  1 
ATOM   212  C C   . PRO A 1 49  ? -4.832  -6.293  8.484   1.00 12.86 ? 1340 PRO A C   1 
ATOM   213  O O   . PRO A 1 49  ? -5.989  -6.341  8.064   1.00 13.53 ? 1340 PRO A O   1 
ATOM   214  C CB  . PRO A 1 49  ? -4.946  -5.328  10.764  1.00 14.95 ? 1340 PRO A CB  1 
ATOM   215  C CG  . PRO A 1 49  ? -3.909  -5.264  11.850  1.00 15.31 ? 1340 PRO A CG  1 
ATOM   216  C CD  . PRO A 1 49  ? -2.630  -5.761  11.193  1.00 13.75 ? 1340 PRO A CD  1 
ATOM   217  N N   . PHE A 1 50  ? -3.780  -6.041  7.716   1.00 12.63 ? 1341 PHE A N   1 
ATOM   218  C CA  . PHE A 1 50  ? -3.890  -5.541  6.329   1.00 12.34 ? 1341 PHE A CA  1 
ATOM   219  C C   . PHE A 1 50  ? -3.315  -6.531  5.318   1.00 14.06 ? 1341 PHE A C   1 
ATOM   220  O O   . PHE A 1 50  ? -3.190  -6.180  4.142   1.00 14.12 ? 1341 PHE A O   1 
ATOM   221  C CB  . PHE A 1 50  ? -3.157  -4.191  6.269   1.00 11.67 ? 1341 PHE A CB  1 
ATOM   222  C CG  . PHE A 1 50  ? -3.548  -3.232  7.363   1.00 10.84 ? 1341 PHE A CG  1 
ATOM   223  C CD1 . PHE A 1 50  ? -4.823  -2.706  7.401   1.00 12.45 ? 1341 PHE A CD1 1 
ATOM   224  C CD2 . PHE A 1 50  ? -2.684  -2.929  8.388   1.00 12.38 ? 1341 PHE A CD2 1 
ATOM   225  C CE1 . PHE A 1 50  ? -5.228  -1.898  8.451   1.00 12.86 ? 1341 PHE A CE1 1 
ATOM   226  C CE2 . PHE A 1 50  ? -3.096  -2.105  9.419   1.00 13.18 ? 1341 PHE A CE2 1 
ATOM   227  C CZ  . PHE A 1 50  ? -4.354  -1.609  9.450   1.00 12.87 ? 1341 PHE A CZ  1 
ATOM   228  N N   . ARG A 1 51  ? -2.953  -7.736  5.740   1.00 14.12 ? 1342 ARG A N   1 
ATOM   229  C CA  . ARG A 1 51  ? -2.265  -8.680  4.847   1.00 14.77 ? 1342 ARG A CA  1 
ATOM   230  C C   . ARG A 1 51  ? -3.245  -9.360  3.926   1.00 16.23 ? 1342 ARG A C   1 
ATOM   231  O O   . ARG A 1 51  ? -2.769  -9.915  2.942   1.00 20.61 ? 1342 ARG A O   1 
ATOM   232  C CB  . ARG A 1 51  ? -1.506  -9.738  5.645   1.00 15.93 ? 1342 ARG A CB  1 
ATOM   233  C CG  . ARG A 1 51  ? -0.260  -9.152  6.291   1.00 16.80 ? 1342 ARG A CG  1 
ATOM   234  C CD  . ARG A 1 51  ? 0.405   -10.153 7.192   1.00 17.79 ? 1342 ARG A CD  1 
ATOM   235  N NE  . ARG A 1 51  ? 1.352   -9.470  8.023   1.00 19.27 ? 1342 ARG A NE  1 
ATOM   236  C CZ  . ARG A 1 51  ? 1.867   -9.959  9.130   1.00 20.97 ? 1342 ARG A CZ  1 
ATOM   237  N NH1 . ARG A 1 51  ? 1.553   -11.193 9.503   1.00 24.26 ? 1342 ARG A NH1 1 
ATOM   238  N NH2 . ARG A 1 51  ? 2.728   -9.239  9.824   1.00 19.91 ? 1342 ARG A NH2 1 
ATOM   239  N N   . GLN A 1 52  ? -4.521  -9.430  4.298   1.00 15.31 ? 1343 GLN A N   1 
ATOM   240  C CA  . GLN A 1 52  ? -5.556  -10.149 3.552   1.00 17.92 ? 1343 GLN A CA  1 
ATOM   241  C C   . GLN A 1 52  ? -6.787  -9.265  3.570   1.00 16.66 ? 1343 GLN A C   1 
ATOM   242  O O   . GLN A 1 52  ? -6.899  -8.381  4.430   1.00 15.78 ? 1343 GLN A O   1 
ATOM   243  C CB  . GLN A 1 52  ? -5.784  -11.545 4.157   1.00 20.30 ? 1343 GLN A CB  1 
ATOM   244  C CG  . GLN A 1 52  ? -4.554  -12.434 4.128   1.00 29.17 ? 1343 GLN A CG  1 
ATOM   245  C CD  . GLN A 1 52  ? -4.199  -12.924 2.741   1.00 34.41 ? 1343 GLN A CD  1 
ATOM   246  O OE1 . GLN A 1 52  ? -5.064  -13.151 1.892   1.00 44.05 ? 1343 GLN A OE1 1 
ATOM   247  N NE2 . GLN A 1 52  ? -2.909  -13.088 2.496   1.00 38.44 ? 1343 GLN A NE2 1 
ATOM   248  N N   . PRO A 1 53  ? -7.717  -9.460  2.605   0.31 17.91 ? 1344 PRO A N   1 
ATOM   249  C CA  . PRO A 1 53  ? -8.953  -8.689  2.550   0.31 18.69 ? 1344 PRO A CA  1 
ATOM   250  C C   . PRO A 1 53  ? -9.741  -8.859  3.853   0.31 19.58 ? 1344 PRO A C   1 
ATOM   251  O O   . PRO A 1 53  ? -9.735  -9.946  4.409   0.31 20.40 ? 1344 PRO A O   1 
ATOM   252  C CB  . PRO A 1 53  ? -9.735  -9.284  1.368   0.31 18.41 ? 1344 PRO A CB  1 
ATOM   253  C CG  . PRO A 1 53  ? -8.693  -9.999  0.542   0.31 18.48 ? 1344 PRO A CG  1 
ATOM   254  C CD  . PRO A 1 53  ? -7.635  -10.454 1.522   0.31 18.30 ? 1344 PRO A CD  1 
ATOM   255  N N   . VAL A 1 54  ? -10.394 -7.785  4.293   0.31 20.31 ? 1345 VAL A N   1 
ATOM   256  C CA  . VAL A 1 54  ? -11.144 -7.733  5.579   0.31 20.74 ? 1345 VAL A CA  1 
ATOM   257  C C   . VAL A 1 54  ? -12.084 -8.934  5.650   0.31 22.28 ? 1345 VAL A C   1 
ATOM   258  O O   . VAL A 1 54  ? -12.639 -9.327  4.600   0.31 22.59 ? 1345 VAL A O   1 
ATOM   259  C CB  . VAL A 1 54  ? -11.911 -6.410  5.735   0.31 20.90 ? 1345 VAL A CB  1 
ATOM   260  C CG1 . VAL A 1 54  ? -12.807 -6.419  6.969   0.31 21.01 ? 1345 VAL A CG1 1 
ATOM   261  C CG2 . VAL A 1 54  ? -10.949 -5.237  5.759   0.31 21.02 ? 1345 VAL A CG2 1 
ATOM   262  N N   . ASP A 1 55  ? -12.198 -9.500  6.851   0.31 23.77 ? 1346 ASP A N   1 
ATOM   263  C CA  . ASP A 1 55  ? -13.170 -10.559 7.212   0.31 24.88 ? 1346 ASP A CA  1 
ATOM   264  C C   . ASP A 1 55  ? -14.545 -9.897  7.341   0.31 24.71 ? 1346 ASP A C   1 
ATOM   265  O O   . ASP A 1 55  ? -14.803 -9.244  8.370   0.31 24.34 ? 1346 ASP A O   1 
ATOM   266  C CB  . ASP A 1 55  ? -12.727 -11.273 8.490   0.31 25.35 ? 1346 ASP A CB  1 
ATOM   267  C CG  . ASP A 1 55  ? -13.491 -12.554 8.764   0.31 26.08 ? 1346 ASP A CG  1 
ATOM   268  O OD1 . ASP A 1 55  ? -12.837 -13.561 9.101   0.31 28.36 ? 1346 ASP A OD1 1 
ATOM   269  O OD2 . ASP A 1 55  ? -14.729 -12.528 8.639   0.31 24.80 ? 1346 ASP A OD2 1 
ATOM   270  N N   . LEU A 1 56  ? -15.387 -10.055 6.320   0.31 24.83 ? 1347 LEU A N   1 
ATOM   271  C CA  . LEU A 1 56  ? -16.726 -9.419  6.234   0.31 25.22 ? 1347 LEU A CA  1 
ATOM   272  C C   . LEU A 1 56  ? -17.723 -10.149 7.144   0.31 25.07 ? 1347 LEU A C   1 
ATOM   273  O O   . LEU A 1 56  ? -18.853 -9.654  7.273   0.31 25.39 ? 1347 LEU A O   1 
ATOM   274  C CB  . LEU A 1 56  ? -17.183 -9.423  4.772   0.31 25.79 ? 1347 LEU A CB  1 
ATOM   275  C CG  . LEU A 1 56  ? -16.288 -8.644  3.807   0.31 26.39 ? 1347 LEU A CG  1 
ATOM   276  C CD1 . LEU A 1 56  ? -16.706 -8.877  2.362   0.31 26.48 ? 1347 LEU A CD1 1 
ATOM   277  C CD2 . LEU A 1 56  ? -16.303 -7.156  4.130   0.31 26.77 ? 1347 LEU A CD2 1 
ATOM   278  N N   . LEU A 1 57  ? -17.326 -11.275 7.750   0.31 25.66 ? 1348 LEU A N   1 
ATOM   279  C CA  . LEU A 1 57  ? -18.151 -12.009 8.747   0.31 25.05 ? 1348 LEU A CA  1 
ATOM   280  C C   . LEU A 1 57  ? -17.993 -11.328 10.110  0.31 24.97 ? 1348 LEU A C   1 
ATOM   281  O O   . LEU A 1 57  ? -19.017 -11.119 10.792  0.31 25.04 ? 1348 LEU A O   1 
ATOM   282  C CB  . LEU A 1 57  ? -17.717 -13.479 8.808   0.31 25.78 ? 1348 LEU A CB  1 
ATOM   283  C CG  . LEU A 1 57  ? -17.609 -14.202 7.466   0.31 26.07 ? 1348 LEU A CG  1 
ATOM   284  C CD1 . LEU A 1 57  ? -16.885 -15.529 7.627   0.31 26.34 ? 1348 LEU A CD1 1 
ATOM   285  C CD2 . LEU A 1 57  ? -18.983 -14.406 6.848   0.31 25.77 ? 1348 LEU A CD2 1 
ATOM   286  N N   . GLU A 1 58  ? -16.754 -10.995 10.482  0.31 24.16 ? 1349 GLU A N   1 
ATOM   287  C CA  . GLU A 1 58  ? -16.413 -10.343 11.774  0.31 24.31 ? 1349 GLU A CA  1 
ATOM   288  C C   . GLU A 1 58  ? -16.801 -8.859  11.702  0.31 24.03 ? 1349 GLU A C   1 
ATOM   289  O O   . GLU A 1 58  ? -17.119 -8.279  12.756  0.31 24.96 ? 1349 GLU A O   1 
ATOM   290  C CB  . GLU A 1 58  ? -14.925 -10.518 12.084  0.31 24.56 ? 1349 GLU A CB  1 
ATOM   291  C CG  . GLU A 1 58  ? -14.502 -11.963 12.291  0.31 25.34 ? 1349 GLU A CG  1 
ATOM   292  C CD  . GLU A 1 58  ? -15.374 -12.772 13.235  0.31 26.59 ? 1349 GLU A CD  1 
ATOM   293  O OE1 . GLU A 1 58  ? -15.951 -13.788 12.780  0.31 26.96 ? 1349 GLU A OE1 1 
ATOM   294  O OE2 . GLU A 1 58  ? -15.471 -12.385 14.420  0.31 27.04 ? 1349 GLU A OE2 1 
ATOM   295  N N   . TYR A 1 59  ? -16.774 -8.280  10.496  0.31 23.63 ? 1350 TYR A N   1 
ATOM   296  C CA  . TYR A 1 59  ? -17.113 -6.861  10.217  0.31 23.07 ? 1350 TYR A CA  1 
ATOM   297  C C   . TYR A 1 59  ? -18.180 -6.816  9.119   0.31 22.87 ? 1350 TYR A C   1 
ATOM   298  O O   . TYR A 1 59  ? -17.879 -6.510  7.964   0.31 22.26 ? 1350 TYR A O   1 
ATOM   299  C CB  . TYR A 1 59  ? -15.837 -6.096  9.847   0.31 22.26 ? 1350 TYR A CB  1 
ATOM   300  C CG  . TYR A 1 59  ? -14.798 -5.993  10.938  0.31 22.31 ? 1350 TYR A CG  1 
ATOM   301  C CD1 . TYR A 1 59  ? -14.845 -4.970  11.869  0.31 21.82 ? 1350 TYR A CD1 1 
ATOM   302  C CD2 . TYR A 1 59  ? -13.748 -6.894  11.033  0.31 22.63 ? 1350 TYR A CD2 1 
ATOM   303  C CE1 . TYR A 1 59  ? -13.892 -4.845  12.868  0.31 22.16 ? 1350 TYR A CE1 1 
ATOM   304  C CE2 . TYR A 1 59  ? -12.786 -6.790  12.029  0.31 22.39 ? 1350 TYR A CE2 1 
ATOM   305  C CZ  . TYR A 1 59  ? -12.854 -5.755  12.947  0.31 22.12 ? 1350 TYR A CZ  1 
ATOM   306  O OH  . TYR A 1 59  ? -11.918 -5.610  13.933  0.31 22.38 ? 1350 TYR A OH  1 
ATOM   307  N N   . PRO A 1 60  ? -19.462 -7.124  9.437   0.31 23.33 ? 1351 PRO A N   1 
ATOM   308  C CA  . PRO A 1 60  ? -20.505 -7.258  8.415   0.31 22.79 ? 1351 PRO A CA  1 
ATOM   309  C C   . PRO A 1 60  ? -20.995 -5.923  7.822   0.31 22.02 ? 1351 PRO A C   1 
ATOM   310  O O   . PRO A 1 60  ? -21.625 -5.935  6.763   0.31 22.35 ? 1351 PRO A O   1 
ATOM   311  C CB  . PRO A 1 60  ? -21.646 -7.949  9.182   0.31 23.56 ? 1351 PRO A CB  1 
ATOM   312  C CG  . PRO A 1 60  ? -21.478 -7.449  10.599  0.31 23.30 ? 1351 PRO A CG  1 
ATOM   313  C CD  . PRO A 1 60  ? -19.979 -7.338  10.798  0.31 24.27 ? 1351 PRO A CD  1 
ATOM   314  N N   . ASP A 1 61  ? -20.684 -4.810  8.503   0.31 21.84 ? 1352 ASP A N   1 
ATOM   315  C CA  . ASP A 1 61  ? -21.021 -3.431  8.058   0.31 21.08 ? 1352 ASP A CA  1 
ATOM   316  C C   . ASP A 1 61  ? -19.864 -2.856  7.229   0.31 19.55 ? 1352 ASP A C   1 
ATOM   317  O O   . ASP A 1 61  ? -20.059 -1.804  6.592   0.31 19.38 ? 1352 ASP A O   1 
ATOM   318  C CB  . ASP A 1 61  ? -21.310 -2.519  9.250   0.31 22.24 ? 1352 ASP A CB  1 
ATOM   319  C CG  . ASP A 1 61  ? -20.056 -2.127  10.005  0.31 22.33 ? 1352 ASP A CG  1 
ATOM   320  O OD1 . ASP A 1 61  ? -19.284 -3.042  10.360  0.31 24.13 ? 1352 ASP A OD1 1 
ATOM   321  O OD2 . ASP A 1 61  ? -19.848 -0.917  10.207  0.31 24.51 ? 1352 ASP A OD2 1 
ATOM   322  N N   . TYR A 1 62  ? -18.704 -3.520  7.230   0.31 18.22 ? 1353 TYR A N   1 
ATOM   323  C CA  . TYR A 1 62  ? -17.462 -3.001  6.597   0.31 17.48 ? 1353 TYR A CA  1 
ATOM   324  C C   . TYR A 1 62  ? -17.764 -2.499  5.178   0.31 17.23 ? 1353 TYR A C   1 
ATOM   325  O O   . TYR A 1 62  ? -17.363 -1.361  4.855   0.31 17.37 ? 1353 TYR A O   1 
ATOM   326  C CB  . TYR A 1 62  ? -16.368 -4.071  6.611   0.31 16.44 ? 1353 TYR A CB  1 
ATOM   327  C CG  . TYR A 1 62  ? -15.027 -3.584  6.123   0.31 16.04 ? 1353 TYR A CG  1 
ATOM   328  C CD1 . TYR A 1 62  ? -14.246 -2.767  6.920   0.31 15.68 ? 1353 TYR A CD1 1 
ATOM   329  C CD2 . TYR A 1 62  ? -14.540 -3.929  4.870   0.31 15.79 ? 1353 TYR A CD2 1 
ATOM   330  C CE1 . TYR A 1 62  ? -13.014 -2.302  6.492   0.31 15.15 ? 1353 TYR A CE1 1 
ATOM   331  C CE2 . TYR A 1 62  ? -13.304 -3.479  4.429   0.31 15.31 ? 1353 TYR A CE2 1 
ATOM   332  C CZ  . TYR A 1 62  ? -12.548 -2.651  5.238   0.31 15.11 ? 1353 TYR A CZ  1 
ATOM   333  O OH  . TYR A 1 62  ? -11.330 -2.209  4.809   0.31 14.45 ? 1353 TYR A OH  1 
ATOM   334  N N   . ARG A 1 63  ? -18.456 -3.296  4.356   0.31 17.19 ? 1354 ARG A N   1 
ATOM   335  C CA  . ARG A 1 63  ? -18.738 -2.953  2.932   0.31 17.07 ? 1354 ARG A CA  1 
ATOM   336  C C   . ARG A 1 63  ? -19.825 -1.875  2.829   0.31 16.46 ? 1354 ARG A C   1 
ATOM   337  O O   . ARG A 1 63  ? -19.986 -1.335  1.720   0.31 16.51 ? 1354 ARG A O   1 
ATOM   338  C CB  . ARG A 1 63  ? -19.149 -4.173  2.099   0.31 18.00 ? 1354 ARG A CB  1 
ATOM   339  C CG  . ARG A 1 63  ? -17.998 -4.910  1.427   0.31 19.59 ? 1354 ARG A CG  1 
ATOM   340  C CD  . ARG A 1 63  ? -17.129 -4.072  0.501   0.31 20.23 ? 1354 ARG A CD  1 
ATOM   341  N NE  . ARG A 1 63  ? -17.861 -3.408  -0.575  0.31 21.69 ? 1354 ARG A NE  1 
ATOM   342  C CZ  . ARG A 1 63  ? -17.889 -3.793  -1.850  0.31 21.44 ? 1354 ARG A CZ  1 
ATOM   343  N NH1 . ARG A 1 63  ? -17.228 -4.863  -2.263  0.31 21.68 ? 1354 ARG A NH1 1 
ATOM   344  N NH2 . ARG A 1 63  ? -18.582 -3.088  -2.724  0.31 22.25 ? 1354 ARG A NH2 1 
ATOM   345  N N   . ASP A 1 64  ? -20.548 -1.581  3.915   0.31 15.66 ? 1355 ASP A N   1 
ATOM   346  C CA  . ASP A 1 64  ? -21.458 -0.405  3.980   0.31 15.54 ? 1355 ASP A CA  1 
ATOM   347  C C   . ASP A 1 64  ? -20.598 0.861   3.930   0.31 15.61 ? 1355 ASP A C   1 
ATOM   348  O O   . ASP A 1 64  ? -20.951 1.796   3.191   0.31 14.91 ? 1355 ASP A O   1 
ATOM   349  C CB  . ASP A 1 64  ? -22.315 -0.384  5.252   0.31 14.81 ? 1355 ASP A CB  1 
ATOM   350  C CG  . ASP A 1 64  ? -23.048 -1.676  5.581   0.31 14.43 ? 1355 ASP A CG  1 
ATOM   351  O OD1 . ASP A 1 64  ? -23.216 -2.517  4.686   0.31 13.54 ? 1355 ASP A OD1 1 
ATOM   352  O OD2 . ASP A 1 64  ? -23.440 -1.830  6.746   0.31 14.12 ? 1355 ASP A OD2 1 
ATOM   353  N N   A ILE A 1 65  ? -19.483 0.853   4.662   0.15 15.50 ? 1356 ILE A N   1 
ATOM   354  N N   B ILE A 1 65  ? -19.496 0.833   4.734   0.16 15.05 ? 1356 ILE A N   1 
ATOM   355  C CA  A ILE A 1 65  ? -18.680 2.067   4.985   0.15 16.03 ? 1356 ILE A CA  1 
ATOM   356  C CA  B ILE A 1 65  ? -18.635 2.000   5.097   0.16 15.49 ? 1356 ILE A CA  1 
ATOM   357  C C   A ILE A 1 65  ? -17.597 2.275   3.927   0.15 15.91 ? 1356 ILE A C   1 
ATOM   358  C C   B ILE A 1 65  ? -17.600 2.248   3.995   0.16 15.51 ? 1356 ILE A C   1 
ATOM   359  O O   A ILE A 1 65  ? -17.332 3.448   3.575   0.15 16.74 ? 1356 ILE A O   1 
ATOM   360  O O   B ILE A 1 65  ? -17.351 3.437   3.679   0.16 16.44 ? 1356 ILE A O   1 
ATOM   361  C CB  A ILE A 1 65  ? -18.101 1.911   6.398   0.15 16.09 ? 1356 ILE A CB  1 
ATOM   362  C CB  B ILE A 1 65  ? -17.949 1.763   6.460   0.16 15.31 ? 1356 ILE A CB  1 
ATOM   363  C CG1 A ILE A 1 65  ? -19.243 1.689   7.395   0.15 16.27 ? 1356 ILE A CG1 1 
ATOM   364  C CG1 B ILE A 1 65  ? -18.941 1.393   7.570   0.16 15.35 ? 1356 ILE A CG1 1 
ATOM   365  C CG2 A ILE A 1 65  ? -17.209 3.087   6.773   0.15 16.18 ? 1356 ILE A CG2 1 
ATOM   366  C CG2 B ILE A 1 65  ? -17.091 2.958   6.853   0.16 15.31 ? 1356 ILE A CG2 1 
ATOM   367  C CD1 A ILE A 1 65  ? -18.822 1.721   8.822   0.15 16.62 ? 1356 ILE A CD1 1 
ATOM   368  C CD1 B ILE A 1 65  ? -20.033 2.407   7.811   0.16 15.33 ? 1356 ILE A CD1 1 
ATOM   369  N N   . ILE A 1 66  ? -17.001 1.181   3.455   0.31 15.60 ? 1357 ILE A N   1 
ATOM   370  C CA  . ILE A 1 66  ? -15.807 1.207   2.564   0.31 16.23 ? 1357 ILE A CA  1 
ATOM   371  C C   . ILE A 1 66  ? -16.237 0.828   1.145   0.31 16.28 ? 1357 ILE A C   1 
ATOM   372  O O   . ILE A 1 66  ? -16.836 -0.248  0.974   0.31 16.55 ? 1357 ILE A O   1 
ATOM   373  C CB  . ILE A 1 66  ? -14.715 0.273   3.118   0.31 15.95 ? 1357 ILE A CB  1 
ATOM   374  C CG1 . ILE A 1 66  ? -14.255 0.715   4.511   0.31 16.36 ? 1357 ILE A CG1 1 
ATOM   375  C CG2 . ILE A 1 66  ? -13.559 0.162   2.141   0.31 15.88 ? 1357 ILE A CG2 1 
ATOM   376  C CD1 . ILE A 1 66  ? -13.804 2.154   4.595   0.31 16.56 ? 1357 ILE A CD1 1 
ATOM   377  N N   . ASP A 1 67  ? -15.923 1.687   0.170   0.31 17.09 ? 1358 ASP A N   1 
ATOM   378  C CA  . ASP A 1 67  ? -16.274 1.495   -1.263  0.31 18.73 ? 1358 ASP A CA  1 
ATOM   379  C C   . ASP A 1 67  ? -15.390 0.396   -1.864  0.31 18.33 ? 1358 ASP A C   1 
ATOM   380  O O   . ASP A 1 67  ? -15.948 -0.599  -2.345  0.31 18.90 ? 1358 ASP A O   1 
ATOM   381  C CB  . ASP A 1 67  ? -16.151 2.807   -2.042  0.31 19.70 ? 1358 ASP A CB  1 
ATOM   382  C CG  . ASP A 1 67  ? -17.071 3.906   -1.538  0.31 20.72 ? 1358 ASP A CG  1 
ATOM   383  O OD1 . ASP A 1 67  ? -18.095 3.572   -0.895  0.31 21.37 ? 1358 ASP A OD1 1 
ATOM   384  O OD2 . ASP A 1 67  ? -16.757 5.085   -1.781  0.31 22.40 ? 1358 ASP A OD2 1 
ATOM   385  N N   . THR A 1 68  ? -14.062 0.568   -1.839  0.31 17.26 ? 1359 THR A N   1 
ATOM   386  C CA  . THR A 1 68  ? -13.088 -0.370  -2.463  0.31 16.98 ? 1359 THR A CA  1 
ATOM   387  C C   . THR A 1 68  ? -12.149 -0.934  -1.400  0.31 16.27 ? 1359 THR A C   1 
ATOM   388  O O   . THR A 1 68  ? -11.112 -0.332  -1.099  0.31 16.47 ? 1359 THR A O   1 
ATOM   389  C CB  . THR A 1 68  ? -12.259 0.304   -3.567  0.31 16.60 ? 1359 THR A CB  1 
ATOM   390  O OG1 . THR A 1 68  ? -13.147 0.858   -4.536  0.31 17.29 ? 1359 THR A OG1 1 
ATOM   391  C CG2 . THR A 1 68  ? -11.300 -0.648  -4.255  0.31 16.81 ? 1359 THR A CG2 1 
ATOM   392  N N   . PRO A 1 69  ? -12.470 -2.099  -0.802  0.31 15.67 ? 1360 PRO A N   1 
ATOM   393  C CA  . PRO A 1 69  ? -11.505 -2.800  0.045   0.31 15.58 ? 1360 PRO A CA  1 
ATOM   394  C C   . PRO A 1 69  ? -10.181 -3.087  -0.684  0.31 14.64 ? 1360 PRO A C   1 
ATOM   395  O O   . PRO A 1 69  ? -10.180 -3.491  -1.836  0.31 14.85 ? 1360 PRO A O   1 
ATOM   396  C CB  . PRO A 1 69  ? -12.234 -4.099  0.417   0.31 15.70 ? 1360 PRO A CB  1 
ATOM   397  C CG  . PRO A 1 69  ? -13.704 -3.741  0.315   0.31 15.96 ? 1360 PRO A CG  1 
ATOM   398  C CD  . PRO A 1 69  ? -13.777 -2.781  -0.853  0.31 16.08 ? 1360 PRO A CD  1 
ATOM   399  N N   . MET A 1 70  ? -9.066  -2.865  0.011   0.31 13.68 ? 1361 MET A N   1 
ATOM   400  C CA  . MET A 1 70  ? -7.713  -3.187  -0.505  0.31 13.15 ? 1361 MET A CA  1 
ATOM   401  C C   . MET A 1 70  ? -6.876  -3.717  0.659   0.31 13.01 ? 1361 MET A C   1 
ATOM   402  O O   . MET A 1 70  ? -7.143  -3.334  1.809   0.31 12.99 ? 1361 MET A O   1 
ATOM   403  C CB  . MET A 1 70  ? -7.052  -1.953  -1.135  0.31 12.79 ? 1361 MET A CB  1 
ATOM   404  C CG  . MET A 1 70  ? -5.700  -2.209  -1.791  0.31 12.31 ? 1361 MET A CG  1 
ATOM   405  S SD  . MET A 1 70  ? -5.610  -3.550  -3.013  0.31 11.27 ? 1361 MET A SD  1 
ATOM   406  C CE  . MET A 1 70  ? -6.879  -3.054  -4.181  0.31 11.92 ? 1361 MET A CE  1 
ATOM   407  N N   . ASP A 1 71  ? -5.917  -4.586  0.352   0.31 12.69 ? 1362 ASP A N   1 
ATOM   408  C CA  . ASP A 1 71  ? -4.985  -5.188  1.333   0.31 12.78 ? 1362 ASP A CA  1 
ATOM   409  C C   . ASP A 1 71  ? -3.654  -5.445  0.628   0.31 12.31 ? 1362 ASP A C   1 
ATOM   410  O O   . ASP A 1 71  ? -3.587  -5.268  -0.613  0.31 12.67 ? 1362 ASP A O   1 
ATOM   411  C CB  . ASP A 1 71  ? -5.568  -6.480  1.901   0.31 13.44 ? 1362 ASP A CB  1 
ATOM   412  C CG  . ASP A 1 71  ? -5.543  -7.615  0.899   0.31 13.52 ? 1362 ASP A CG  1 
ATOM   413  O OD1 . ASP A 1 71  ? -6.546  -7.776  0.179   0.31 14.93 ? 1362 ASP A OD1 1 
ATOM   414  O OD2 . ASP A 1 71  ? -4.512  -8.310  0.833   0.31 13.40 ? 1362 ASP A OD2 1 
ATOM   415  N N   . PHE A 1 72  ? -2.640  -5.871  1.388   1.00 11.65 ? 1363 PHE A N   1 
ATOM   416  C CA  . PHE A 1 72  ? -1.283  -6.015  0.841   1.00 12.26 ? 1363 PHE A CA  1 
ATOM   417  C C   . PHE A 1 72  ? -1.137  -7.263  -0.001  1.00 13.03 ? 1363 PHE A C   1 
ATOM   418  O O   . PHE A 1 72  ? -0.302  -7.240  -0.901  1.00 12.78 ? 1363 PHE A O   1 
ATOM   419  C CB  . PHE A 1 72  ? -0.244  -5.979  1.939   1.00 12.09 ? 1363 PHE A CB  1 
ATOM   420  C CG  . PHE A 1 72  ? -0.038  -4.583  2.433   1.00 11.74 ? 1363 PHE A CG  1 
ATOM   421  C CD1 . PHE A 1 72  ? 0.672   -3.681  1.685   1.00 12.52 ? 1363 PHE A CD1 1 
ATOM   422  C CD2 . PHE A 1 72  ? -0.496  -4.206  3.669   1.00 12.97 ? 1363 PHE A CD2 1 
ATOM   423  C CE1 . PHE A 1 72  ? 0.868   -2.396  2.124   1.00 13.43 ? 1363 PHE A CE1 1 
ATOM   424  C CE2 . PHE A 1 72  ? -0.272  -2.934  4.135   1.00 12.42 ? 1363 PHE A CE2 1 
ATOM   425  C CZ  . PHE A 1 72  ? 0.372   -2.019  3.337   1.00 12.04 ? 1363 PHE A CZ  1 
ATOM   426  N N   . ALA A 1 73  ? -1.898  -8.329  0.258   1.00 12.35 ? 1364 ALA A N   1 
ATOM   427  C CA  . ALA A 1 73  ? -1.837  -9.504  -0.636  1.00 13.19 ? 1364 ALA A CA  1 
ATOM   428  C C   . ALA A 1 73  ? -2.383  -9.158  -2.016  1.00 13.26 ? 1364 ALA A C   1 
ATOM   429  O O   . ALA A 1 73  ? -1.768  -9.515  -3.044  1.00 13.24 ? 1364 ALA A O   1 
ATOM   430  C CB  . ALA A 1 73  ? -2.579  -10.666 -0.021  1.00 13.94 ? 1364 ALA A CB  1 
ATOM   431  N N   . THR A 1 74  ? -3.446  -8.409  -2.085  1.00 13.37 ? 1365 THR A N   1 
ATOM   432  C CA  . THR A 1 74  ? -3.994  -7.965  -3.383  1.00 13.13 ? 1365 THR A CA  1 
ATOM   433  C C   . THR A 1 74  ? -2.962  -7.073  -4.090  1.00 11.65 ? 1365 THR A C   1 
ATOM   434  O O   . THR A 1 74  ? -2.702  -7.263  -5.293  1.00 12.51 ? 1365 THR A O   1 
ATOM   435  C CB  . THR A 1 74  ? -5.296  -7.223  -3.201  1.00 13.09 ? 1365 THR A CB  1 
ATOM   436  O OG1 . THR A 1 74  ? -6.225  -8.183  -2.662  1.00 15.22 ? 1365 THR A OG1 1 
ATOM   437  C CG2 . THR A 1 74  ? -5.840  -6.643  -4.485  1.00 13.17 ? 1365 THR A CG2 1 
ATOM   438  N N   . VAL A 1 75  ? -2.309  -6.179  -3.367  1.00 11.88 ? 1366 VAL A N   1 
ATOM   439  C CA  . VAL A 1 75  ? -1.276  -5.314  -4.000  1.00 12.04 ? 1366 VAL A CA  1 
ATOM   440  C C   . VAL A 1 75  ? -0.141  -6.192  -4.522  1.00 12.52 ? 1366 VAL A C   1 
ATOM   441  O O   . VAL A 1 75  ? 0.314   -6.013  -5.670  1.00 11.81 ? 1366 VAL A O   1 
ATOM   442  C CB  . VAL A 1 75  ? -0.773  -4.249  -3.025  1.00 12.00 ? 1366 VAL A CB  1 
ATOM   443  C CG1 . VAL A 1 75  ? 0.406   -3.509  -3.613  1.00 12.46 ? 1366 VAL A CG1 1 
ATOM   444  C CG2 . VAL A 1 75  ? -1.866  -3.297  -2.637  1.00 12.65 ? 1366 VAL A CG2 1 
ATOM   445  N N   . ARG A 1 76  ? 0.405   -7.110  -3.735  1.00 12.11 ? 1367 ARG A N   1 
ATOM   446  C CA  . ARG A 1 76  ? 1.497   -8.001  -4.171  1.00 14.82 ? 1367 ARG A CA  1 
ATOM   447  C C   . ARG A 1 76  ? 1.069   -8.821  -5.385  1.00 13.20 ? 1367 ARG A C   1 
ATOM   448  O O   . ARG A 1 76  ? 1.887   -8.973  -6.312  1.00 14.41 ? 1367 ARG A O   1 
ATOM   449  C CB  . ARG A 1 76  ? 1.870   -8.930  -3.020  1.00 16.23 ? 1367 ARG A CB  1 
ATOM   450  C CG  . ARG A 1 76  ? 3.038   -9.838  -3.322  1.00 20.93 ? 1367 ARG A CG  1 
ATOM   451  C CD  . ARG A 1 76  ? 3.193   -10.700 -2.084  1.00 24.76 ? 1367 ARG A CD  1 
ATOM   452  N NE  . ARG A 1 76  ? 4.299   -10.237 -1.313  1.00 26.34 ? 1367 ARG A NE  1 
ATOM   453  C CZ  . ARG A 1 76  ? 4.627   -10.683 -0.101  1.00 26.55 ? 1367 ARG A CZ  1 
ATOM   454  N NH1 . ARG A 1 76  ? 3.820   -11.498 0.559   1.00 25.42 ? 1367 ARG A NH1 1 
ATOM   455  N NH2 . ARG A 1 76  ? 5.736   -10.244 0.453   1.00 29.09 ? 1367 ARG A NH2 1 
ATOM   456  N N   . GLU A 1 77  ? -0.130  -9.373  -5.375  1.00 13.83 ? 1368 GLU A N   1 
ATOM   457  C CA  . GLU A 1 77  ? -0.600  -10.202 -6.495  1.00 14.71 ? 1368 GLU A CA  1 
ATOM   458  C C   . GLU A 1 77  ? -0.734  -9.344  -7.735  1.00 14.28 ? 1368 GLU A C   1 
ATOM   459  O O   . GLU A 1 77  ? -0.454  -9.819  -8.824  1.00 13.67 ? 1368 GLU A O   1 
ATOM   460  C CB  . GLU A 1 77  ? -1.936  -10.814 -6.099  1.00 17.78 ? 1368 GLU A CB  1 
ATOM   461  C CG  . GLU A 1 77  ? -1.801  -11.967 -5.122  1.00 21.47 ? 1368 GLU A CG  1 
ATOM   462  C CD  . GLU A 1 77  ? -3.043  -12.322 -4.320  1.00 31.39 ? 1368 GLU A CD  1 
ATOM   463  O OE1 . GLU A 1 77  ? -4.125  -11.753 -4.608  1.00 35.21 ? 1368 GLU A OE1 1 
ATOM   464  O OE2 . GLU A 1 77  ? -2.908  -13.175 -3.394  1.00 40.63 ? 1368 GLU A OE2 1 
ATOM   465  N N   . THR A 1 78  ? -1.243  -8.130  -7.606  1.00 12.91 ? 1369 THR A N   1 
ATOM   466  C CA  . THR A 1 78  ? -1.401  -7.221  -8.760  1.00 12.38 ? 1369 THR A CA  1 
ATOM   467  C C   . THR A 1 78  ? -0.020  -6.928  -9.345  1.00 13.53 ? 1369 THR A C   1 
ATOM   468  O O   . THR A 1 78  ? 0.172   -6.987  -10.582 1.00 13.40 ? 1369 THR A O   1 
ATOM   469  C CB  . THR A 1 78  ? -2.099  -5.930  -8.332  1.00 12.56 ? 1369 THR A CB  1 
ATOM   470  O OG1 . THR A 1 78  ? -3.376  -6.295  -7.797  1.00 13.72 ? 1369 THR A OG1 1 
ATOM   471  C CG2 . THR A 1 78  ? -2.306  -4.974  -9.470  1.00 13.13 ? 1369 THR A CG2 1 
ATOM   472  N N   . LEU A 1 79  ? 0.945   -6.638  -8.483  1.00 12.37 ? 1370 LEU A N   1 
ATOM   473  C CA  . LEU A 1 79  ? 2.328   -6.374  -8.932  1.00 12.42 ? 1370 LEU A CA  1 
ATOM   474  C C   . LEU A 1 79  ? 2.872   -7.609  -9.643  1.00 12.64 ? 1370 LEU A C   1 
ATOM   475  O O   . LEU A 1 79  ? 3.427   -7.494  -10.787 1.00 13.09 ? 1370 LEU A O   1 
ATOM   476  C CB  . LEU A 1 79  ? 3.162   -6.031  -7.693  1.00 12.22 ? 1370 LEU A CB  1 
ATOM   477  C CG  . LEU A 1 79  ? 4.611   -5.614  -7.987  1.00 13.06 ? 1370 LEU A CG  1 
ATOM   478  C CD1 . LEU A 1 79  ? 4.630   -4.341  -8.797  1.00 12.71 ? 1370 LEU A CD1 1 
ATOM   479  C CD2 . LEU A 1 79  ? 5.362   -5.451  -6.667  1.00 14.73 ? 1370 LEU A CD2 1 
ATOM   480  N N   . GLU A 1 80  ? 2.751   -8.776  -9.035  1.00 13.55 ? 1371 GLU A N   1 
ATOM   481  C CA  . GLU A 1 80  ? 3.367   -10.004 -9.577  1.00 15.97 ? 1371 GLU A CA  1 
ATOM   482  C C   . GLU A 1 80  ? 2.645   -10.453 -10.836 1.00 15.03 ? 1371 GLU A C   1 
ATOM   483  O O   . GLU A 1 80  ? 3.313   -11.081 -11.671 1.00 17.31 ? 1371 GLU A O   1 
ATOM   484  C CB  . GLU A 1 80  ? 3.410   -11.097 -8.520  1.00 17.08 ? 1371 GLU A CB  1 
ATOM   485  C CG  . GLU A 1 80  ? 4.329   -10.753 -7.345  1.00 22.74 ? 1371 GLU A CG  1 
ATOM   486  C CD  . GLU A 1 80  ? 5.746   -10.279 -7.686  1.00 30.11 ? 1371 GLU A CD  1 
ATOM   487  O OE1 . GLU A 1 80  ? 6.637   -11.111 -7.504  1.00 40.03 ? 1371 GLU A OE1 1 
ATOM   488  O OE2 . GLU A 1 80  ? 5.978   -9.092  -8.167  1.00 26.23 ? 1371 GLU A OE2 1 
ATOM   489  N N   . ALA A 1 81  ? 1.395   -10.101 -11.037 1.00 14.42 ? 1372 ALA A N   1 
ATOM   490  C CA  . ALA A 1 81  ? 0.648   -10.392 -12.276 1.00 15.66 ? 1372 ALA A CA  1 
ATOM   491  C C   . ALA A 1 81  ? 1.119   -9.501  -13.414 1.00 15.28 ? 1372 ALA A C   1 
ATOM   492  O O   . ALA A 1 81  ? 0.723   -9.682  -14.553 1.00 16.60 ? 1372 ALA A O   1 
ATOM   493  C CB  . ALA A 1 81  ? -0.819  -10.213 -12.050 1.00 17.34 ? 1372 ALA A CB  1 
ATOM   494  N N   . GLY A 1 82  ? 1.890   -8.452  -13.127 1.00 14.34 ? 1373 GLY A N   1 
ATOM   495  C CA  . GLY A 1 82  ? 2.218   -7.495  -14.171 1.00 13.15 ? 1373 GLY A CA  1 
ATOM   496  C C   . GLY A 1 82  ? 1.082   -6.578  -14.470 1.00 13.24 ? 1373 GLY A C   1 
ATOM   497  O O   . GLY A 1 82  ? 0.869   -6.196  -15.602 1.00 14.36 ? 1373 GLY A O   1 
ATOM   498  N N   . ASN A 1 83  ? 0.281   -6.223  -13.454 1.00 12.83 ? 1374 ASN A N   1 
ATOM   499  C CA  . ASN A 1 83  ? -0.913  -5.383  -13.649 1.00 12.69 ? 1374 ASN A CA  1 
ATOM   500  C C   . ASN A 1 83  ? -0.774  -3.991  -13.003 1.00 12.50 ? 1374 ASN A C   1 
ATOM   501  O O   . ASN A 1 83  ? -1.726  -3.250  -12.974 1.00 13.99 ? 1374 ASN A O   1 
ATOM   502  C CB  . ASN A 1 83  ? -2.160  -6.084  -13.138 1.00 14.21 ? 1374 ASN A CB  1 
ATOM   503  C CG  . ASN A 1 83  ? -2.554  -7.251  -14.011 1.00 16.95 ? 1374 ASN A CG  1 
ATOM   504  O OD1 . ASN A 1 83  ? -2.042  -7.515  -15.130 1.00 18.55 ? 1374 ASN A OD1 1 
ATOM   505  N ND2 . ASN A 1 83  ? -3.583  -7.910  -13.541 1.00 18.20 ? 1374 ASN A ND2 1 
ATOM   506  N N   . TYR A 1 84  ? 0.445   -3.644  -12.579 1.00 12.80 ? 1375 TYR A N   1 
ATOM   507  C CA  . TYR A 1 84  ? 0.787   -2.232  -12.310 1.00 13.45 ? 1375 TYR A CA  1 
ATOM   508  C C   . TYR A 1 84  ? 1.670   -1.752  -13.459 1.00 13.77 ? 1375 TYR A C   1 
ATOM   509  O O   . TYR A 1 84  ? 2.639   -2.436  -13.774 1.00 14.69 ? 1375 TYR A O   1 
ATOM   510  C CB  . TYR A 1 84  ? 1.472   -2.034  -10.957 1.00 12.72 ? 1375 TYR A CB  1 
ATOM   511  C CG  . TYR A 1 84  ? 0.560   -2.179  -9.777  1.00 11.72 ? 1375 TYR A CG  1 
ATOM   512  C CD1 . TYR A 1 84  ? -0.612  -1.468  -9.643  1.00 11.36 ? 1375 TYR A CD1 1 
ATOM   513  C CD2 . TYR A 1 84  ? 0.927   -3.023  -8.768  1.00 11.44 ? 1375 TYR A CD2 1 
ATOM   514  C CE1 . TYR A 1 84  ? -1.411  -1.623  -8.528  1.00 11.23 ? 1375 TYR A CE1 1 
ATOM   515  C CE2 . TYR A 1 84  ? 0.153   -3.166  -7.634  1.00 11.94 ? 1375 TYR A CE2 1 
ATOM   516  C CZ  . TYR A 1 84  ? -1.018  -2.460  -7.512  1.00 11.94 ? 1375 TYR A CZ  1 
ATOM   517  O OH  . TYR A 1 84  ? -1.778  -2.644  -6.404  1.00 12.78 ? 1375 TYR A OH  1 
ATOM   518  N N   . GLU A 1 85  ? 1.335   -0.584  -14.009 1.00 14.85 ? 1376 GLU A N   1 
ATOM   519  C CA  . GLU A 1 85  ? 2.259   0.042   -15.003 1.00 15.82 ? 1376 GLU A CA  1 
ATOM   520  C C   . GLU A 1 85  ? 3.353   0.885   -14.333 1.00 16.17 ? 1376 GLU A C   1 
ATOM   521  O O   . GLU A 1 85  ? 4.460   1.057   -14.908 1.00 19.16 ? 1376 GLU A O   1 
ATOM   522  C CB  . GLU A 1 85  ? 1.462   0.901   -15.948 1.00 17.06 ? 1376 GLU A CB  1 
ATOM   523  C CG  . GLU A 1 85  ? 2.385   1.369   -17.061 1.00 21.26 ? 1376 GLU A CG  1 
ATOM   524  C CD  . GLU A 1 85  ? 1.646   2.120   -18.140 1.00 25.15 ? 1376 GLU A CD  1 
ATOM   525  O OE1 . GLU A 1 85  ? 0.464   2.461   -17.918 1.00 31.81 ? 1376 GLU A OE1 1 
ATOM   526  O OE2 . GLU A 1 85  ? 2.267   2.310   -19.240 1.00 31.24 ? 1376 GLU A OE2 1 
ATOM   527  N N   . SER A 1 86  ? 3.119   1.389   -13.129 1.00 14.58 ? 1377 SER A N   1 
ATOM   528  C CA  . SER A 1 86  ? 4.007   2.387   -12.502 1.00 14.68 ? 1377 SER A CA  1 
ATOM   529  C C   . SER A 1 86  ? 3.912   2.210   -11.009 1.00 14.50 ? 1377 SER A C   1 
ATOM   530  O O   . SER A 1 86  ? 2.925   1.697   -10.486 1.00 14.15 ? 1377 SER A O   1 
ATOM   531  C CB  . SER A 1 86  ? 3.582   3.780   -12.867 1.00 14.26 ? 1377 SER A CB  1 
ATOM   532  O OG  . SER A 1 86  ? 2.375   4.128   -12.236 1.00 15.46 ? 1377 SER A OG  1 
ATOM   533  N N   . PRO A 1 87  ? 4.918   2.706   -10.279 1.00 13.27 ? 1378 PRO A N   1 
ATOM   534  C CA  . PRO A 1 87  ? 4.854   2.656   -8.825  1.00 13.42 ? 1378 PRO A CA  1 
ATOM   535  C C   . PRO A 1 87  ? 3.810   3.627   -8.295  1.00 13.03 ? 1378 PRO A C   1 
ATOM   536  O O   . PRO A 1 87  ? 3.331   3.397   -7.192  1.00 12.00 ? 1378 PRO A O   1 
ATOM   537  C CB  . PRO A 1 87  ? 6.238   3.112   -8.366  1.00 13.10 ? 1378 PRO A CB  1 
ATOM   538  C CG  . PRO A 1 87  ? 6.804   3.922   -9.554  1.00 12.76 ? 1378 PRO A CG  1 
ATOM   539  C CD  . PRO A 1 87  ? 6.196   3.245   -10.766 1.00 13.88 ? 1378 PRO A CD  1 
ATOM   540  N N   . MET A 1 88  ? 3.376   4.632   -9.051  1.00 11.34 ? 1379 MET A N   1 
ATOM   541  C CA  . MET A 1 88  ? 2.283   5.519   -8.619  1.00 12.61 ? 1379 MET A CA  1 
ATOM   542  C C   . MET A 1 88  ? 0.997   4.709   -8.449  1.00 11.52 ? 1379 MET A C   1 
ATOM   543  O O   . MET A 1 88  ? 0.237   4.948   -7.538  1.00 12.08 ? 1379 MET A O   1 
ATOM   544  C CB  . MET A 1 88  ? 2.051   6.686   -9.588  1.00 13.17 ? 1379 MET A CB  1 
ATOM   545  C CG  . MET A 1 88  ? 3.278   7.611   -9.676  1.00 13.44 ? 1379 MET A CG  1 
ATOM   546  S SD  . MET A 1 88  ? 4.615   7.093   -10.758 1.00 15.71 ? 1379 MET A SD  1 
ATOM   547  C CE  . MET A 1 88  ? 3.905   7.617   -12.311 1.00 17.95 ? 1379 MET A CE  1 
ATOM   548  N N   . GLU A 1 89  ? 0.734   3.776   -9.362  1.00 11.83 ? 1380 GLU A N   1 
ATOM   549  C CA  . GLU A 1 89  ? -0.506  2.999   -9.266  1.00 12.38 ? 1380 GLU A CA  1 
ATOM   550  C C   . GLU A 1 89  ? -0.432  2.132   -8.014  1.00 11.55 ? 1380 GLU A C   1 
ATOM   551  O O   . GLU A 1 89  ? -1.439  1.990   -7.306  1.00 11.56 ? 1380 GLU A O   1 
ATOM   552  C CB  . GLU A 1 89  ? -0.661  2.094   -10.482 1.00 13.49 ? 1380 GLU A CB  1 
ATOM   553  C CG  . GLU A 1 89  ? -0.941  2.841   -11.753 1.00 14.66 ? 1380 GLU A CG  1 
ATOM   554  C CD  . GLU A 1 89  ? -1.031  1.902   -12.943 1.00 15.61 ? 1380 GLU A CD  1 
ATOM   555  O OE1 . GLU A 1 89  ? -0.694  0.753   -12.799 1.00 15.64 ? 1380 GLU A OE1 1 
ATOM   556  O OE2 . GLU A 1 89  ? -1.436  2.405   -14.018 1.00 20.29 ? 1380 GLU A OE2 1 
ATOM   557  N N   . LEU A 1 90  ? 0.695   1.487   -7.742  1.00 10.66 ? 1381 LEU A N   1 
ATOM   558  C CA  . LEU A 1 90  ? 0.870   0.663   -6.526  1.00 11.78 ? 1381 LEU A CA  1 
ATOM   559  C C   . LEU A 1 90  ? 0.669   1.538   -5.292  1.00 12.11 ? 1381 LEU A C   1 
ATOM   560  O O   . LEU A 1 90  ? 0.004   1.133   -4.324  1.00 11.37 ? 1381 LEU A O   1 
ATOM   561  C CB  . LEU A 1 90  ? 2.246   -0.013  -6.559  1.00 11.98 ? 1381 LEU A CB  1 
ATOM   562  C CG  . LEU A 1 90  ? 2.583   -0.846  -5.330  1.00 12.05 ? 1381 LEU A CG  1 
ATOM   563  C CD1 . LEU A 1 90  ? 3.388   -2.081  -5.704  1.00 12.18 ? 1381 LEU A CD1 1 
ATOM   564  C CD2 . LEU A 1 90  ? 3.260   -0.024  -4.250  1.00 12.71 ? 1381 LEU A CD2 1 
ATOM   565  N N   A CYS A 1 91  ? 1.258   2.730   -5.311  0.25 11.21 ? 1382 CYS A N   1 
ATOM   566  N N   B CYS A 1 91  ? 1.257   2.733   -5.281  0.25 12.54 ? 1382 CYS A N   1 
ATOM   567  C CA  A CYS A 1 91  ? 1.178   3.681   -4.183  0.25 11.25 ? 1382 CYS A CA  1 
ATOM   568  C CA  B CYS A 1 91  ? 1.089   3.687   -4.155  0.25 13.48 ? 1382 CYS A CA  1 
ATOM   569  C C   A CYS A 1 91  ? -0.295  4.081   -3.943  0.25 11.76 ? 1382 CYS A C   1 
ATOM   570  C C   B CYS A 1 91  ? -0.376  3.995   -3.918  0.25 13.13 ? 1382 CYS A C   1 
ATOM   571  O O   A CYS A 1 91  ? -0.689  4.209   -2.774  0.25 11.17 ? 1382 CYS A O   1 
ATOM   572  O O   B CYS A 1 91  ? -0.798  4.058   -2.747  0.25 12.92 ? 1382 CYS A O   1 
ATOM   573  C CB  A CYS A 1 91  ? 2.110   4.852   -4.464  0.25 11.15 ? 1382 CYS A CB  1 
ATOM   574  C CB  B CYS A 1 91  ? 1.739   5.017   -4.453  0.25 15.13 ? 1382 CYS A CB  1 
ATOM   575  S SG  A CYS A 1 91  ? 2.251   5.978   -3.057  0.25 10.46 ? 1382 CYS A SG  1 
ATOM   576  S SG  B CYS A 1 91  ? 3.501   4.874   -4.156  0.25 17.50 ? 1382 CYS A SG  1 
ATOM   577  N N   . LYS A 1 92  ? -1.101  4.266   -4.998  1.00 12.68 ? 1383 LYS A N   1 
ATOM   578  C CA  . LYS A 1 92  ? -2.510  4.600   -4.847  1.00 13.42 ? 1383 LYS A CA  1 
ATOM   579  C C   . LYS A 1 92  ? -3.220  3.456   -4.118  1.00 12.56 ? 1383 LYS A C   1 
ATOM   580  O O   . LYS A 1 92  ? -3.993  3.717   -3.197  1.00 12.96 ? 1383 LYS A O   1 
ATOM   581  C CB  . LYS A 1 92  ? -3.093  4.877   -6.223  1.00 15.06 ? 1383 LYS A CB  1 
ATOM   582  C CG  . LYS A 1 92  ? -4.549  5.288   -6.202  1.00 18.76 ? 1383 LYS A CG  1 
ATOM   583  C CD  . LYS A 1 92  ? -5.046  5.758   -7.565  1.00 22.90 ? 1383 LYS A CD  1 
ATOM   584  C CE  . LYS A 1 92  ? -6.559  5.679   -7.663  1.00 30.01 ? 1383 LYS A CE  1 
ATOM   585  N NZ  . LYS A 1 92  ? -7.075  6.273   -8.926  1.00 33.80 ? 1383 LYS A NZ  1 
ATOM   586  N N   . ASP A 1 93  ? -2.961  2.207   -4.482  1.00 11.73 ? 1384 ASP A N   1 
ATOM   587  C CA  . ASP A 1 93  ? -3.644  1.090   -3.816  1.00 11.47 ? 1384 ASP A CA  1 
ATOM   588  C C   . ASP A 1 93  ? -3.166  0.970   -2.355  1.00 10.64 ? 1384 ASP A C   1 
ATOM   589  O O   . ASP A 1 93  ? -3.964  0.696   -1.472  1.00 10.79 ? 1384 ASP A O   1 
ATOM   590  C CB  . ASP A 1 93  ? -3.411  -0.210  -4.552  1.00 11.82 ? 1384 ASP A CB  1 
ATOM   591  C CG  . ASP A 1 93  ? -4.252  -0.390  -5.795  1.00 14.23 ? 1384 ASP A CG  1 
ATOM   592  O OD1 . ASP A 1 93  ? -5.153  0.472   -6.031  1.00 17.70 ? 1384 ASP A OD1 1 
ATOM   593  O OD2 . ASP A 1 93  ? -4.007  -1.362  -6.545  1.00 14.34 ? 1384 ASP A OD2 1 
ATOM   594  N N   . VAL A 1 94  ? -1.868  1.130   -2.078  1.00 10.58 ? 1385 VAL A N   1 
ATOM   595  C CA  . VAL A 1 94  ? -1.396  1.018   -0.675  1.00 10.52 ? 1385 VAL A CA  1 
ATOM   596  C C   . VAL A 1 94  ? -2.035  2.147   0.129   1.00 10.57 ? 1385 VAL A C   1 
ATOM   597  O O   . VAL A 1 94  ? -2.512  1.910   1.240   1.00 11.14 ? 1385 VAL A O   1 
ATOM   598  C CB  . VAL A 1 94  ? 0.131   1.080   -0.602  1.00 11.27 ? 1385 VAL A CB  1 
ATOM   599  C CG1 . VAL A 1 94  ? 0.592   1.185   0.831   1.00 11.32 ? 1385 VAL A CG1 1 
ATOM   600  C CG2 . VAL A 1 94  ? 0.725   -0.173  -1.234  1.00 11.32 ? 1385 VAL A CG2 1 
ATOM   601  N N   . ARG A 1 95  ? -2.142  3.356   -0.433  1.00 10.78 ? 1386 ARG A N   1 
ATOM   602  C CA  . ARG A 1 95  ? -2.729  4.474   0.311   1.00 11.13 ? 1386 ARG A CA  1 
ATOM   603  C C   . ARG A 1 95  ? -4.188  4.176   0.570   1.00 11.64 ? 1386 ARG A C   1 
ATOM   604  O O   . ARG A 1 95  ? -4.700  4.610   1.600   1.00 12.04 ? 1386 ARG A O   1 
ATOM   605  C CB  . ARG A 1 95  ? -2.455  5.788   -0.398  1.00 11.55 ? 1386 ARG A CB  1 
ATOM   606  C CG  . ARG A 1 95  ? -1.009  6.227   -0.261  1.00 13.07 ? 1386 ARG A CG  1 
ATOM   607  C CD  . ARG A 1 95  ? -0.709  7.375   -1.193  1.00 15.07 ? 1386 ARG A CD  1 
ATOM   608  N NE  . ARG A 1 95  ? 0.618   7.881   -0.965  1.00 15.91 ? 1386 ARG A NE  1 
ATOM   609  C CZ  . ARG A 1 95  ? 1.184   8.844   -1.694  1.00 20.61 ? 1386 ARG A CZ  1 
ATOM   610  N NH1 . ARG A 1 95  ? 0.581   9.307   -2.773  1.00 20.89 ? 1386 ARG A NH1 1 
ATOM   611  N NH2 . ARG A 1 95  ? 2.398   9.269   -1.385  1.00 20.29 ? 1386 ARG A NH2 1 
ATOM   612  N N   . LEU A 1 96  ? -4.857  3.467   -0.320  1.00 11.48 ? 1387 LEU A N   1 
ATOM   613  C CA  . LEU A 1 96  ? -6.282  3.081   -0.137  1.00 12.49 ? 1387 LEU A CA  1 
ATOM   614  C C   . LEU A 1 96  ? -6.402  2.132   1.065   1.00 11.69 ? 1387 LEU A C   1 
ATOM   615  O O   . LEU A 1 96  ? -7.371  2.215   1.835   1.00 11.02 ? 1387 LEU A O   1 
ATOM   616  C CB  . LEU A 1 96  ? -6.776  2.389   -1.397  1.00 12.87 ? 1387 LEU A CB  1 
ATOM   617  C CG  . LEU A 1 96  ? -8.218  1.903   -1.415  1.00 14.10 ? 1387 LEU A CG  1 
ATOM   618  C CD1 . LEU A 1 96  ? -9.191  3.027   -1.159  1.00 14.83 ? 1387 LEU A CD1 1 
ATOM   619  C CD2 . LEU A 1 96  ? -8.521  1.239   -2.746  1.00 13.96 ? 1387 LEU A CD2 1 
ATOM   620  N N   . ILE A 1 97  ? -5.428  1.251   1.297   1.00 11.65 ? 1388 ILE A N   1 
ATOM   621  C CA  . ILE A 1 97  ? -5.432  0.398   2.521   1.00 11.03 ? 1388 ILE A CA  1 
ATOM   622  C C   . ILE A 1 97  ? -5.555  1.315   3.716   1.00 10.48 ? 1388 ILE A C   1 
ATOM   623  O O   . ILE A 1 97  ? -6.353  1.076   4.629   1.00 11.61 ? 1388 ILE A O   1 
ATOM   624  C CB  . ILE A 1 97  ? -4.194  -0.499  2.599   1.00 11.43 ? 1388 ILE A CB  1 
ATOM   625  C CG1 . ILE A 1 97  ? -4.147  -1.431  1.398   1.00 11.13 ? 1388 ILE A CG1 1 
ATOM   626  C CG2 . ILE A 1 97  ? -4.143  -1.234  3.919   1.00 11.50 ? 1388 ILE A CG2 1 
ATOM   627  C CD1 . ILE A 1 97  ? -2.835  -2.200  1.245   1.00 11.45 ? 1388 ILE A CD1 1 
ATOM   628  N N   . PHE A 1 98  ? -4.740  2.351   3.739   1.00 10.08 ? 1389 PHE A N   1 
ATOM   629  C CA  . PHE A 1 98  ? -4.672  3.217   4.930   1.00 11.18 ? 1389 PHE A CA  1 
ATOM   630  C C   . PHE A 1 98  ? -5.896  4.109   5.009   1.00 11.59 ? 1389 PHE A C   1 
ATOM   631  O O   . PHE A 1 98  ? -6.431  4.282   6.118   1.00 12.00 ? 1389 PHE A O   1 
ATOM   632  C CB  . PHE A 1 98  ? -3.364  4.006   4.942   1.00 11.70 ? 1389 PHE A CB  1 
ATOM   633  C CG  . PHE A 1 98  ? -2.144  3.122   4.932   1.00 11.87 ? 1389 PHE A CG  1 
ATOM   634  C CD1 . PHE A 1 98  ? -2.013  2.039   5.777   1.00 14.20 ? 1389 PHE A CD1 1 
ATOM   635  C CD2 . PHE A 1 98  ? -1.104  3.378   4.058   1.00 13.05 ? 1389 PHE A CD2 1 
ATOM   636  C CE1 . PHE A 1 98  ? -0.864  1.249   5.770   1.00 14.96 ? 1389 PHE A CE1 1 
ATOM   637  C CE2 . PHE A 1 98  ? 0.024   2.569   4.062   1.00 13.38 ? 1389 PHE A CE2 1 
ATOM   638  C CZ  . PHE A 1 98  ? 0.126   1.524   4.894   1.00 14.82 ? 1389 PHE A CZ  1 
ATOM   639  N N   . SER A 1 99  ? -6.389  4.653   3.908   1.00 11.39 ? 1390 SER A N   1 
ATOM   640  C CA  . SER A 1 99  ? -7.601  5.479   3.982   1.00 12.32 ? 1390 SER A CA  1 
ATOM   641  C C   . SER A 1 99  ? -8.788  4.610   4.369   1.00 11.72 ? 1390 SER A C   1 
ATOM   642  O O   . SER A 1 99  ? -9.668  5.110   5.098   1.00 12.19 ? 1390 SER A O   1 
ATOM   643  C CB  . SER A 1 99  ? -7.840  6.257   2.722   1.00 12.51 ? 1390 SER A CB  1 
ATOM   644  O OG  . SER A 1 99  ? -7.993  5.451   1.614   1.00 15.18 ? 1390 SER A OG  1 
ATOM   645  N N   . ASN A 1 100 ? -8.859  3.373   3.941   1.00 11.35 ? 1391 ASN A N   1 
ATOM   646  C CA  . ASN A 1 100 ? -9.969  2.498   4.349   1.00 12.33 ? 1391 ASN A CA  1 
ATOM   647  C C   . ASN A 1 100 ? -9.903  2.347   5.859   1.00 11.73 ? 1391 ASN A C   1 
ATOM   648  O O   . ASN A 1 100 ? -10.956 2.368   6.539   1.00 12.68 ? 1391 ASN A O   1 
ATOM   649  C CB  . ASN A 1 100 ? -9.904  1.171   3.647   1.00 12.31 ? 1391 ASN A CB  1 
ATOM   650  C CG  . ASN A 1 100 ? -10.338 1.223   2.207   1.00 12.29 ? 1391 ASN A CG  1 
ATOM   651  O OD1 . ASN A 1 100 ? -10.901 2.212   1.752   1.00 12.99 ? 1391 ASN A OD1 1 
ATOM   652  N ND2 . ASN A 1 100 ? -10.091 0.146   1.512   1.00 13.86 ? 1391 ASN A ND2 1 
ATOM   653  N N   . SER A 1 101 ? -8.736  2.105   6.429   1.00 12.09 ? 1392 SER A N   1 
ATOM   654  C CA  . SER A 1 101 ? -8.646  1.926   7.893   1.00 12.43 ? 1392 SER A CA  1 
ATOM   655  C C   . SER A 1 101 ? -9.109  3.184   8.627   1.00 12.79 ? 1392 SER A C   1 
ATOM   656  O O   . SER A 1 101 ? -9.820  3.118   9.626   1.00 13.38 ? 1392 SER A O   1 
ATOM   657  C CB  . SER A 1 101 ? -7.227  1.521   8.246   1.00 11.96 ? 1392 SER A CB  1 
ATOM   658  O OG  . SER A 1 101 ? -7.110  1.309   9.648   1.00 13.26 ? 1392 SER A OG  1 
ATOM   659  N N   . LYS A 1 102 ? -8.711  4.345   8.102   0.31 13.18 ? 1393 LYS A N   1 
ATOM   660  C CA  . LYS A 1 102 ? -9.053  5.674   8.672   0.31 13.77 ? 1393 LYS A CA  1 
ATOM   661  C C   . LYS A 1 102 ? -10.559 5.942   8.578   0.31 14.21 ? 1393 LYS A C   1 
ATOM   662  O O   . LYS A 1 102 ? -11.072 6.654   9.483   0.31 13.39 ? 1393 LYS A O   1 
ATOM   663  C CB  . LYS A 1 102 ? -8.299  6.789   7.948   0.31 14.24 ? 1393 LYS A CB  1 
ATOM   664  C CG  . LYS A 1 102 ? -8.494  8.174   8.555   0.31 14.92 ? 1393 LYS A CG  1 
ATOM   665  C CD  . LYS A 1 102 ? -7.592  9.221   7.964   0.31 15.67 ? 1393 LYS A CD  1 
ATOM   666  C CE  . LYS A 1 102 ? -7.768  10.571  8.628   0.31 16.35 ? 1393 LYS A CE  1 
ATOM   667  N NZ  . LYS A 1 102 ? -6.869  11.589  8.042   0.31 17.01 ? 1393 LYS A NZ  1 
ATOM   668  N N   . ALA A 1 103 ? -11.210 5.456   7.511   1.00 13.95 ? 1394 ALA A N   1 
ATOM   669  C CA  . ALA A 1 103 ? -12.663 5.612   7.307   1.00 15.04 ? 1394 ALA A CA  1 
ATOM   670  C C   . ALA A 1 103 ? -13.407 4.622   8.199   1.00 15.44 ? 1394 ALA A C   1 
ATOM   671  O O   . ALA A 1 103 ? -14.519 4.949   8.671   1.00 16.16 ? 1394 ALA A O   1 
ATOM   672  C CB  . ALA A 1 103 ? -12.990 5.423   5.847   1.00 14.64 ? 1394 ALA A CB  1 
ATOM   673  N N   . TYR A 1 104 ? -12.911 3.410   8.390   1.00 14.30 ? 1395 TYR A N   1 
ATOM   674  C CA  . TYR A 1 104 ? -13.650 2.362   9.124   1.00 14.80 ? 1395 TYR A CA  1 
ATOM   675  C C   . TYR A 1 104 ? -13.463 2.499   10.635  1.00 14.98 ? 1395 TYR A C   1 
ATOM   676  O O   . TYR A 1 104 ? -14.287 1.957   11.395  1.00 15.06 ? 1395 TYR A O   1 
ATOM   677  C CB  . TYR A 1 104 ? -13.296 0.965   8.648   1.00 15.71 ? 1395 TYR A CB  1 
ATOM   678  C CG  . TYR A 1 104 ? -14.246 -0.051  9.217   1.00 15.91 ? 1395 TYR A CG  1 
ATOM   679  C CD1 . TYR A 1 104 ? -15.562 -0.127  8.805   1.00 16.49 ? 1395 TYR A CD1 1 
ATOM   680  C CD2 . TYR A 1 104 ? -13.800 -0.914  10.197  1.00 17.72 ? 1395 TYR A CD2 1 
ATOM   681  C CE1 . TYR A 1 104 ? -16.443 -1.004  9.425   1.00 16.18 ? 1395 TYR A CE1 1 
ATOM   682  C CE2 . TYR A 1 104 ? -14.660 -1.796  10.812  1.00 18.47 ? 1395 TYR A CE2 1 
ATOM   683  C CZ  . TYR A 1 104 ? -15.966 -1.879  10.382  1.00 17.41 ? 1395 TYR A CZ  1 
ATOM   684  O OH  . TYR A 1 104 ? -16.802 -2.770  11.003  1.00 21.55 ? 1395 TYR A OH  1 
ATOM   685  N N   . THR A 1 105 ? -12.419 3.174   11.092  1.00 14.59 ? 1396 THR A N   1 
ATOM   686  C CA  . THR A 1 105 ? -12.120 3.168   12.523  1.00 14.38 ? 1396 THR A CA  1 
ATOM   687  C C   . THR A 1 105 ? -13.199 3.932   13.294  1.00 16.29 ? 1396 THR A C   1 
ATOM   688  O O   . THR A 1 105 ? -13.642 5.010   12.878  1.00 16.61 ? 1396 THR A O   1 
ATOM   689  C CB  . THR A 1 105 ? -10.729 3.720   12.805  1.00 13.78 ? 1396 THR A CB  1 
ATOM   690  O OG1 . THR A 1 105 ? -10.450 3.375   14.158  1.00 14.59 ? 1396 THR A OG1 1 
ATOM   691  C CG2 . THR A 1 105 ? -10.601 5.212   12.647  1.00 14.91 ? 1396 THR A CG2 1 
ATOM   692  N N   . PRO A 1 106 ? -13.627 3.408   14.457  1.00 16.96 ? 1397 PRO A N   1 
ATOM   693  C CA  . PRO A 1 106 ? -14.600 4.144   15.269  1.00 18.28 ? 1397 PRO A CA  1 
ATOM   694  C C   . PRO A 1 106 ? -13.939 5.210   16.128  1.00 19.79 ? 1397 PRO A C   1 
ATOM   695  O O   . PRO A 1 106 ? -14.617 6.031   16.723  1.00 19.15 ? 1397 PRO A O   1 
ATOM   696  C CB  . PRO A 1 106 ? -15.210 3.046   16.142  1.00 19.80 ? 1397 PRO A CB  1 
ATOM   697  C CG  . PRO A 1 106 ? -14.090 2.025   16.307  1.00 20.06 ? 1397 PRO A CG  1 
ATOM   698  C CD  . PRO A 1 106 ? -13.319 2.071   14.996  1.00 17.94 ? 1397 PRO A CD  1 
ATOM   699  N N   . SER A 1 107 ? -12.616 5.155   16.220  1.00 16.79 ? 1398 SER A N   1 
ATOM   700  C CA  . SER A 1 107 ? -11.801 6.023   17.073  1.00 17.45 ? 1398 SER A CA  1 
ATOM   701  C C   . SER A 1 107 ? -10.428 6.244   16.461  1.00 16.92 ? 1398 SER A C   1 
ATOM   702  O O   . SER A 1 107 ? -9.840  5.307   15.929  1.00 15.28 ? 1398 SER A O   1 
ATOM   703  C CB  . SER A 1 107 ? -11.673 5.401   18.439  1.00 18.38 ? 1398 SER A CB  1 
ATOM   704  O OG  . SER A 1 107 ? -10.786 6.152   19.192  1.00 20.34 ? 1398 SER A OG  1 
ATOM   705  N N   . LYS A 1 108 ? -9.867  7.415   16.665  1.00 18.55 ? 1399 LYS A N   1 
ATOM   706  C CA  . LYS A 1 108 ? -8.498  7.696   16.206  1.00 20.22 ? 1399 LYS A CA  1 
ATOM   707  C C   . LYS A 1 108 ? -7.526  6.947   17.112  1.00 20.11 ? 1399 LYS A C   1 
ATOM   708  O O   . LYS A 1 108 ? -6.355  6.873   16.728  1.00 22.01 ? 1399 LYS A O   1 
ATOM   709  C CB  . LYS A 1 108 ? -8.304  9.207   16.044  1.00 25.30 ? 1399 LYS A CB  1 
ATOM   710  C CG  . LYS A 1 108 ? -9.047  9.677   14.787  1.00 28.27 ? 1399 LYS A CG  1 
ATOM   711  C CD  . LYS A 1 108 ? -8.647  10.995  14.185  1.00 33.48 ? 1399 LYS A CD  1 
ATOM   712  C CE  . LYS A 1 108 ? -9.468  11.317  12.956  1.00 35.20 ? 1399 LYS A CE  1 
ATOM   713  N NZ  . LYS A 1 108 ? -8.963  12.530  12.264  1.00 37.37 ? 1399 LYS A NZ  1 
ATOM   714  N N   . ARG A 1 109 ? -7.988  6.389   18.235  1.00 18.75 ? 1400 ARG A N   1 
ATOM   715  C CA  . ARG A 1 109 ? -7.155  5.670   19.231  1.00 22.21 ? 1400 ARG A CA  1 
ATOM   716  C C   . ARG A 1 109 ? -7.267  4.152   19.089  1.00 20.97 ? 1400 ARG A C   1 
ATOM   717  O O   . ARG A 1 109 ? -6.702  3.447   19.893  1.00 26.70 ? 1400 ARG A O   1 
ATOM   718  C CB  . ARG A 1 109 ? -7.591  6.080   20.641  1.00 26.17 ? 1400 ARG A CB  1 
ATOM   719  C CG  . ARG A 1 109 ? -7.471  7.577   20.884  1.00 31.76 ? 1400 ARG A CG  1 
ATOM   720  C CD  . ARG A 1 109 ? -8.066  7.958   22.226  1.00 33.87 ? 1400 ARG A CD  1 
ATOM   721  N NE  . ARG A 1 109 ? -7.249  7.439   23.307  1.00 37.80 ? 1400 ARG A NE  1 
ATOM   722  C CZ  . ARG A 1 109 ? -7.558  6.414   24.100  1.00 43.32 ? 1400 ARG A CZ  1 
ATOM   723  N NH1 . ARG A 1 109 ? -8.686  5.732   23.937  1.00 52.77 ? 1400 ARG A NH1 1 
ATOM   724  N NH2 . ARG A 1 109 ? -6.720  6.058   25.064  1.00 43.36 ? 1400 ARG A NH2 1 
ATOM   725  N N   . SER A 1 110 ? -7.991  3.682   18.073  0.31 20.07 ? 1401 SER A N   1 
ATOM   726  C CA  . SER A 1 110 ? -8.200  2.241   17.787  0.31 18.57 ? 1401 SER A CA  1 
ATOM   727  C C   . SER A 1 110 ? -6.844  1.551   17.583  0.31 17.04 ? 1401 SER A C   1 
ATOM   728  O O   . SER A 1 110 ? -5.902  2.202   17.075  0.31 16.60 ? 1401 SER A O   1 
ATOM   729  C CB  . SER A 1 110 ? -9.102  2.058   16.596  0.31 19.61 ? 1401 SER A CB  1 
ATOM   730  O OG  . SER A 1 110 ? -9.702  0.772   16.599  0.31 21.14 ? 1401 SER A OG  1 
ATOM   731  N N   . ARG A 1 111 ? -6.733  0.286   17.991  1.00 15.71 ? 1402 ARG A N   1 
ATOM   732  C CA  . ARG A 1 111 ? -5.501  -0.491  17.795  1.00 15.14 ? 1402 ARG A CA  1 
ATOM   733  C C   . ARG A 1 111 ? -5.214  -0.616  16.302  1.00 14.54 ? 1402 ARG A C   1 
ATOM   734  O O   . ARG A 1 111 ? -4.091  -0.346  15.905  1.00 14.59 ? 1402 ARG A O   1 
ATOM   735  C CB  . ARG A 1 111 ? -5.689  -1.894  18.372  1.00 15.67 ? 1402 ARG A CB  1 
ATOM   736  C CG  . ARG A 1 111 ? -4.482  -2.804  18.177  1.00 15.97 ? 1402 ARG A CG  1 
ATOM   737  C CD  . ARG A 1 111 ? -3.380  -2.422  19.123  1.00 18.10 ? 1402 ARG A CD  1 
ATOM   738  N NE  . ARG A 1 111 ? -2.063  -2.923  18.765  1.00 23.09 ? 1402 ARG A NE  1 
ATOM   739  C CZ  . ARG A 1 111 ? -1.615  -4.147  19.022  1.00 24.80 ? 1402 ARG A CZ  1 
ATOM   740  N NH1 . ARG A 1 111 ? -2.331  -4.997  19.738  1.00 23.43 ? 1402 ARG A NH1 1 
ATOM   741  N NH2 . ARG A 1 111 ? -0.396  -4.491  18.622  1.00 30.64 ? 1402 ARG A NH2 1 
ATOM   742  N N   . ILE A 1 112 ? -6.151  -1.100  15.545  1.00 13.28 ? 1403 ILE A N   1 
ATOM   743  C CA  . ILE A 1 112 ? -5.876  -1.408  14.109  1.00 13.59 ? 1403 ILE A CA  1 
ATOM   744  C C   . ILE A 1 112 ? -5.539  -0.116  13.384  1.00 13.35 ? 1403 ILE A C   1 
ATOM   745  O O   . ILE A 1 112 ? -4.558  -0.051  12.621  1.00 12.84 ? 1403 ILE A O   1 
ATOM   746  C CB  . ILE A 1 112 ? -7.004  -2.225  13.472  1.00 13.98 ? 1403 ILE A CB  1 
ATOM   747  C CG1 . ILE A 1 112 ? -6.991  -3.633  14.075  1.00 15.91 ? 1403 ILE A CG1 1 
ATOM   748  C CG2 . ILE A 1 112 ? -6.852  -2.232  11.960  1.00 14.75 ? 1403 ILE A CG2 1 
ATOM   749  C CD1 . ILE A 1 112 ? -8.214  -4.487  13.756  1.00 17.95 ? 1403 ILE A CD1 1 
ATOM   750  N N   . TYR A 1 113 ? -6.307  0.941   13.637  0.31 13.11 ? 1404 TYR A N   1 
ATOM   751  C CA  . TYR A 1 113 ? -6.052  2.269   13.030  0.31 13.19 ? 1404 TYR A CA  1 
ATOM   752  C C   . TYR A 1 113 ? -4.636  2.727   13.391  0.31 13.23 ? 1404 TYR A C   1 
ATOM   753  O O   . TYR A 1 113 ? -3.909  3.180   12.485  0.31 13.48 ? 1404 TYR A O   1 
ATOM   754  C CB  . TYR A 1 113 ? -7.070  3.316   13.473  0.31 13.49 ? 1404 TYR A CB  1 
ATOM   755  C CG  . TYR A 1 113 ? -6.811  4.660   12.849  0.31 13.33 ? 1404 TYR A CG  1 
ATOM   756  C CD1 . TYR A 1 113 ? -6.706  4.788   11.473  0.31 13.59 ? 1404 TYR A CD1 1 
ATOM   757  C CD2 . TYR A 1 113 ? -6.656  5.800   13.623  0.31 13.45 ? 1404 TYR A CD2 1 
ATOM   758  C CE1 . TYR A 1 113 ? -6.451  6.013   10.881  0.31 13.58 ? 1404 TYR A CE1 1 
ATOM   759  C CE2 . TYR A 1 113 ? -6.415  7.034   13.045  0.31 13.98 ? 1404 TYR A CE2 1 
ATOM   760  C CZ  . TYR A 1 113 ? -6.318  7.143   11.670  0.31 13.63 ? 1404 TYR A CZ  1 
ATOM   761  O OH  . TYR A 1 113 ? -6.070  8.354   11.093  0.31 14.41 ? 1404 TYR A OH  1 
ATOM   762  N N   A SER A 1 114 ? -4.249  2.611   14.668  0.15 13.36 ? 1405 SER A N   1 
ATOM   763  N N   B SER A 1 114 ? -4.249  2.614   14.655  0.16 13.42 ? 1405 SER A N   1 
ATOM   764  C CA  A SER A 1 114 ? -2.916  3.040   15.164  0.15 13.75 ? 1405 SER A CA  1 
ATOM   765  C CA  B SER A 1 114 ? -2.918  3.051   15.139  0.16 13.84 ? 1405 SER A CA  1 
ATOM   766  C C   A SER A 1 114 ? -1.819  2.276   14.412  0.15 13.53 ? 1405 SER A C   1 
ATOM   767  C C   B SER A 1 114 ? -1.814  2.275   14.411  0.16 13.58 ? 1405 SER A C   1 
ATOM   768  O O   A SER A 1 114 ? -0.776  2.885   14.098  0.15 13.53 ? 1405 SER A O   1 
ATOM   769  O O   B SER A 1 114 ? -0.765  2.878   14.104  0.16 13.54 ? 1405 SER A O   1 
ATOM   770  C CB  A SER A 1 114 ? -2.783  2.875   16.658  0.15 14.27 ? 1405 SER A CB  1 
ATOM   771  C CB  B SER A 1 114 ? -2.819  2.913   16.624  0.16 14.45 ? 1405 SER A CB  1 
ATOM   772  O OG  A SER A 1 114 ? -2.591  1.516   17.018  0.15 14.84 ? 1405 SER A OG  1 
ATOM   773  O OG  B SER A 1 114 ? -3.739  3.797   17.243  0.16 15.20 ? 1405 SER A OG  1 
ATOM   774  N N   . MET A 1 115 ? -2.029  0.986   14.161  1.00 13.32 ? 1406 MET A N   1 
ATOM   775  C CA  . MET A 1 115 ? -1.070  0.159   13.412  1.00 13.68 ? 1406 MET A CA  1 
ATOM   776  C C   . MET A 1 115 ? -0.989  0.705   11.980  1.00 12.64 ? 1406 MET A C   1 
ATOM   777  O O   . MET A 1 115 ? 0.111   0.822   11.438  1.00 12.26 ? 1406 MET A O   1 
ATOM   778  C CB  . MET A 1 115 ? -1.519  -1.292  13.410  1.00 13.92 ? 1406 MET A CB  1 
ATOM   779  C CG  . MET A 1 115 ? -1.408  -1.944  14.761  1.00 15.08 ? 1406 MET A CG  1 
ATOM   780  S SD  . MET A 1 115 ? -2.333  -3.487  14.882  1.00 17.67 ? 1406 MET A SD  1 
ATOM   781  C CE  . MET A 1 115 ? -1.218  -4.577  14.063  1.00 17.80 ? 1406 MET A CE  1 
ATOM   782  N N   . SER A 1 116 ? -2.113  1.111   11.410  1.00 12.47 ? 1407 SER A N   1 
ATOM   783  C CA  . SER A 1 116 ? -2.144  1.645   10.038  1.00 11.95 ? 1407 SER A CA  1 
ATOM   784  C C   . SER A 1 116 ? -1.287  2.896   9.961   1.00 11.55 ? 1407 SER A C   1 
ATOM   785  O O   . SER A 1 116 ? -0.607  3.083   8.962   1.00 12.67 ? 1407 SER A O   1 
ATOM   786  C CB  . SER A 1 116 ? -3.549  1.915   9.535   1.00 12.93 ? 1407 SER A CB  1 
ATOM   787  O OG  . SER A 1 116 ? -4.064  3.171   9.935   1.00 12.71 ? 1407 SER A OG  1 
ATOM   788  N N   . LEU A 1 117 ? -1.342  3.774   10.959  1.00 11.64 ? 1408 LEU A N   1 
ATOM   789  C CA  . LEU A 1 117 ? -0.613  5.044   10.867  1.00 12.74 ? 1408 LEU A CA  1 
ATOM   790  C C   . LEU A 1 117 ? 0.889   4.774   10.914  1.00 12.24 ? 1408 LEU A C   1 
ATOM   791  O O   . LEU A 1 117 ? 1.656   5.446   10.203  1.00 12.67 ? 1408 LEU A O   1 
ATOM   792  C CB  . LEU A 1 117 ? -1.015  5.965   12.010  1.00 13.49 ? 1408 LEU A CB  1 
ATOM   793  C CG  . LEU A 1 117 ? -2.429  6.505   11.936  1.00 15.12 ? 1408 LEU A CG  1 
ATOM   794  C CD1 . LEU A 1 117 ? -2.670  7.429   13.118  1.00 17.54 ? 1408 LEU A CD1 1 
ATOM   795  C CD2 . LEU A 1 117 ? -2.710  7.209   10.621  1.00 16.88 ? 1408 LEU A CD2 1 
ATOM   796  N N   . ARG A 1 118 ? 1.330   3.841   11.756  1.00 12.40 ? 1409 ARG A N   1 
ATOM   797  C CA  . ARG A 1 118 ? 2.776   3.559   11.806  1.00 12.18 ? 1409 ARG A CA  1 
ATOM   798  C C   . ARG A 1 118 ? 3.228   2.899   10.507  1.00 12.11 ? 1409 ARG A C   1 
ATOM   799  O O   . ARG A 1 118 ? 4.265   3.265   9.939   1.00 13.06 ? 1409 ARG A O   1 
ATOM   800  C CB  . ARG A 1 118 ? 3.115   2.625   12.965  1.00 12.95 ? 1409 ARG A CB  1 
ATOM   801  C CG  . ARG A 1 118 ? 2.990   3.266   14.351  1.00 13.37 ? 1409 ARG A CG  1 
ATOM   802  C CD  . ARG A 1 118 ? 3.602   2.346   15.398  1.00 13.99 ? 1409 ARG A CD  1 
ATOM   803  N NE  . ARG A 1 118 ? 2.864   1.118   15.562  1.00 13.83 ? 1409 ARG A NE  1 
ATOM   804  C CZ  . ARG A 1 118 ? 1.872   0.887   16.420  1.00 16.79 ? 1409 ARG A CZ  1 
ATOM   805  N NH1 . ARG A 1 118 ? 1.477   1.817   17.258  1.00 18.53 ? 1409 ARG A NH1 1 
ATOM   806  N NH2 . ARG A 1 118 ? 1.293   -0.312  16.417  1.00 17.25 ? 1409 ARG A NH2 1 
ATOM   807  N N   . LEU A 1 119 ? 2.423   2.003   9.985   1.00 12.02 ? 1410 LEU A N   1 
ATOM   808  C CA  . LEU A 1 119 ? 2.784   1.323   8.744   1.00 12.86 ? 1410 LEU A CA  1 
ATOM   809  C C   . LEU A 1 119 ? 2.759   2.298   7.576   1.00 12.03 ? 1410 LEU A C   1 
ATOM   810  O O   . LEU A 1 119 ? 3.654   2.212   6.684   1.00 11.61 ? 1410 LEU A O   1 
ATOM   811  C CB  . LEU A 1 119 ? 1.823   0.171   8.533   1.00 14.08 ? 1410 LEU A CB  1 
ATOM   812  C CG  . LEU A 1 119 ? 2.286   -0.838  7.496   1.00 14.64 ? 1410 LEU A CG  1 
ATOM   813  C CD1 . LEU A 1 119 ? 3.521   -1.576  8.004   1.00 15.43 ? 1410 LEU A CD1 1 
ATOM   814  C CD2 . LEU A 1 119 ? 1.178   -1.827  7.244   1.00 14.38 ? 1410 LEU A CD2 1 
ATOM   815  N N   . SER A 1 120 ? 1.842   3.246   7.583   1.00 11.30 ? 1411 SER A N   1 
ATOM   816  C CA  . SER A 1 120 ? 1.777   4.287   6.552   1.00 12.12 ? 1411 SER A CA  1 
ATOM   817  C C   . SER A 1 120 ? 3.065   5.116   6.605   1.00 12.86 ? 1411 SER A C   1 
ATOM   818  O O   . SER A 1 120 ? 3.639   5.441   5.555   1.00 12.47 ? 1411 SER A O   1 
ATOM   819  C CB  . SER A 1 120 ? 0.554   5.144   6.759   1.00 12.52 ? 1411 SER A CB  1 
ATOM   820  O OG  . SER A 1 120 ? 0.569   6.245   5.869   1.00 13.50 ? 1411 SER A OG  1 
ATOM   821  N N   . ALA A 1 121 ? 3.511   5.531   7.785   1.00 11.77 ? 1412 ALA A N   1 
ATOM   822  C CA  . ALA A 1 121 ? 4.752   6.322   7.907   1.00 12.12 ? 1412 ALA A CA  1 
ATOM   823  C C   . ALA A 1 121 ? 5.913   5.548   7.335   1.00 11.78 ? 1412 ALA A C   1 
ATOM   824  O O   . ALA A 1 121 ? 6.741   6.112   6.598   1.00 12.33 ? 1412 ALA A O   1 
ATOM   825  C CB  . ALA A 1 121 ? 5.014   6.650   9.355   1.00 12.83 ? 1412 ALA A CB  1 
ATOM   826  N N   . PHE A 1 122 ? 5.999   4.269   7.655   1.00 12.46 ? 1413 PHE A N   1 
ATOM   827  C CA  . PHE A 1 122 ? 7.072   3.371   7.158   1.00 12.95 ? 1413 PHE A CA  1 
ATOM   828  C C   . PHE A 1 122 ? 7.031   3.272   5.632   1.00 12.95 ? 1413 PHE A C   1 
ATOM   829  O O   . PHE A 1 122 ? 8.034   3.460   4.934   1.00 13.32 ? 1413 PHE A O   1 
ATOM   830  C CB  . PHE A 1 122 ? 6.961   2.020   7.842   1.00 13.64 ? 1413 PHE A CB  1 
ATOM   831  C CG  . PHE A 1 122 ? 7.946   1.015   7.332   1.00 15.33 ? 1413 PHE A CG  1 
ATOM   832  C CD1 . PHE A 1 122 ? 9.244   1.011   7.800   1.00 17.93 ? 1413 PHE A CD1 1 
ATOM   833  C CD2 . PHE A 1 122 ? 7.611   0.120   6.331   1.00 15.90 ? 1413 PHE A CD2 1 
ATOM   834  C CE1 . PHE A 1 122 ? 10.178  0.108   7.316   1.00 18.97 ? 1413 PHE A CE1 1 
ATOM   835  C CE2 . PHE A 1 122 ? 8.544   -0.809  5.880   1.00 17.28 ? 1413 PHE A CE2 1 
ATOM   836  C CZ  . PHE A 1 122 ? 9.826   -0.793  6.355   1.00 20.17 ? 1413 PHE A CZ  1 
ATOM   837  N N   . PHE A 1 123 ? 5.829   3.043   5.102   1.00 11.94 ? 1414 PHE A N   1 
ATOM   838  C CA  . PHE A 1 123 ? 5.649   2.939   3.650   1.00 12.62 ? 1414 PHE A CA  1 
ATOM   839  C C   . PHE A 1 123 ? 6.037   4.248   2.973   1.00 11.57 ? 1414 PHE A C   1 
ATOM   840  O O   . PHE A 1 123 ? 6.815   4.203   1.996   1.00 12.47 ? 1414 PHE A O   1 
ATOM   841  C CB  . PHE A 1 123 ? 4.200   2.580   3.325   1.00 11.88 ? 1414 PHE A CB  1 
ATOM   842  C CG  . PHE A 1 123 ? 3.893   2.618   1.842   1.00 12.20 ? 1414 PHE A CG  1 
ATOM   843  C CD1 . PHE A 1 123 ? 4.343   1.613   1.012   1.00 11.90 ? 1414 PHE A CD1 1 
ATOM   844  C CD2 . PHE A 1 123 ? 3.240   3.718   1.290   1.00 12.39 ? 1414 PHE A CD2 1 
ATOM   845  C CE1 . PHE A 1 123 ? 4.116   1.696   -0.371  1.00 12.42 ? 1414 PHE A CE1 1 
ATOM   846  C CE2 . PHE A 1 123 ? 2.989   3.778   -0.067  1.00 12.84 ? 1414 PHE A CE2 1 
ATOM   847  C CZ  . PHE A 1 123 ? 3.454   2.778   -0.866  1.00 12.00 ? 1414 PHE A CZ  1 
ATOM   848  N N   . GLU A 1 124 ? 5.540   5.389   3.419   1.00 11.61 ? 1415 GLU A N   1 
ATOM   849  C CA  . GLU A 1 124 ? 5.834   6.688   2.782   1.00 13.02 ? 1415 GLU A CA  1 
ATOM   850  C C   . GLU A 1 124 ? 7.345   6.958   2.828   1.00 13.79 ? 1415 GLU A C   1 
ATOM   851  O O   . GLU A 1 124 ? 7.889   7.431   1.853   1.00 15.51 ? 1415 GLU A O   1 
ATOM   852  C CB  . GLU A 1 124 ? 5.037   7.802   3.443   1.00 13.71 ? 1415 GLU A CB  1 
ATOM   853  C CG  . GLU A 1 124 ? 3.528   7.690   3.181   1.00 15.33 ? 1415 GLU A CG  1 
ATOM   854  C CD  . GLU A 1 124 ? 3.092   7.755   1.726   1.00 16.92 ? 1415 GLU A CD  1 
ATOM   855  O OE1 . GLU A 1 124 ? 3.816   8.395   0.932   1.00 18.60 ? 1415 GLU A OE1 1 
ATOM   856  O OE2 . GLU A 1 124 ? 2.062   7.148   1.376   1.00 15.87 ? 1415 GLU A OE2 1 
ATOM   857  N N   . GLU A 1 125 ? 7.997   6.591   3.936   1.00 13.33 ? 1416 GLU A N   1 
ATOM   858  C CA  . GLU A 1 125 ? 9.439   6.868   4.109   1.00 14.73 ? 1416 GLU A CA  1 
ATOM   859  C C   . GLU A 1 125 ? 10.180  6.112   3.026   1.00 14.59 ? 1416 GLU A C   1 
ATOM   860  O O   . GLU A 1 125 ? 11.155  6.651   2.492   1.00 16.09 ? 1416 GLU A O   1 
ATOM   861  C CB  . GLU A 1 125 ? 9.833   6.359   5.496   1.00 15.35 ? 1416 GLU A CB  1 
ATOM   862  C CG  . GLU A 1 125 ? 11.287  6.449   5.869   1.00 16.88 ? 1416 GLU A CG  1 
ATOM   863  C CD  . GLU A 1 125 ? 11.456  5.958   7.296   1.00 17.22 ? 1416 GLU A CD  1 
ATOM   864  O OE1 . GLU A 1 125 ? 10.961  6.698   8.174   1.00 18.10 ? 1416 GLU A OE1 1 
ATOM   865  O OE2 . GLU A 1 125 ? 11.916  4.795   7.527   1.00 17.97 ? 1416 GLU A OE2 1 
ATOM   866  N N   . HIS A 1 126 ? 9.754   4.902   2.685   1.00 15.01 ? 1417 HIS A N   1 
ATOM   867  C CA  . HIS A 1 126 ? 10.452  3.993   1.751   1.00 16.78 ? 1417 HIS A CA  1 
ATOM   868  C C   . HIS A 1 126 ? 9.981   4.183   0.306   1.00 15.61 ? 1417 HIS A C   1 
ATOM   869  O O   . HIS A 1 126 ? 10.840  4.045   -0.607  1.00 16.99 ? 1417 HIS A O   1 
ATOM   870  C CB  . HIS A 1 126 ? 10.276  2.554   2.213   1.00 18.01 ? 1417 HIS A CB  1 
ATOM   871  C CG  . HIS A 1 126 ? 11.122  2.218   3.383   1.00 22.54 ? 1417 HIS A CG  1 
ATOM   872  N ND1 . HIS A 1 126 ? 10.861  2.700   4.647   1.00 23.18 ? 1417 HIS A ND1 1 
ATOM   873  C CD2 . HIS A 1 126 ? 12.225  1.440   3.468   1.00 26.51 ? 1417 HIS A CD2 1 
ATOM   874  C CE1 . HIS A 1 126 ? 11.841  2.294   5.450   1.00 24.26 ? 1417 HIS A CE1 1 
ATOM   875  N NE2 . HIS A 1 126 ? 12.628  1.469   4.779   1.00 31.04 ? 1417 HIS A NE2 1 
ATOM   876  N N   . ILE A 1 127 ? 8.747   4.578   0.048   1.00 15.20 ? 1418 ILE A N   1 
ATOM   877  C CA  . ILE A 1 127 ? 8.283   4.675   -1.351  1.00 14.31 ? 1418 ILE A CA  1 
ATOM   878  C C   . ILE A 1 127 ? 8.756   5.958   -2.025  1.00 14.52 ? 1418 ILE A C   1 
ATOM   879  O O   . ILE A 1 127 ? 8.799   6.032   -3.243  1.00 14.00 ? 1418 ILE A O   1 
ATOM   880  C CB  . ILE A 1 127 ? 6.749   4.572   -1.415  1.00 13.83 ? 1418 ILE A CB  1 
ATOM   881  C CG1 . ILE A 1 127 ? 6.274   4.093   -2.796  1.00 15.01 ? 1418 ILE A CG1 1 
ATOM   882  C CG2 . ILE A 1 127 ? 6.076   5.882   -1.063  1.00 14.31 ? 1418 ILE A CG2 1 
ATOM   883  C CD1 . ILE A 1 127 ? 6.800   2.761   -3.195  1.00 15.89 ? 1418 ILE A CD1 1 
ATOM   884  N N   A SER A 1 128 ? 9.097   6.986   -1.253  0.25 14.18 ? 1419 SER A N   1 
ATOM   885  N N   B SER A 1 128 ? 9.082   6.967   -1.221  0.25 14.28 ? 1419 SER A N   1 
ATOM   886  C CA  A SER A 1 128 ? 9.452   8.303   -1.839  0.25 14.28 ? 1419 SER A CA  1 
ATOM   887  C CA  B SER A 1 128 ? 9.533   8.296   -1.704  0.25 14.56 ? 1419 SER A CA  1 
ATOM   888  C C   A SER A 1 128 ? 10.601  8.145   -2.864  0.25 14.52 ? 1419 SER A C   1 
ATOM   889  C C   B SER A 1 128 ? 10.587  8.131   -2.822  0.25 14.75 ? 1419 SER A C   1 
ATOM   890  O O   A SER A 1 128 ? 10.441  8.672   -4.000  0.25 13.48 ? 1419 SER A O   1 
ATOM   891  O O   B SER A 1 128 ? 10.345  8.625   -3.953  0.25 13.25 ? 1419 SER A O   1 
ATOM   892  C CB  A SER A 1 128 ? 9.748   9.315   -0.761  0.25 14.79 ? 1419 SER A CB  1 
ATOM   893  C CB  B SER A 1 128 ? 10.030  9.106   -0.529  0.25 15.26 ? 1419 SER A CB  1 
ATOM   894  O OG  A SER A 1 128 ? 10.772  8.845   0.095   0.25 16.51 ? 1419 SER A OG  1 
ATOM   895  O OG  B SER A 1 128 ? 10.739  10.251  -0.960  0.25 17.07 ? 1419 SER A OG  1 
ATOM   896  N N   . SER A 1 129 ? 11.675  7.411   -2.524  1.00 13.58 ? 1420 SER A N   1 
ATOM   897  C CA  . SER A 1 129 ? 12.834  7.276   -3.452  1.00 15.49 ? 1420 SER A CA  1 
ATOM   898  C C   . SER A 1 129 ? 12.396  6.438   -4.660  1.00 15.08 ? 1420 SER A C   1 
ATOM   899  O O   . SER A 1 129 ? 12.844  6.717   -5.777  1.00 14.85 ? 1420 SER A O   1 
ATOM   900  C CB  . SER A 1 129 ? 14.033  6.700   -2.770  1.00 17.10 ? 1420 SER A CB  1 
ATOM   901  O OG  . SER A 1 129 ? 13.797  5.396   -2.291  1.00 23.59 ? 1420 SER A OG  1 
ATOM   902  N N   . VAL A 1 130 ? 11.502  5.465   -4.439  1.00 14.24 ? 1421 VAL A N   1 
ATOM   903  C CA  . VAL A 1 130 ? 11.051  4.606   -5.570  1.00 14.60 ? 1421 VAL A CA  1 
ATOM   904  C C   . VAL A 1 130 ? 10.322  5.466   -6.585  1.00 13.93 ? 1421 VAL A C   1 
ATOM   905  O O   . VAL A 1 130 ? 10.581  5.389   -7.819  1.00 13.80 ? 1421 VAL A O   1 
ATOM   906  C CB  . VAL A 1 130 ? 10.141  3.499   -5.067  1.00 13.61 ? 1421 VAL A CB  1 
ATOM   907  C CG1 . VAL A 1 130 ? 9.638   2.654   -6.233  1.00 13.88 ? 1421 VAL A CG1 1 
ATOM   908  C CG2 . VAL A 1 130 ? 10.877  2.623   -4.114  1.00 14.33 ? 1421 VAL A CG2 1 
ATOM   909  N N   . LEU A 1 131 ? 9.442   6.335   -6.139  1.00 13.23 ? 1422 LEU A N   1 
ATOM   910  C CA  . LEU A 1 131 ? 8.687   7.255   -6.993  1.00 13.35 ? 1422 LEU A CA  1 
ATOM   911  C C   . LEU A 1 131 ? 9.631   8.237   -7.668  1.00 13.24 ? 1422 LEU A C   1 
ATOM   912  O O   . LEU A 1 131 ? 9.527   8.449   -8.872  1.00 13.93 ? 1422 LEU A O   1 
ATOM   913  C CB  . LEU A 1 131 ? 7.631   8.009   -6.185  1.00 14.56 ? 1422 LEU A CB  1 
ATOM   914  C CG  . LEU A 1 131 ? 6.517   7.128   -5.617  1.00 14.76 ? 1422 LEU A CG  1 
ATOM   915  C CD1 . LEU A 1 131 ? 5.710   7.888   -4.598  1.00 16.22 ? 1422 LEU A CD1 1 
ATOM   916  C CD2 . LEU A 1 131 ? 5.631   6.587   -6.714  1.00 16.02 ? 1422 LEU A CD2 1 
ATOM   917  N N   . SER A 1 132 ? 10.495  8.862   -6.882  1.00 14.12 ? 1423 SER A N   1 
ATOM   918  C CA  . SER A 1 132 ? 11.428  9.865   -7.434  1.00 13.86 ? 1423 SER A CA  1 
ATOM   919  C C   . SER A 1 132 ? 12.293  9.211   -8.513  1.00 13.73 ? 1423 SER A C   1 
ATOM   920  O O   . SER A 1 132 ? 12.478  9.835   -9.564  1.00 14.66 ? 1423 SER A O   1 
ATOM   921  C CB  . SER A 1 132 ? 12.291  10.464  -6.346  1.00 15.09 ? 1423 SER A CB  1 
ATOM   922  O OG  . SER A 1 132 ? 11.489  11.221  -5.475  1.00 18.90 ? 1423 SER A OG  1 
ATOM   923  N N   . ASP A 1 133 ? 12.872  8.049   -8.243  1.00 14.02 ? 1424 ASP A N   1 
ATOM   924  C CA  . ASP A 1 133 ? 13.758  7.406   -9.233  1.00 14.73 ? 1424 ASP A CA  1 
ATOM   925  C C   . ASP A 1 133 ? 12.983  7.081   -10.493 1.00 14.71 ? 1424 ASP A C   1 
ATOM   926  O O   . ASP A 1 133 ? 13.495  7.257   -11.609 1.00 14.51 ? 1424 ASP A O   1 
ATOM   927  C CB  . ASP A 1 133 ? 14.459  6.182   -8.686  1.00 15.86 ? 1424 ASP A CB  1 
ATOM   928  C CG  . ASP A 1 133 ? 15.519  6.441   -7.646  1.00 20.43 ? 1424 ASP A CG  1 
ATOM   929  O OD1 . ASP A 1 133 ? 15.787  7.626   -7.347  1.00 21.16 ? 1424 ASP A OD1 1 
ATOM   930  O OD2 . ASP A 1 133 ? 16.041  5.442   -7.139  1.00 24.35 ? 1424 ASP A OD2 1 
ATOM   931  N N   . TYR A 1 134 ? 11.785  6.543   -10.341 1.00 13.61 ? 1425 TYR A N   1 
ATOM   932  C CA  . TYR A 1 134 ? 10.987  6.172   -11.509 1.00 12.98 ? 1425 TYR A CA  1 
ATOM   933  C C   . TYR A 1 134 ? 10.713  7.406   -12.340 1.00 13.44 ? 1425 TYR A C   1 
ATOM   934  O O   . TYR A 1 134 ? 10.860  7.394   -13.590 1.00 13.24 ? 1425 TYR A O   1 
ATOM   935  C CB  . TYR A 1 134 ? 9.667   5.476   -11.125 1.00 12.26 ? 1425 TYR A CB  1 
ATOM   936  C CG  . TYR A 1 134 ? 8.774   5.194   -12.291 1.00 12.87 ? 1425 TYR A CG  1 
ATOM   937  C CD1 . TYR A 1 134 ? 9.027   4.137   -13.150 1.00 14.69 ? 1425 TYR A CD1 1 
ATOM   938  C CD2 . TYR A 1 134 ? 7.729   6.034   -12.547 1.00 13.82 ? 1425 TYR A CD2 1 
ATOM   939  C CE1 . TYR A 1 134 ? 8.173   3.863   -14.194 1.00 16.38 ? 1425 TYR A CE1 1 
ATOM   940  C CE2 . TYR A 1 134 ? 6.888   5.807   -13.606 1.00 14.44 ? 1425 TYR A CE2 1 
ATOM   941  C CZ  . TYR A 1 134 ? 7.136   4.732   -14.445 1.00 15.02 ? 1425 TYR A CZ  1 
ATOM   942  O OH  . TYR A 1 134 ? 6.311   4.456   -15.495 1.00 19.65 ? 1425 TYR A OH  1 
ATOM   943  N N   . LYS A 1 135 ? 10.226  8.481   -11.713 1.00 13.55 ? 1426 LYS A N   1 
ATOM   944  C CA  . LYS A 1 135 ? 9.805   9.675   -12.467 1.00 13.26 ? 1426 LYS A CA  1 
ATOM   945  C C   . LYS A 1 135 ? 11.050  10.289  -13.121 1.00 14.04 ? 1426 LYS A C   1 
ATOM   946  O O   . LYS A 1 135 ? 10.941  10.751  -14.240 1.00 13.41 ? 1426 LYS A O   1 
ATOM   947  C CB  . LYS A 1 135 ? 9.085   10.688  -11.564 1.00 15.28 ? 1426 LYS A CB  1 
ATOM   948  C CG  . LYS A 1 135 ? 7.767   10.127  -11.061 1.00 16.82 ? 1426 LYS A CG  1 
ATOM   949  C CD  . LYS A 1 135 ? 7.072   11.127  -10.134 1.00 18.00 ? 1426 LYS A CD  1 
ATOM   950  C CE  . LYS A 1 135 ? 5.882   10.515  -9.421  1.00 22.28 ? 1426 LYS A CE  1 
ATOM   951  N NZ  . LYS A 1 135 ? 5.533   11.329  -8.238  1.00 23.98 ? 1426 LYS A NZ  1 
ATOM   952  N N   . SER A 1 136 ? 12.169  10.247  -12.444 1.00 13.83 ? 1427 SER A N   1 
ATOM   953  C CA  . SER A 1 136 ? 13.445  10.760  -13.026 1.00 14.94 ? 1427 SER A CA  1 
ATOM   954  C C   . SER A 1 136 ? 13.841  9.930   -14.248 1.00 14.74 ? 1427 SER A C   1 
ATOM   955  O O   . SER A 1 136 ? 14.222  10.462  -15.305 1.00 13.64 ? 1427 SER A O   1 
ATOM   956  C CB  . SER A 1 136 ? 14.518  10.722  -11.999 1.00 17.33 ? 1427 SER A CB  1 
ATOM   957  O OG  . SER A 1 136 ? 15.760  10.968  -12.623 1.00 23.91 ? 1427 SER A OG  1 
ATOM   958  N N   . ALA A 1 137 ? 13.718  8.625   -14.133 1.00 15.04 ? 1428 ALA A N   1 
ATOM   959  C CA  . ALA A 1 137 ? 14.096  7.695   -15.216 1.00 15.52 ? 1428 ALA A CA  1 
ATOM   960  C C   . ALA A 1 137 ? 13.193  7.928   -16.391 1.00 14.52 ? 1428 ALA A C   1 
ATOM   961  O O   . ALA A 1 137 ? 13.651  7.917   -17.568 1.00 15.16 ? 1428 ALA A O   1 
ATOM   962  C CB  . ALA A 1 137 ? 13.983  6.252   -14.769 1.00 17.39 ? 1428 ALA A CB  1 
ATOM   963  N N   A LEU A 1 138 ? 11.891  8.157   -16.193 0.25 14.73 ? 1429 LEU A N   1 
ATOM   964  N N   B LEU A 1 138 ? 11.916  8.133   -16.127 0.25 14.51 ? 1429 LEU A N   1 
ATOM   965  C CA  A LEU A 1 138 ? 10.959  8.397   -17.330 0.25 15.63 ? 1429 LEU A CA  1 
ATOM   966  C CA  B LEU A 1 138 ? 10.957  8.378   -17.210 0.25 14.98 ? 1429 LEU A CA  1 
ATOM   967  C C   A LEU A 1 138 ? 11.225  9.774   -17.954 0.25 14.81 ? 1429 LEU A C   1 
ATOM   968  C C   B LEU A 1 138 ? 11.311  9.696   -17.905 0.25 14.55 ? 1429 LEU A C   1 
ATOM   969  O O   A LEU A 1 138 ? 11.064  9.950   -19.201 0.25 13.58 ? 1429 LEU A O   1 
ATOM   970  O O   B LEU A 1 138 ? 11.376  9.680   -19.145 0.25 14.63 ? 1429 LEU A O   1 
ATOM   971  C CB  A LEU A 1 138 ? 9.501   8.268   -16.883 0.25 17.41 ? 1429 LEU A CB  1 
ATOM   972  C CB  B LEU A 1 138 ? 9.543   8.354   -16.642 0.25 16.52 ? 1429 LEU A CB  1 
ATOM   973  C CG  A LEU A 1 138 ? 8.860   6.894   -17.055 0.25 18.10 ? 1429 LEU A CG  1 
ATOM   974  C CG  B LEU A 1 138 ? 8.485   7.845   -17.609 0.25 16.19 ? 1429 LEU A CG  1 
ATOM   975  C CD1 A LEU A 1 138 ? 7.352   7.032   -17.083 0.25 18.17 ? 1429 LEU A CD1 1 
ATOM   976  C CD1 B LEU A 1 138 ? 8.748   6.405   -18.042 0.25 15.97 ? 1429 LEU A CD1 1 
ATOM   977  C CD2 A LEU A 1 138 ? 9.348   6.188   -18.313 0.25 17.77 ? 1429 LEU A CD2 1 
ATOM   978  C CD2 B LEU A 1 138 ? 7.122   7.983   -16.958 0.25 16.33 ? 1429 LEU A CD2 1 
ATOM   979  N N   . ARG A 1 139 ? 11.596  10.767  -17.139 1.00 13.71 ? 1430 ARG A N   1 
ATOM   980  C CA  . ARG A 1 139 ? 11.962  12.077  -17.722 1.00 14.31 ? 1430 ARG A CA  1 
ATOM   981  C C   . ARG A 1 139 ? 13.213  11.890  -18.602 1.00 12.78 ? 1430 ARG A C   1 
ATOM   982  O O   . ARG A 1 139 ? 13.241  12.436  -19.708 1.00 15.00 ? 1430 ARG A O   1 
ATOM   983  C CB  . ARG A 1 139 ? 12.191  13.157  -16.673 1.00 14.54 ? 1430 ARG A CB  1 
ATOM   984  C CG  . ARG A 1 139 ? 10.928  13.570  -15.933 1.00 14.63 ? 1430 ARG A CG  1 
ATOM   985  C CD  . ARG A 1 139 ? 11.209  14.773  -15.046 1.00 15.35 ? 1430 ARG A CD  1 
ATOM   986  N NE  . ARG A 1 139 ? 12.020  14.489  -13.900 1.00 15.88 ? 1430 ARG A NE  1 
ATOM   987  C CZ  . ARG A 1 139 ? 11.581  14.189  -12.669 1.00 14.97 ? 1430 ARG A CZ  1 
ATOM   988  N NH1 . ARG A 1 139 ? 10.292  13.968  -12.430 1.00 16.93 ? 1430 ARG A NH1 1 
ATOM   989  N NH2 . ARG A 1 139 ? 12.435  14.081  -11.680 1.00 15.80 ? 1430 ARG A NH2 1 
ATOM   990  N N   . PHE A 1 140 ? 14.180  11.109  -18.129 1.00 11.77 ? 1431 PHE A N   1 
ATOM   991  C CA  . PHE A 1 140 ? 15.409  10.895  -18.914 1.00 13.13 ? 1431 PHE A CA  1 
ATOM   992  C C   . PHE A 1 140 ? 15.051  10.192  -20.215 1.00 13.41 ? 1431 PHE A C   1 
ATOM   993  O O   . PHE A 1 140 ? 15.534  10.556  -21.277 1.00 13.84 ? 1431 PHE A O   1 
ATOM   994  C CB  . PHE A 1 140 ? 16.414  10.108  -18.102 1.00 13.24 ? 1431 PHE A CB  1 
ATOM   995  C CG  . PHE A 1 140 ? 17.751  9.998   -18.776 1.00 15.29 ? 1431 PHE A CG  1 
ATOM   996  C CD1 . PHE A 1 140 ? 18.640  11.069  -18.755 1.00 17.95 ? 1431 PHE A CD1 1 
ATOM   997  C CD2 . PHE A 1 140 ? 18.097  8.858   -19.455 1.00 16.21 ? 1431 PHE A CD2 1 
ATOM   998  C CE1 . PHE A 1 140 ? 19.872  10.976  -19.391 1.00 17.53 ? 1431 PHE A CE1 1 
ATOM   999  C CE2 . PHE A 1 140 ? 19.305  8.791   -20.132 1.00 17.38 ? 1431 PHE A CE2 1 
ATOM   1000 C CZ  . PHE A 1 140 ? 20.203  9.831   -20.054 1.00 17.86 ? 1431 PHE A CZ  1 
ATOM   1001 N N   . HIS A 1 141 ? 14.154  9.212   -20.118 1.00 14.72 ? 1432 HIS A N   1 
ATOM   1002 C CA  . HIS A 1 141 ? 13.773  8.408   -21.304 1.00 16.69 ? 1432 HIS A CA  1 
ATOM   1003 C C   . HIS A 1 141 ? 13.150  9.337   -22.336 1.00 19.58 ? 1432 HIS A C   1 
ATOM   1004 O O   . HIS A 1 141 ? 13.383  9.160   -23.559 1.00 21.96 ? 1432 HIS A O   1 
ATOM   1005 C CB  . HIS A 1 141 ? 12.824  7.309   -20.889 1.00 17.30 ? 1432 HIS A CB  1 
ATOM   1006 C CG  . HIS A 1 141 ? 12.497  6.459   -22.060 1.00 16.79 ? 1432 HIS A CG  1 
ATOM   1007 N ND1 . HIS A 1 141 ? 13.398  5.522   -22.494 1.00 16.37 ? 1432 HIS A ND1 1 
ATOM   1008 C CD2 . HIS A 1 141 ? 11.390  6.346   -22.815 1.00 19.83 ? 1432 HIS A CD2 1 
ATOM   1009 C CE1 . HIS A 1 141 ? 12.883  4.886   -23.535 1.00 17.59 ? 1432 HIS A CE1 1 
ATOM   1010 N NE2 . HIS A 1 141 ? 11.644  5.363   -23.748 1.00 19.36 ? 1432 HIS A NE2 1 
ATOM   1011 N N   . LYS A 1 142 ? 12.373  10.319  -21.891 1.00 20.34 ? 1433 LYS A N   1 
ATOM   1012 C CA  . LYS A 1 142 ? 11.631  11.231  -22.781 1.00 24.08 ? 1433 LYS A CA  1 
ATOM   1013 C C   . LYS A 1 142 ? 12.445  12.477  -23.115 1.00 26.95 ? 1433 LYS A C   1 
ATOM   1014 O O   . LYS A 1 142 ? 11.881  13.339  -23.804 1.00 35.98 ? 1433 LYS A O   1 
ATOM   1015 C CB  . LYS A 1 142 ? 10.308  11.599  -22.099 1.00 29.47 ? 1433 LYS A CB  1 
ATOM   1016 C CG  . LYS A 1 142 ? 9.357   10.439  -21.830 1.00 32.92 ? 1433 LYS A CG  1 
ATOM   1017 C CD  . LYS A 1 142 ? 8.063   10.894  -21.164 1.00 37.34 ? 1433 LYS A CD  1 
ATOM   1018 C CE  . LYS A 1 142 ? 7.306   9.834   -20.389 1.00 41.71 ? 1433 LYS A CE  1 
ATOM   1019 N NZ  . LYS A 1 142 ? 7.492   8.479   -20.958 1.00 47.17 ? 1433 LYS A NZ  1 
ATOM   1020 N N   . ARG A 1 143 ? 13.707  12.609  -22.686 1.00 25.88 ? 1434 ARG A N   1 
ATOM   1021 C CA  . ARG A 1 143 ? 14.472  13.887  -22.733 1.00 24.73 ? 1434 ARG A CA  1 
ATOM   1022 C C   . ARG A 1 143 ? 14.588  14.446  -24.161 1.00 29.26 ? 1434 ARG A C   1 
ATOM   1023 O O   . ARG A 1 143 ? 14.626  13.677  -25.074 1.00 34.94 ? 1434 ARG A O   1 
ATOM   1024 C CB  . ARG A 1 143 ? 15.848  13.737  -22.102 1.00 23.96 ? 1434 ARG A CB  1 
ATOM   1025 C CG  . ARG A 1 143 ? 16.798  12.858  -22.898 1.00 22.51 ? 1434 ARG A CG  1 
ATOM   1026 C CD  . ARG A 1 143 ? 17.973  12.435  -22.079 1.00 23.04 ? 1434 ARG A CD  1 
ATOM   1027 N NE  . ARG A 1 143 ? 18.930  11.676  -22.850 1.00 22.44 ? 1434 ARG A NE  1 
ATOM   1028 C CZ  . ARG A 1 143 ? 18.841  10.422  -23.204 1.00 21.76 ? 1434 ARG A CZ  1 
ATOM   1029 N NH1 . ARG A 1 143 ? 17.776  9.705   -22.900 1.00 19.77 ? 1434 ARG A NH1 1 
ATOM   1030 N NH2 . ARG A 1 143 ? 19.820  9.845   -23.898 1.00 23.90 ? 1434 ARG A NH2 1 
HETATM 1031 N N1  . Y0D B 2 .   ? -8.531  -7.726  8.605   0.31 16.42 ? 1501 Y0D A N1  1 
HETATM 1032 N N3  . Y0D B 2 .   ? -9.750  -2.912  9.526   0.31 14.46 ? 1501 Y0D A N3  1 
HETATM 1033 C C4  . Y0D B 2 .   ? -6.797  -10.993 7.723   0.31 17.27 ? 1501 Y0D A C4  1 
HETATM 1034 C C5  . Y0D B 2 .   ? -6.089  -9.708  7.459   0.31 17.21 ? 1501 Y0D A C5  1 
HETATM 1035 C C6  . Y0D B 2 .   ? -10.667 -5.101  10.033  0.31 15.12 ? 1501 Y0D A C6  1 
HETATM 1036 C C7  . Y0D B 2 .   ? -10.970 -3.719  9.495   0.31 14.71 ? 1501 Y0D A C7  1 
HETATM 1037 C C8  . Y0D B 2 .   ? -9.592  -1.688  10.029  0.31 13.88 ? 1501 Y0D A C8  1 
HETATM 1038 C C10 . Y0D B 2 .   ? -10.798 -2.117  12.266  0.31 13.74 ? 1501 Y0D A C10 1 
HETATM 1039 C C13 . Y0D B 2 .   ? -8.557  -3.563  8.980   0.31 15.32 ? 1501 Y0D A C13 1 
HETATM 1040 C C1  . Y0D B 2 .   ? -9.595  -7.141  9.168   0.31 16.11 ? 1501 Y0D A C1  1 
HETATM 1041 C C11 . Y0D B 2 .   ? -10.938 -1.399  13.483  0.31 13.91 ? 1501 Y0D A C11 1 
HETATM 1042 C C12 . Y0D B 2 .   ? -10.622 -0.096  13.369  0.31 13.44 ? 1501 Y0D A C12 1 
HETATM 1043 C C14 . Y0D B 2 .   ? -8.901  -4.889  8.348   0.31 15.93 ? 1501 Y0D A C14 1 
HETATM 1044 C C2  . Y0D B 2 .   ? -8.215  -9.134  8.807   0.31 16.84 ? 1501 Y0D A C2  1 
HETATM 1045 C C3  . Y0D B 2 .   ? -7.571  -9.727  7.590   0.31 17.28 ? 1501 Y0D A C3  1 
HETATM 1046 C C9  . Y0D B 2 .   ? -10.170 -1.342  11.296  0.31 13.68 ? 1501 Y0D A C9  1 
HETATM 1047 N N2  . Y0D B 2 .   ? -9.595  -5.769  9.285   0.31 15.57 ? 1501 Y0D A N2  1 
HETATM 1048 O O1  . Y0D B 2 .   ? -10.525 -7.803  9.618   0.31 16.74 ? 1501 Y0D A O1  1 
HETATM 1049 O O2  . Y0D B 2 .   ? -8.852  -0.891  9.476   0.31 13.33 ? 1501 Y0D A O2  1 
HETATM 1050 S S1  . Y0D B 2 .   ? -10.027 0.290   11.830  0.31 14.67 ? 1501 Y0D A S1  1 
HETATM 1051 O O   . HOH C 3 .   ? 12.790  -9.069  -0.179  1.00 38.13 ? 1601 HOH A O   1 
HETATM 1052 O O   . HOH C 3 .   ? -5.765  -12.689 -0.170  1.00 39.00 ? 1602 HOH A O   1 
HETATM 1053 O O   . HOH C 3 .   ? -22.815 -4.352  3.485   1.00 39.44 ? 1603 HOH A O   1 
HETATM 1054 O O   . HOH C 3 .   ? -11.281 -5.027  16.009  1.00 42.82 ? 1604 HOH A O   1 
HETATM 1055 O O   . HOH C 3 .   ? -11.455 -0.350  17.582  1.00 48.99 ? 1605 HOH A O   1 
HETATM 1056 O O   . HOH C 3 .   ? 0.192   -7.870  14.692  1.00 24.73 ? 1606 HOH A O   1 
HETATM 1057 O O   . HOH C 3 .   ? -20.723 -5.190  4.704   1.00 31.55 ? 1607 HOH A O   1 
HETATM 1058 O O   . HOH C 3 .   ? 6.466   2.382   -16.682 1.00 32.02 ? 1608 HOH A O   1 
HETATM 1059 O O   . HOH C 3 .   ? -1.304  -0.335  17.893  1.00 30.59 ? 1609 HOH A O   1 
HETATM 1060 O O   . HOH C 3 .   ? 12.090  -9.338  -5.231  1.00 40.89 ? 1610 HOH A O   1 
HETATM 1061 O O   . HOH C 3 .   ? 1.695   3.221   -21.445 1.00 36.25 ? 1611 HOH A O   1 
HETATM 1062 O O   . HOH C 3 .   ? 13.069  3.018   -0.546  1.00 32.96 ? 1612 HOH A O   1 
HETATM 1063 O O   . HOH C 3 .   ? -9.664  -12.403 4.510   1.00 40.42 ? 1613 HOH A O   1 
HETATM 1064 O O   . HOH C 3 .   ? -2.561  -11.392 16.288  1.00 53.08 ? 1614 HOH A O   1 
HETATM 1065 O O   . HOH C 3 .   ? -9.729  -2.717  2.974   1.00 15.03 ? 1615 HOH A O   1 
HETATM 1066 O O   . HOH C 3 .   ? -10.578 12.855  10.366  1.00 34.38 ? 1616 HOH A O   1 
HETATM 1067 O O   . HOH C 3 .   ? -18.567 -4.080  12.549  1.00 51.85 ? 1617 HOH A O   1 
HETATM 1068 O O   . HOH C 3 .   ? -16.187 6.665   7.851   1.00 20.05 ? 1618 HOH A O   1 
HETATM 1069 O O   . HOH C 3 .   ? -5.207  -1.979  -8.718  1.00 36.84 ? 1619 HOH A O   1 
HETATM 1070 O O   . HOH C 3 .   ? 1.033   -10.248 14.169  1.00 49.10 ? 1620 HOH A O   1 
HETATM 1071 O O   . HOH C 3 .   ? -11.160 -3.934  -4.177  1.00 28.52 ? 1621 HOH A O   1 
HETATM 1072 O O   . HOH C 3 .   ? -24.070 -0.003  8.454   1.00 27.49 ? 1622 HOH A O   1 
HETATM 1073 O O   . HOH C 3 .   ? 10.539  9.233   7.942   1.00 27.78 ? 1623 HOH A O   1 
HETATM 1074 O O   . HOH C 3 .   ? -22.020 0.512   10.221  1.00 26.95 ? 1624 HOH A O   1 
HETATM 1075 O O   . HOH C 3 .   ? 1.163   5.779   -13.838 1.00 30.73 ? 1625 HOH A O   1 
HETATM 1076 O O   . HOH C 3 .   ? -22.474 -8.334  6.181   1.00 26.44 ? 1626 HOH A O   1 
HETATM 1077 O O   . HOH C 3 .   ? -8.629  -8.350  -3.683  1.00 31.40 ? 1627 HOH A O   1 
HETATM 1078 O O   . HOH C 3 .   ? -14.930 4.015   0.854   1.00 28.93 ? 1628 HOH A O   1 
HETATM 1079 O O   . HOH C 3 .   ? -5.789  7.832   -10.607 1.00 44.16 ? 1629 HOH A O   1 
HETATM 1080 O O   . HOH C 3 .   ? 4.080   -11.875 7.120   1.00 32.40 ? 1630 HOH A O   1 
HETATM 1081 O O   . HOH C 3 .   ? 5.048   -10.148 -13.417 1.00 18.32 ? 1631 HOH A O   1 
HETATM 1082 O O   . HOH C 3 .   ? 0.338   6.156   3.101   1.00 17.01 ? 1632 HOH A O   1 
HETATM 1083 O O   . HOH C 3 .   ? -6.440  12.370  11.526  1.00 31.48 ? 1633 HOH A O   1 
HETATM 1084 O O   . HOH C 3 .   ? -13.816 6.987   11.140  1.00 19.06 ? 1634 HOH A O   1 
HETATM 1085 O O   . HOH C 3 .   ? -19.463 -1.212  -0.865  1.00 33.35 ? 1635 HOH A O   1 
HETATM 1086 O O   . HOH C 3 .   ? -3.860  4.830   19.673  1.00 37.18 ? 1636 HOH A O   1 
HETATM 1087 O O   . HOH C 3 .   ? -14.384 8.362   17.952  1.00 22.94 ? 1637 HOH A O   1 
HETATM 1088 O O   . HOH C 3 .   ? -14.515 -14.957 10.596  1.00 42.24 ? 1638 HOH A O   1 
HETATM 1089 O O   . HOH C 3 .   ? 2.945   -10.237 12.270  1.00 45.21 ? 1639 HOH A O   1 
HETATM 1090 O O   . HOH C 3 .   ? -7.060  -3.700  4.447   1.00 18.98 ? 1640 HOH A O   1 
HETATM 1091 O O   . HOH C 3 .   ? 6.305   9.187   0.346   1.00 18.44 ? 1641 HOH A O   1 
HETATM 1092 O O   . HOH C 3 .   ? -6.987  6.593   -0.597  1.00 17.22 ? 1642 HOH A O   1 
HETATM 1093 O O   . HOH C 3 .   ? -3.941  8.047   16.631  1.00 32.20 ? 1643 HOH A O   1 
HETATM 1094 O O   . HOH C 3 .   ? 4.186   5.983   -16.117 1.00 24.79 ? 1644 HOH A O   1 
HETATM 1095 O O   . HOH C 3 .   ? 8.639   -12.255 11.185  1.00 20.06 ? 1645 HOH A O   1 
HETATM 1096 O O   . HOH C 3 .   ? 14.546  15.041  -14.649 1.00 20.01 ? 1646 HOH A O   1 
HETATM 1097 O O   . HOH C 3 .   ? -18.450 5.886   3.903   1.00 64.21 ? 1647 HOH A O   1 
HETATM 1098 O O   . HOH C 3 .   ? 19.802  12.590  -12.641 1.00 32.87 ? 1648 HOH A O   1 
HETATM 1099 O O   . HOH C 3 .   ? -0.288  -12.078 -15.262 1.00 27.56 ? 1649 HOH A O   1 
HETATM 1100 O O   . HOH C 3 .   ? 15.752  5.613   -21.174 1.00 14.93 ? 1650 HOH A O   1 
HETATM 1101 O O   . HOH C 3 .   ? -10.643 4.929   1.655   1.00 17.82 ? 1651 HOH A O   1 
HETATM 1102 O O   . HOH C 3 .   ? -7.284  -6.016  5.678   1.00 15.16 ? 1652 HOH A O   1 
HETATM 1103 O O   . HOH C 3 .   ? 14.501  4.907   6.728   1.00 28.62 ? 1653 HOH A O   1 
HETATM 1104 O O   . HOH C 3 .   ? 14.574  7.319   -25.149 1.00 42.92 ? 1654 HOH A O   1 
HETATM 1105 O O   . HOH C 3 .   ? 12.320  14.939  -20.188 1.00 33.20 ? 1655 HOH A O   1 
HETATM 1106 O O   . HOH C 3 .   ? 15.607  6.320   -18.566 1.00 16.49 ? 1656 HOH A O   1 
HETATM 1107 O O   . HOH C 3 .   ? -9.904  -0.961  6.750   1.00 15.44 ? 1657 HOH A O   1 
HETATM 1108 O O   . HOH C 3 .   ? 8.314   -10.845 4.196   1.00 32.40 ? 1658 HOH A O   1 
HETATM 1109 O O   . HOH C 3 .   ? -17.499 -5.904  14.032  1.00 41.40 ? 1659 HOH A O   1 
HETATM 1110 O O   . HOH C 3 .   ? 1.193   8.024   9.456   1.00 23.87 ? 1660 HOH A O   1 
HETATM 1111 O O   . HOH C 3 .   ? 12.428  -4.303  -11.222 1.00 14.19 ? 1661 HOH A O   1 
HETATM 1112 O O   . HOH C 3 .   ? 8.853   10.906  -3.996  1.00 21.05 ? 1662 HOH A O   1 
HETATM 1113 O O   . HOH C 3 .   ? -2.249  5.345   18.931  1.00 34.23 ? 1663 HOH A O   1 
HETATM 1114 O O   . HOH C 3 .   ? -8.805  -1.808  16.543  1.00 17.77 ? 1664 HOH A O   1 
HETATM 1115 O O   . HOH C 3 .   ? 23.106  11.651  -16.075 1.00 47.99 ? 1665 HOH A O   1 
HETATM 1116 O O   . HOH C 3 .   ? 12.062  9.109   3.280   1.00 30.15 ? 1666 HOH A O   1 
HETATM 1117 O O   . HOH C 3 .   ? 12.684  -1.275  -1.744  1.00 26.48 ? 1667 HOH A O   1 
HETATM 1118 O O   . HOH C 3 .   ? -4.718  5.138   8.144   1.00 15.07 ? 1668 HOH A O   1 
HETATM 1119 O O   . HOH C 3 .   ? -5.648  5.875   -2.847  1.00 15.63 ? 1669 HOH A O   1 
HETATM 1120 O O   . HOH C 3 .   ? 1.442   -3.961  16.459  1.00 32.91 ? 1670 HOH A O   1 
HETATM 1121 O O   . HOH C 3 .   ? -7.459  8.741   -7.792  1.00 34.56 ? 1671 HOH A O   1 
HETATM 1122 O O   . HOH C 3 .   ? 15.192  -2.771  -8.903  1.00 24.69 ? 1672 HOH A O   1 
HETATM 1123 O O   . HOH C 3 .   ? 12.065  12.617  -9.381  1.00 17.20 ? 1673 HOH A O   1 
HETATM 1124 O O   . HOH C 3 .   ? 6.559   3.108   11.450  1.00 20.73 ? 1674 HOH A O   1 
HETATM 1125 O O   . HOH C 3 .   ? 10.044  -8.421  -10.799 1.00 31.68 ? 1675 HOH A O   1 
HETATM 1126 O O   . HOH C 3 .   ? 6.879   -10.328 12.335  1.00 28.23 ? 1676 HOH A O   1 
HETATM 1127 O O   . HOH C 3 .   ? 12.722  11.213  -3.011  1.00 21.04 ? 1677 HOH A O   1 
HETATM 1128 O O   . HOH C 3 .   ? 6.320   -11.451 15.052  1.00 23.57 ? 1678 HOH A O   1 
HETATM 1129 O O   . HOH C 3 .   ? -6.926  2.576   -5.848  1.00 29.33 ? 1679 HOH A O   1 
HETATM 1130 O O   . HOH C 3 .   ? -0.267  -12.540 -9.238  1.00 26.79 ? 1680 HOH A O   1 
HETATM 1131 O O   . HOH C 3 .   ? -1.561  7.937   6.369   1.00 27.29 ? 1681 HOH A O   1 
HETATM 1132 O O   . HOH C 3 .   ? -4.200  7.147   2.580   1.00 14.36 ? 1682 HOH A O   1 
HETATM 1133 O O   . HOH C 3 .   ? -0.056  7.554   -6.617  1.00 22.54 ? 1683 HOH A O   1 
HETATM 1134 O O   . HOH C 3 .   ? -5.817  -5.036  -8.233  1.00 30.29 ? 1684 HOH A O   1 
HETATM 1135 O O   . HOH C 3 .   ? 1.865   4.557   17.553  1.00 16.95 ? 1685 HOH A O   1 
HETATM 1136 O O   . HOH C 3 .   ? 8.335   11.292  -15.068 1.00 20.92 ? 1686 HOH A O   1 
HETATM 1137 O O   . HOH C 3 .   ? -12.904 2.583   -0.299  1.00 18.72 ? 1687 HOH A O   1 
HETATM 1138 O O   . HOH C 3 .   ? 2.365   10.562  -4.516  1.00 33.14 ? 1688 HOH A O   1 
HETATM 1139 O O   . HOH C 3 .   ? 12.242  3.382   -9.060  1.00 13.10 ? 1689 HOH A O   1 
HETATM 1140 O O   . HOH C 3 .   ? 15.309  3.963   -11.552 1.00 20.87 ? 1690 HOH A O   1 
HETATM 1141 O O   . HOH C 3 .   ? -10.053 7.882   5.030   1.00 21.11 ? 1691 HOH A O   1 
HETATM 1142 O O   . HOH C 3 .   ? 3.018   -5.009  -12.027 1.00 13.26 ? 1692 HOH A O   1 
HETATM 1143 O O   . HOH C 3 .   ? 12.729  6.714   0.169   1.00 21.89 ? 1693 HOH A O   1 
HETATM 1144 O O   . HOH C 3 .   ? 0.056   5.183   15.490  1.00 17.73 ? 1694 HOH A O   1 
HETATM 1145 O O   . HOH C 3 .   ? 6.939   8.916   6.714   1.00 24.19 ? 1695 HOH A O   1 
HETATM 1146 O O   . HOH C 3 .   ? -7.637  -1.286  5.457   1.00 18.33 ? 1696 HOH A O   1 
HETATM 1147 O O   . HOH C 3 .   ? 2.527   -6.053  17.536  1.00 38.14 ? 1697 HOH A O   1 
HETATM 1148 O O   . HOH C 3 .   ? 8.619   -8.363  -14.491 1.00 20.80 ? 1698 HOH A O   1 
HETATM 1149 O O   . HOH C 3 .   ? -3.985  1.857   -8.542  1.00 22.22 ? 1699 HOH A O   1 
HETATM 1150 O O   . HOH C 3 .   ? -3.843  -2.170  -11.417 1.00 27.59 ? 1700 HOH A O   1 
HETATM 1151 O O   . HOH C 3 .   ? 12.080  -9.663  10.225  1.00 41.50 ? 1701 HOH A O   1 
HETATM 1152 O O   . HOH C 3 .   ? 6.728   -8.978  -2.253  1.00 31.59 ? 1702 HOH A O   1 
HETATM 1153 O O   . HOH C 3 .   ? -10.177 -5.535  2.531   1.00 18.61 ? 1703 HOH A O   1 
HETATM 1154 O O   . HOH C 3 .   ? -10.530 8.899   19.991  1.00 48.69 ? 1704 HOH A O   1 
HETATM 1155 O O   . HOH C 3 .   ? 4.108   11.032  -2.880  1.00 26.16 ? 1705 HOH A O   1 
HETATM 1156 O O   . HOH C 3 .   ? 18.670  3.212   -12.335 1.00 28.62 ? 1706 HOH A O   1 
HETATM 1157 O O   . HOH C 3 .   ? -4.550  -8.882  -8.327  1.00 40.42 ? 1707 HOH A O   1 
HETATM 1158 O O   . HOH C 3 .   ? 5.088   0.102   11.189  1.00 24.30 ? 1708 HOH A O   1 
HETATM 1159 O O   . HOH C 3 .   ? 5.155   2.135   -19.252 0.50 29.24 ? 1709 HOH A O   1 
HETATM 1160 O O   . HOH C 3 .   ? 3.169   -13.889 -12.356 1.00 42.01 ? 1710 HOH A O   1 
HETATM 1161 O O   . HOH C 3 .   ? 2.088   8.559   6.740   1.00 22.45 ? 1711 HOH A O   1 
HETATM 1162 O O   . HOH C 3 .   ? 14.493  3.852   -5.266  1.00 28.85 ? 1712 HOH A O   1 
HETATM 1163 O O   . HOH C 3 .   ? 0.064   -13.463 8.468   1.00 33.07 ? 1713 HOH A O   1 
HETATM 1164 O O   . HOH C 3 .   ? -7.789  -0.417  -6.870  1.00 31.33 ? 1714 HOH A O   1 
HETATM 1165 O O   . HOH C 3 .   ? 12.794  -7.091  1.561   1.00 29.96 ? 1715 HOH A O   1 
HETATM 1166 O O   . HOH C 3 .   ? 12.036  2.585   -11.765 1.00 13.96 ? 1716 HOH A O   1 
HETATM 1167 O O   . HOH C 3 .   ? 15.864  12.851  -15.581 1.00 15.39 ? 1717 HOH A O   1 
HETATM 1168 O O   . HOH C 3 .   ? -5.738  -11.176 -2.252  1.00 37.15 ? 1718 HOH A O   1 
HETATM 1169 O O   . HOH C 3 .   ? 10.301  -5.236  8.250   1.00 39.10 ? 1719 HOH A O   1 
HETATM 1170 O O   . HOH C 3 .   ? -5.059  -4.066  -6.959  1.00 33.35 ? 1720 HOH A O   1 
HETATM 1171 O O   . HOH C 3 .   ? 7.929   13.796  -14.140 1.00 22.08 ? 1721 HOH A O   1 
HETATM 1172 O O   . HOH C 3 .   ? -5.280  10.369  13.080  1.00 30.27 ? 1722 HOH A O   1 
HETATM 1173 O O   . HOH C 3 .   ? 12.251  -12.700 6.166   1.00 17.70 ? 1723 HOH A O   1 
HETATM 1174 O O   . HOH C 3 .   ? 14.800  -3.124  -13.457 1.00 19.82 ? 1724 HOH A O   1 
HETATM 1175 O O   . HOH C 3 .   ? 16.047  3.193   -9.047  1.00 21.05 ? 1725 HOH A O   1 
HETATM 1176 O O   . HOH C 3 .   ? -10.463 8.558   11.650  1.00 29.25 ? 1726 HOH A O   1 
HETATM 1177 O O   . HOH C 3 .   ? 13.580  9.641   -0.457  1.00 30.15 ? 1727 HOH A O   1 
HETATM 1178 O O   . HOH C 3 .   ? 4.284   -13.539 2.638   1.00 30.52 ? 1728 HOH A O   1 
HETATM 1179 O O   . HOH C 3 .   ? -14.451 -11.513 3.788   1.00 54.84 ? 1729 HOH A O   1 
HETATM 1180 O O   . HOH C 3 .   ? 8.494   -0.241  -18.855 1.00 23.54 ? 1730 HOH A O   1 
HETATM 1181 O O   . HOH C 3 .   ? -0.678  -7.372  20.349  1.00 29.60 ? 1731 HOH A O   1 
HETATM 1182 O O   . HOH C 3 .   ? 8.188   -1.190  -15.704 1.00 23.35 ? 1732 HOH A O   1 
HETATM 1183 O O   . HOH C 3 .   ? 7.636   -5.954  13.469  1.00 30.74 ? 1733 HOH A O   1 
HETATM 1184 O O   . HOH C 3 .   ? -17.789 -0.493  -4.693  1.00 38.83 ? 1734 HOH A O   1 
HETATM 1185 O O   . HOH C 3 .   ? -9.059  -6.164  0.179   1.00 17.18 ? 1735 HOH A O   1 
HETATM 1186 O O   . HOH C 3 .   ? 9.250   -3.235  -14.179 1.00 16.73 ? 1736 HOH A O   1 
HETATM 1187 O O   . HOH C 3 .   ? 16.838  6.340   -11.719 1.00 50.94 ? 1737 HOH A O   1 
HETATM 1188 O O   . HOH C 3 .   ? -11.165 5.219   22.036  1.00 45.23 ? 1738 HOH A O   1 
HETATM 1189 O O   . HOH C 3 .   ? 1.300   -2.002  18.969  1.00 32.06 ? 1739 HOH A O   1 
HETATM 1190 O O   . HOH C 3 .   ? -14.619 -13.689 17.028  1.00 34.87 ? 1740 HOH A O   1 
HETATM 1191 O O   . HOH C 3 .   ? -12.738 -6.885  2.565   1.00 24.63 ? 1741 HOH A O   1 
HETATM 1192 O O   . HOH C 3 .   ? 0.930   -12.399 0.073   1.00 36.87 ? 1742 HOH A O   1 
HETATM 1193 O O   . HOH C 3 .   ? 6.719   -10.397 -4.512  1.00 39.33 ? 1743 HOH A O   1 
HETATM 1194 O O   . HOH C 3 .   ? 4.750   -10.798 11.551  1.00 34.21 ? 1744 HOH A O   1 
HETATM 1195 O O   . HOH C 3 .   ? -12.187 9.456   16.962  1.00 31.07 ? 1745 HOH A O   1 
HETATM 1196 O O   . HOH C 3 .   ? -4.288  9.949   8.637   1.00 27.40 ? 1746 HOH A O   1 
HETATM 1197 O O   . HOH C 3 .   ? -3.484  -11.661 8.280   1.00 42.42 ? 1747 HOH A O   1 
HETATM 1198 O O   . HOH C 3 .   ? -3.969  -9.126  -10.664 1.00 54.51 ? 1748 HOH A O   1 
HETATM 1199 O O   . HOH C 3 .   ? 1.666   -5.556  20.749  1.00 42.55 ? 1749 HOH A O   1 
HETATM 1200 O O   . HOH C 3 .   ? 0.075   -12.058 -2.489  1.00 31.88 ? 1750 HOH A O   1 
HETATM 1201 O O   . HOH C 3 .   ? 0.746   -7.106  17.097  1.00 31.84 ? 1751 HOH A O   1 
HETATM 1202 O O   . HOH C 3 .   ? 2.282   10.845  -8.694  1.00 34.08 ? 1752 HOH A O   1 
HETATM 1203 O O   . HOH C 3 .   ? -12.387 -14.718 12.221  1.00 47.55 ? 1753 HOH A O   1 
HETATM 1204 O O   . HOH C 3 .   ? -14.854 6.920   0.301   1.00 49.24 ? 1754 HOH A O   1 
HETATM 1205 O O   . HOH C 3 .   ? 8.398   1.153   -17.164 1.00 39.95 ? 1755 HOH A O   1 
HETATM 1206 O O   . HOH C 3 .   ? -1.537  6.280   -10.285 1.00 33.77 ? 1756 HOH A O   1 
HETATM 1207 O O   . HOH C 3 .   ? -13.739 7.558   20.497  1.00 33.85 ? 1757 HOH A O   1 
HETATM 1208 O O   . HOH C 3 .   ? -16.593 6.620   5.002   1.00 47.71 ? 1758 HOH A O   1 
HETATM 1209 O O   . HOH C 3 .   ? -5.439  7.895   4.935   1.00 16.26 ? 1759 HOH A O   1 
HETATM 1210 O O   . HOH C 3 .   ? 16.288  13.954  -18.155 1.00 16.78 ? 1760 HOH A O   1 
HETATM 1211 O O   . HOH C 3 .   ? 8.133   11.420  -17.727 1.00 35.29 ? 1761 HOH A O   1 
HETATM 1212 O O   . HOH C 3 .   ? -1.702  6.766   16.719  1.00 24.33 ? 1762 HOH A O   1 
HETATM 1213 O O   . HOH C 3 .   ? 5.545   -3.407  15.351  1.00 34.75 ? 1763 HOH A O   1 
HETATM 1214 O O   . HOH C 3 .   ? 4.689   -13.049 9.571   1.00 28.82 ? 1764 HOH A O   1 
HETATM 1215 O O   . HOH C 3 .   ? 0.004   -13.054 4.700   1.00 45.93 ? 1765 HOH A O   1 
HETATM 1216 O O   . HOH C 3 .   ? -24.208 2.647   4.618   1.00 45.25 ? 1766 HOH A O   1 
HETATM 1217 O O   . HOH C 3 .   ? 2.703   -14.701 9.787   1.00 31.14 ? 1767 HOH A O   1 
HETATM 1218 O O   . HOH C 3 .   ? -11.821 9.214   6.870   1.00 29.02 ? 1768 HOH A O   1 
HETATM 1219 O O   . HOH C 3 .   ? -15.505 7.683   -4.251  1.00 39.34 ? 1769 HOH A O   1 
HETATM 1220 O O   . HOH C 3 .   ? 13.893  16.756  -16.367 1.00 27.91 ? 1770 HOH A O   1 
HETATM 1221 O O   . HOH C 3 .   ? 14.639  16.040  -19.340 1.00 35.04 ? 1771 HOH A O   1 
HETATM 1222 O O   . HOH C 3 .   ? -1.671  7.928   3.118   1.00 20.75 ? 1772 HOH A O   1 
HETATM 1223 O O   . HOH C 3 .   ? -9.034  7.632   -5.674  1.00 33.42 ? 1773 HOH A O   1 
HETATM 1224 O O   . HOH C 3 .   ? -10.770 -7.491  -1.550  1.00 30.45 ? 1774 HOH A O   1 
HETATM 1225 O O   . HOH C 3 .   ? 2.301   8.757   -6.451  1.00 28.10 ? 1775 HOH A O   1 
HETATM 1226 O O   . HOH C 3 .   ? 12.330  -12.266 2.158   1.00 36.16 ? 1776 HOH A O   1 
HETATM 1227 O O   . HOH C 3 .   ? 6.712   10.559  -2.043  1.00 18.95 ? 1777 HOH A O   1 
HETATM 1228 O O   . HOH C 3 .   ? 1.562   7.275   14.136  1.00 29.76 ? 1778 HOH A O   1 
HETATM 1229 O O   . HOH C 3 .   ? 11.407  -6.675  -12.152 1.00 21.85 ? 1779 HOH A O   1 
HETATM 1230 O O   . HOH C 3 .   ? 15.273  -4.409  -10.941 1.00 28.30 ? 1780 HOH A O   1 
HETATM 1231 O O   . HOH C 3 .   ? -4.001  7.599   7.304   1.00 15.78 ? 1781 HOH A O   1 
HETATM 1232 O O   . HOH C 3 .   ? -7.788  5.245   -4.513  1.00 25.55 ? 1782 HOH A O   1 
HETATM 1233 O O   . HOH C 3 .   ? -26.322 1.044   5.219   1.00 39.27 ? 1783 HOH A O   1 
HETATM 1234 O O   . HOH C 3 .   ? 8.888   13.762  -19.161 1.00 38.80 ? 1784 HOH A O   1 
HETATM 1235 O O   . HOH C 3 .   ? -13.274 -7.885  0.377   1.00 45.04 ? 1785 HOH A O   1 
HETATM 1236 O O   . HOH C 3 .   ? -2.470  11.080  10.229  1.00 36.27 ? 1786 HOH A O   1 
HETATM 1237 O O   . HOH C 3 .   ? -7.725  -4.874  -7.214  1.00 40.59 ? 1787 HOH A O   1 
HETATM 1238 O O   . HOH C 3 .   ? 10.460  -5.779  -15.228 0.50 12.56 ? 1788 HOH A O   1 
HETATM 1239 O O   . HOH C 3 .   ? 11.463  18.032  -16.900 1.00 38.35 ? 1789 HOH A O   1 
HETATM 1240 O O   . HOH C 3 .   ? 4.047   10.045  6.289   1.00 31.77 ? 1790 HOH A O   1 
HETATM 1241 O O   . HOH C 3 .   ? 4.194   8.615   -15.871 1.00 25.71 ? 1791 HOH A O   1 
HETATM 1242 O O   . HOH C 3 .   ? 7.755   15.467  -16.108 1.00 38.52 ? 1792 HOH A O   1 
HETATM 1243 O O   . HOH C 3 .   ? 0.113   10.043  10.583  1.00 39.49 ? 1793 HOH A O   1 
HETATM 1244 O O   . HOH C 3 .   ? 6.043   9.686   -14.132 1.00 25.55 ? 1794 HOH A O   1 
# 
